data_2N5D
#
_entry.id   2N5D
#
_entity_poly.entity_id   1
_entity_poly.type   'polypeptide(L)'
_entity_poly.pdbx_seq_one_letter_code
;GPGSYTGAGEPSQADLDALLSAVRDNRLSIEQAVTLLTPRRGGGSGGGSMDAKEILTRFKDGGLDRAAAQALLAGRTPAA
APRP
;
_entity_poly.pdbx_strand_id   A
#
# COMPACT_ATOMS: atom_id res chain seq x y z
N GLY A 1 -8.99 5.30 -18.24
CA GLY A 1 -7.79 4.52 -17.90
C GLY A 1 -6.60 4.89 -18.77
N PRO A 2 -5.42 4.28 -18.52
CA PRO A 2 -4.16 4.63 -19.18
C PRO A 2 -4.07 4.09 -20.62
N GLY A 3 -3.50 4.90 -21.51
CA GLY A 3 -3.21 4.54 -22.91
C GLY A 3 -4.44 4.16 -23.75
N SER A 4 -4.20 3.52 -24.90
CA SER A 4 -5.24 3.00 -25.81
C SER A 4 -5.87 1.68 -25.31
N TYR A 5 -5.19 0.98 -24.40
CA TYR A 5 -5.60 -0.32 -23.85
C TYR A 5 -6.61 -0.19 -22.69
N THR A 6 -6.45 0.84 -21.84
CA THR A 6 -7.31 1.20 -20.69
C THR A 6 -7.70 0.02 -19.77
N GLY A 7 -8.74 0.15 -18.96
CA GLY A 7 -9.30 -0.91 -18.12
C GLY A 7 -8.46 -1.29 -16.88
N ALA A 8 -7.54 -0.43 -16.44
CA ALA A 8 -6.62 -0.71 -15.32
C ALA A 8 -7.31 -0.78 -13.94
N GLY A 9 -8.48 -0.16 -13.78
CA GLY A 9 -9.31 -0.23 -12.56
C GLY A 9 -8.66 0.37 -11.31
N GLU A 10 -8.94 -0.24 -10.15
CA GLU A 10 -8.39 0.12 -8.83
C GLU A 10 -7.47 -1.01 -8.29
N PRO A 11 -6.48 -0.71 -7.45
CA PRO A 11 -5.58 -1.71 -6.86
C PRO A 11 -6.34 -2.69 -5.94
N SER A 12 -5.95 -3.97 -5.99
CA SER A 12 -6.59 -5.06 -5.25
C SER A 12 -5.77 -5.52 -4.04
N GLN A 13 -6.46 -6.10 -3.04
CA GLN A 13 -5.82 -6.89 -1.98
C GLN A 13 -4.96 -8.05 -2.53
N ALA A 14 -5.28 -8.57 -3.72
CA ALA A 14 -4.50 -9.60 -4.39
C ALA A 14 -3.12 -9.12 -4.88
N ASP A 15 -2.93 -7.81 -5.07
CA ASP A 15 -1.65 -7.18 -5.39
C ASP A 15 -0.86 -6.81 -4.11
N LEU A 16 -1.58 -6.28 -3.13
CA LEU A 16 -1.02 -5.75 -1.87
C LEU A 16 -0.59 -6.87 -0.92
N ASP A 17 -1.42 -7.87 -0.69
CA ASP A 17 -1.17 -8.95 0.27
C ASP A 17 0.05 -9.80 -0.12
N ALA A 18 0.27 -9.98 -1.42
CA ALA A 18 1.44 -10.68 -1.98
C ALA A 18 2.77 -9.93 -1.71
N LEU A 19 2.73 -8.60 -1.78
CA LEU A 19 3.87 -7.71 -1.55
C LEU A 19 4.15 -7.53 -0.05
N LEU A 20 3.10 -7.36 0.76
CA LEU A 20 3.18 -7.14 2.20
C LEU A 20 3.73 -8.35 2.97
N SER A 21 3.41 -9.58 2.56
CA SER A 21 4.01 -10.79 3.15
C SER A 21 5.53 -10.84 2.95
N ALA A 22 6.03 -10.36 1.80
CA ALA A 22 7.46 -10.39 1.52
C ALA A 22 8.22 -9.37 2.39
N VAL A 23 7.63 -8.22 2.74
CA VAL A 23 8.29 -7.24 3.64
C VAL A 23 8.08 -7.58 5.12
N ARG A 24 6.94 -8.19 5.47
CA ARG A 24 6.68 -8.73 6.82
C ARG A 24 7.64 -9.86 7.21
N ASP A 25 8.04 -10.69 6.24
CA ASP A 25 9.04 -11.76 6.40
C ASP A 25 10.49 -11.29 6.13
N ASN A 26 10.72 -9.98 5.97
CA ASN A 26 12.02 -9.35 5.73
C ASN A 26 12.77 -9.85 4.47
N ARG A 27 12.02 -10.32 3.46
CA ARG A 27 12.53 -10.61 2.11
C ARG A 27 12.58 -9.35 1.24
N LEU A 28 11.71 -8.36 1.49
CA LEU A 28 11.50 -7.17 0.69
C LEU A 28 11.79 -5.91 1.53
N SER A 29 12.44 -4.89 0.96
CA SER A 29 12.77 -3.62 1.65
C SER A 29 11.58 -2.65 1.68
N ILE A 30 11.58 -1.73 2.65
CA ILE A 30 10.68 -0.57 2.71
C ILE A 30 10.77 0.26 1.41
N GLU A 31 11.99 0.54 0.92
CA GLU A 31 12.20 1.36 -0.29
C GLU A 31 11.75 0.63 -1.56
N GLN A 32 11.96 -0.69 -1.62
CA GLN A 32 11.54 -1.54 -2.72
C GLN A 32 10.01 -1.68 -2.75
N ALA A 33 9.36 -1.86 -1.60
CA ALA A 33 7.90 -1.96 -1.51
C ALA A 33 7.19 -0.65 -1.90
N VAL A 34 7.85 0.50 -1.79
CA VAL A 34 7.38 1.81 -2.30
C VAL A 34 7.57 1.91 -3.82
N THR A 35 8.71 1.44 -4.36
CA THR A 35 8.97 1.56 -5.82
C THR A 35 8.18 0.57 -6.67
N LEU A 36 7.84 -0.61 -6.13
CA LEU A 36 7.00 -1.62 -6.79
C LEU A 36 5.49 -1.33 -6.72
N LEU A 37 5.05 -0.44 -5.83
CA LEU A 37 3.65 -0.05 -5.62
C LEU A 37 3.09 0.81 -6.76
N THR A 38 3.91 1.77 -7.26
CA THR A 38 3.45 3.01 -7.91
C THR A 38 2.48 3.79 -6.99
N PRO A 39 3.02 4.57 -6.02
CA PRO A 39 2.23 5.19 -4.94
C PRO A 39 1.11 6.12 -5.42
N ARG A 40 -0.01 6.14 -4.68
CA ARG A 40 -1.08 7.15 -4.80
C ARG A 40 -0.69 8.44 -4.05
N ARG A 41 -1.24 9.59 -4.48
CA ARG A 41 -1.03 10.90 -3.80
C ARG A 41 -1.69 10.97 -2.42
N GLY A 42 -2.80 10.24 -2.23
CA GLY A 42 -3.58 10.23 -0.98
C GLY A 42 -5.00 9.67 -1.16
N GLY A 43 -5.79 9.75 -0.09
CA GLY A 43 -7.20 9.31 -0.06
C GLY A 43 -7.71 9.04 1.36
N GLY A 44 -8.85 8.35 1.46
CA GLY A 44 -9.48 7.98 2.74
C GLY A 44 -9.99 9.18 3.55
N SER A 45 -9.69 9.19 4.84
CA SER A 45 -10.10 10.21 5.82
C SER A 45 -8.95 10.55 6.79
N GLY A 46 -9.09 11.63 7.55
CA GLY A 46 -8.01 12.24 8.36
C GLY A 46 -6.96 12.95 7.48
N GLY A 47 -5.68 12.87 7.85
CA GLY A 47 -4.58 13.41 7.06
C GLY A 47 -4.37 12.63 5.76
N GLY A 48 -4.75 13.23 4.62
CA GLY A 48 -4.79 12.57 3.31
C GLY A 48 -3.41 12.24 2.71
N SER A 49 -2.36 12.97 3.10
CA SER A 49 -0.97 12.81 2.63
C SER A 49 -0.21 11.67 3.35
N MET A 50 -0.87 10.52 3.54
CA MET A 50 -0.27 9.32 4.14
C MET A 50 0.50 8.54 3.05
N ASP A 51 1.82 8.74 3.00
CA ASP A 51 2.70 8.19 1.98
C ASP A 51 3.05 6.71 2.20
N ALA A 52 3.31 5.98 1.12
CA ALA A 52 3.66 4.55 1.15
C ALA A 52 4.88 4.24 2.03
N LYS A 53 5.88 5.14 2.06
CA LYS A 53 7.06 5.04 2.93
C LYS A 53 6.65 4.94 4.41
N GLU A 54 5.81 5.86 4.87
CA GLU A 54 5.33 5.89 6.25
C GLU A 54 4.45 4.67 6.56
N ILE A 55 3.60 4.25 5.61
CA ILE A 55 2.74 3.07 5.75
C ILE A 55 3.56 1.79 5.93
N LEU A 56 4.56 1.54 5.06
CA LEU A 56 5.44 0.38 5.18
C LEU A 56 6.30 0.45 6.44
N THR A 57 6.82 1.62 6.82
CA THR A 57 7.63 1.79 8.03
C THR A 57 6.84 1.40 9.29
N ARG A 58 5.59 1.87 9.42
CA ARG A 58 4.72 1.50 10.56
C ARG A 58 4.23 0.05 10.50
N PHE A 59 3.90 -0.47 9.32
CA PHE A 59 3.49 -1.86 9.14
C PHE A 59 4.60 -2.83 9.54
N LYS A 60 5.85 -2.58 9.12
CA LYS A 60 6.98 -3.45 9.43
C LYS A 60 7.40 -3.39 10.90
N ASP A 61 7.31 -2.21 11.52
CA ASP A 61 7.53 -2.01 12.97
C ASP A 61 6.40 -2.58 13.85
N GLY A 62 5.23 -2.90 13.28
CA GLY A 62 4.05 -3.39 13.98
C GLY A 62 3.17 -2.30 14.60
N GLY A 63 3.42 -1.03 14.26
CA GLY A 63 2.60 0.14 14.65
C GLY A 63 1.36 0.37 13.77
N LEU A 64 1.19 -0.41 12.69
CA LEU A 64 0.05 -0.37 11.77
C LEU A 64 -0.47 -1.79 11.49
N ASP A 65 -1.78 -1.98 11.48
CA ASP A 65 -2.43 -3.26 11.15
C ASP A 65 -2.36 -3.57 9.63
N ARG A 66 -2.41 -4.85 9.26
CA ARG A 66 -2.37 -5.29 7.85
C ARG A 66 -3.57 -4.75 7.05
N ALA A 67 -4.74 -4.70 7.66
CA ALA A 67 -5.96 -4.10 7.07
C ALA A 67 -5.79 -2.60 6.81
N ALA A 68 -5.22 -1.86 7.76
CA ALA A 68 -4.94 -0.43 7.61
C ALA A 68 -3.84 -0.17 6.57
N ALA A 69 -2.79 -0.99 6.53
CA ALA A 69 -1.74 -0.90 5.51
C ALA A 69 -2.32 -1.07 4.10
N GLN A 70 -3.13 -2.11 3.87
CA GLN A 70 -3.79 -2.34 2.59
C GLN A 70 -4.76 -1.20 2.20
N ALA A 71 -5.55 -0.70 3.17
CA ALA A 71 -6.48 0.41 2.94
C ALA A 71 -5.76 1.70 2.50
N LEU A 72 -4.74 2.11 3.26
CA LEU A 72 -4.01 3.35 3.03
C LEU A 72 -3.12 3.31 1.78
N LEU A 73 -2.58 2.14 1.40
CA LEU A 73 -1.88 1.95 0.12
C LEU A 73 -2.84 1.99 -1.09
N ALA A 74 -4.06 1.46 -0.94
CA ALA A 74 -5.12 1.54 -1.95
C ALA A 74 -5.78 2.93 -2.06
N GLY A 75 -5.60 3.81 -1.07
CA GLY A 75 -6.16 5.17 -1.04
C GLY A 75 -7.58 5.27 -0.46
N ARG A 76 -7.94 4.39 0.48
CA ARG A 76 -9.24 4.34 1.19
C ARG A 76 -9.09 4.20 2.70
N THR A 77 -10.19 4.27 3.45
CA THR A 77 -10.26 3.95 4.90
C THR A 77 -10.37 2.44 5.17
N PRO A 78 -9.76 1.93 6.25
CA PRO A 78 -10.00 0.56 6.73
C PRO A 78 -11.39 0.42 7.39
N ALA A 79 -11.87 -0.82 7.55
CA ALA A 79 -13.17 -1.15 8.13
C ALA A 79 -13.13 -2.36 9.08
N ALA A 80 -14.07 -2.40 10.02
CA ALA A 80 -14.28 -3.48 11.00
C ALA A 80 -15.77 -3.60 11.39
N ALA A 81 -16.16 -4.74 11.99
CA ALA A 81 -17.52 -4.96 12.47
C ALA A 81 -17.83 -4.12 13.75
N PRO A 82 -18.86 -3.24 13.75
CA PRO A 82 -19.16 -2.33 14.86
C PRO A 82 -19.96 -3.04 15.97
N ARG A 83 -19.25 -3.89 16.73
CA ARG A 83 -19.79 -4.70 17.85
C ARG A 83 -20.01 -3.87 19.12
N PRO A 84 -20.98 -4.22 19.98
CA PRO A 84 -21.27 -3.51 21.23
C PRO A 84 -20.14 -3.66 22.29
N GLY A 1 -9.76 9.55 -19.75
CA GLY A 1 -9.35 10.86 -19.20
C GLY A 1 -8.13 11.41 -19.95
N PRO A 2 -8.19 12.66 -20.47
CA PRO A 2 -7.12 13.26 -21.26
C PRO A 2 -5.90 13.67 -20.42
N GLY A 3 -4.74 13.81 -21.08
CA GLY A 3 -3.50 14.30 -20.47
C GLY A 3 -2.97 13.42 -19.33
N SER A 4 -2.41 14.06 -18.30
CA SER A 4 -1.78 13.41 -17.13
C SER A 4 -2.76 13.08 -15.99
N TYR A 5 -4.08 13.14 -16.23
CA TYR A 5 -5.11 12.85 -15.24
C TYR A 5 -5.07 11.38 -14.75
N THR A 6 -5.30 11.17 -13.44
CA THR A 6 -5.03 9.89 -12.76
C THR A 6 -6.21 8.89 -12.82
N GLY A 7 -7.43 9.33 -13.12
CA GLY A 7 -8.64 8.49 -13.11
C GLY A 7 -9.03 7.94 -11.71
N ALA A 8 -8.43 8.48 -10.64
CA ALA A 8 -8.55 7.98 -9.26
C ALA A 8 -8.23 6.47 -9.08
N GLY A 9 -7.34 5.92 -9.92
CA GLY A 9 -6.95 4.50 -9.90
C GLY A 9 -6.17 4.09 -8.64
N GLU A 10 -6.25 2.80 -8.27
CA GLU A 10 -5.68 2.22 -7.04
C GLU A 10 -5.04 0.83 -7.28
N PRO A 11 -4.09 0.38 -6.42
CA PRO A 11 -3.51 -0.98 -6.47
C PRO A 11 -4.54 -2.10 -6.23
N SER A 12 -4.26 -3.29 -6.76
CA SER A 12 -5.05 -4.50 -6.49
C SER A 12 -4.74 -5.11 -5.12
N GLN A 13 -5.76 -5.61 -4.41
CA GLN A 13 -5.60 -6.38 -3.18
C GLN A 13 -4.72 -7.63 -3.37
N ALA A 14 -4.69 -8.21 -4.58
CA ALA A 14 -3.87 -9.37 -4.91
C ALA A 14 -2.38 -9.02 -5.05
N ASP A 15 -2.05 -7.78 -5.43
CA ASP A 15 -0.68 -7.26 -5.45
C ASP A 15 -0.21 -6.83 -4.06
N LEU A 16 -1.10 -6.18 -3.30
CA LEU A 16 -0.85 -5.71 -1.94
C LEU A 16 -0.58 -6.88 -0.98
N ASP A 17 -1.47 -7.86 -0.91
CA ASP A 17 -1.34 -8.99 0.03
C ASP A 17 -0.09 -9.85 -0.23
N ALA A 18 0.30 -10.00 -1.50
CA ALA A 18 1.52 -10.71 -1.90
C ALA A 18 2.80 -9.95 -1.52
N LEU A 19 2.78 -8.62 -1.64
CA LEU A 19 3.89 -7.74 -1.28
C LEU A 19 4.08 -7.71 0.24
N LEU A 20 3.00 -7.45 0.99
CA LEU A 20 3.02 -7.21 2.43
C LEU A 20 3.56 -8.41 3.21
N SER A 21 3.22 -9.64 2.80
CA SER A 21 3.74 -10.88 3.42
C SER A 21 5.27 -11.01 3.34
N ALA A 22 5.91 -10.42 2.33
CA ALA A 22 7.36 -10.42 2.20
C ALA A 22 8.03 -9.31 3.02
N VAL A 23 7.43 -8.12 3.17
CA VAL A 23 8.03 -7.02 3.96
C VAL A 23 7.83 -7.20 5.47
N ARG A 24 6.68 -7.72 5.90
CA ARG A 24 6.40 -8.10 7.31
C ARG A 24 7.36 -9.17 7.84
N ASP A 25 7.88 -10.02 6.95
CA ASP A 25 8.78 -11.15 7.23
C ASP A 25 10.27 -10.84 6.90
N ASN A 26 10.62 -9.56 6.72
CA ASN A 26 11.98 -9.06 6.45
C ASN A 26 12.61 -9.60 5.13
N ARG A 27 11.79 -10.08 4.20
CA ARG A 27 12.21 -10.56 2.86
C ARG A 27 12.18 -9.47 1.78
N LEU A 28 11.46 -8.37 2.01
CA LEU A 28 11.35 -7.20 1.11
C LEU A 28 11.60 -5.90 1.92
N SER A 29 12.35 -4.95 1.36
CA SER A 29 12.70 -3.68 2.04
C SER A 29 11.60 -2.61 1.90
N ILE A 30 11.59 -1.62 2.80
CA ILE A 30 10.62 -0.49 2.81
C ILE A 30 10.58 0.20 1.44
N GLU A 31 11.73 0.61 0.91
CA GLU A 31 11.78 1.42 -0.32
C GLU A 31 11.61 0.57 -1.58
N GLN A 32 11.97 -0.72 -1.52
CA GLN A 32 11.66 -1.68 -2.56
C GLN A 32 10.15 -1.97 -2.61
N ALA A 33 9.46 -2.03 -1.47
CA ALA A 33 8.01 -2.19 -1.44
C ALA A 33 7.27 -0.96 -2.01
N VAL A 34 7.81 0.25 -1.85
CA VAL A 34 7.27 1.46 -2.47
C VAL A 34 7.51 1.46 -3.99
N THR A 35 8.67 0.98 -4.46
CA THR A 35 8.99 0.95 -5.90
C THR A 35 8.26 -0.17 -6.67
N LEU A 36 7.84 -1.24 -5.97
CA LEU A 36 7.02 -2.33 -6.54
C LEU A 36 5.50 -2.07 -6.42
N LEU A 37 5.08 -1.26 -5.46
CA LEU A 37 3.67 -0.83 -5.28
C LEU A 37 3.19 0.07 -6.45
N THR A 38 4.03 1.02 -6.87
CA THR A 38 3.78 2.01 -7.93
C THR A 38 2.43 2.75 -7.83
N PRO A 39 2.27 3.69 -6.87
CA PRO A 39 1.15 4.64 -6.88
C PRO A 39 1.24 5.62 -8.07
N ARG A 40 0.15 6.37 -8.33
CA ARG A 40 0.03 7.21 -9.54
C ARG A 40 0.87 8.50 -9.54
N ARG A 41 1.24 9.03 -8.37
CA ARG A 41 2.11 10.23 -8.16
C ARG A 41 1.70 11.43 -9.04
N GLY A 42 0.41 11.75 -9.09
CA GLY A 42 -0.13 12.95 -9.74
C GLY A 42 0.25 14.25 -9.03
N GLY A 43 0.07 15.39 -9.72
CA GLY A 43 0.46 16.73 -9.22
C GLY A 43 -0.31 17.22 -7.98
N GLY A 44 -1.46 16.61 -7.65
CA GLY A 44 -2.30 16.92 -6.48
C GLY A 44 -3.14 15.74 -5.97
N SER A 45 -2.77 14.50 -6.31
CA SER A 45 -3.54 13.29 -5.97
C SER A 45 -3.21 12.68 -4.59
N GLY A 46 -2.14 13.14 -3.92
CA GLY A 46 -1.64 12.60 -2.67
C GLY A 46 -0.41 13.32 -2.13
N GLY A 47 0.46 12.57 -1.43
CA GLY A 47 1.66 13.09 -0.75
C GLY A 47 1.39 13.63 0.67
N GLY A 48 2.44 14.05 1.36
CA GLY A 48 2.39 14.44 2.77
C GLY A 48 2.20 13.22 3.70
N SER A 49 1.32 13.35 4.69
CA SER A 49 0.97 12.27 5.64
C SER A 49 0.37 11.04 4.95
N MET A 50 0.69 9.83 5.46
CA MET A 50 0.29 8.53 4.89
C MET A 50 0.63 8.39 3.39
N ASP A 51 1.86 8.76 3.03
CA ASP A 51 2.53 8.24 1.83
C ASP A 51 2.99 6.78 2.06
N ALA A 52 3.21 6.00 1.01
CA ALA A 52 3.57 4.59 1.09
C ALA A 52 4.83 4.33 1.94
N LYS A 53 5.83 5.23 1.86
CA LYS A 53 7.06 5.21 2.67
C LYS A 53 6.78 5.21 4.19
N GLU A 54 5.84 6.05 4.64
CA GLU A 54 5.42 6.12 6.04
C GLU A 54 4.61 4.89 6.44
N ILE A 55 3.71 4.43 5.55
CA ILE A 55 2.81 3.29 5.80
C ILE A 55 3.60 1.98 5.96
N LEU A 56 4.55 1.70 5.06
CA LEU A 56 5.40 0.51 5.15
C LEU A 56 6.28 0.53 6.42
N THR A 57 6.76 1.70 6.83
CA THR A 57 7.57 1.85 8.05
C THR A 57 6.77 1.45 9.29
N ARG A 58 5.51 1.88 9.42
CA ARG A 58 4.61 1.47 10.51
C ARG A 58 4.22 -0.01 10.44
N PHE A 59 4.00 -0.54 9.23
CA PHE A 59 3.64 -1.94 9.02
C PHE A 59 4.79 -2.91 9.30
N LYS A 60 6.03 -2.57 8.93
CA LYS A 60 7.21 -3.39 9.20
C LYS A 60 7.64 -3.38 10.66
N ASP A 61 7.45 -2.24 11.34
CA ASP A 61 7.66 -2.10 12.79
C ASP A 61 6.58 -2.81 13.63
N GLY A 62 5.48 -3.26 13.01
CA GLY A 62 4.35 -3.92 13.66
C GLY A 62 3.36 -2.97 14.35
N GLY A 63 3.50 -1.66 14.17
CA GLY A 63 2.59 -0.62 14.68
C GLY A 63 1.30 -0.45 13.85
N LEU A 64 1.26 -1.04 12.64
CA LEU A 64 0.10 -1.07 11.74
C LEU A 64 -0.33 -2.52 11.43
N ASP A 65 -1.63 -2.75 11.31
CA ASP A 65 -2.21 -4.04 10.89
C ASP A 65 -2.34 -4.14 9.37
N ARG A 66 -2.41 -5.38 8.82
CA ARG A 66 -2.50 -5.60 7.37
C ARG A 66 -3.73 -4.95 6.73
N ALA A 67 -4.88 -4.99 7.40
CA ALA A 67 -6.12 -4.38 6.93
C ALA A 67 -6.00 -2.84 6.80
N ALA A 68 -5.32 -2.20 7.76
CA ALA A 68 -5.02 -0.76 7.72
C ALA A 68 -3.94 -0.43 6.68
N ALA A 69 -2.91 -1.26 6.54
CA ALA A 69 -1.86 -1.06 5.52
C ALA A 69 -2.44 -1.14 4.09
N GLN A 70 -3.27 -2.16 3.81
CA GLN A 70 -3.97 -2.29 2.52
C GLN A 70 -4.88 -1.10 2.23
N ALA A 71 -5.64 -0.62 3.22
CA ALA A 71 -6.49 0.56 3.09
C ALA A 71 -5.69 1.83 2.75
N LEU A 72 -4.68 2.16 3.56
CA LEU A 72 -3.87 3.36 3.44
C LEU A 72 -3.03 3.38 2.15
N LEU A 73 -2.51 2.24 1.71
CA LEU A 73 -1.81 2.13 0.42
C LEU A 73 -2.76 2.27 -0.80
N ALA A 74 -4.01 1.81 -0.67
CA ALA A 74 -5.07 2.02 -1.66
C ALA A 74 -5.72 3.42 -1.61
N GLY A 75 -5.32 4.29 -0.67
CA GLY A 75 -5.87 5.64 -0.48
C GLY A 75 -7.26 5.69 0.20
N ARG A 76 -7.64 4.62 0.91
CA ARG A 76 -8.92 4.41 1.61
C ARG A 76 -8.73 4.45 3.13
N THR A 77 -9.81 4.66 3.89
CA THR A 77 -9.80 4.60 5.37
C THR A 77 -9.81 3.14 5.88
N PRO A 78 -9.23 2.85 7.08
CA PRO A 78 -9.19 1.50 7.65
C PRO A 78 -10.56 0.84 7.85
N ALA A 79 -10.58 -0.49 7.88
CA ALA A 79 -11.78 -1.32 8.01
C ALA A 79 -12.34 -1.42 9.45
N ALA A 80 -12.35 -0.30 10.19
CA ALA A 80 -12.89 -0.21 11.54
C ALA A 80 -14.43 -0.32 11.57
N ALA A 81 -14.96 -0.91 12.64
CA ALA A 81 -16.40 -0.96 12.95
C ALA A 81 -16.65 -0.98 14.47
N PRO A 82 -17.79 -0.46 14.96
CA PRO A 82 -18.23 -0.58 16.36
C PRO A 82 -18.79 -2.00 16.61
N ARG A 83 -17.90 -2.99 16.60
CA ARG A 83 -18.19 -4.44 16.59
C ARG A 83 -17.14 -5.22 17.42
N PRO A 84 -17.51 -6.31 18.12
CA PRO A 84 -16.56 -7.29 18.66
C PRO A 84 -15.60 -7.89 17.60
N GLY A 1 -3.70 -0.67 -25.00
CA GLY A 1 -3.26 -0.20 -26.33
C GLY A 1 -2.00 -0.92 -26.78
N PRO A 2 -2.04 -1.71 -27.87
CA PRO A 2 -0.91 -2.53 -28.31
C PRO A 2 0.23 -1.73 -28.98
N GLY A 3 -0.06 -0.52 -29.46
CA GLY A 3 0.89 0.41 -30.08
C GLY A 3 0.69 1.87 -29.67
N SER A 4 0.11 2.12 -28.50
CA SER A 4 -0.27 3.45 -27.97
C SER A 4 -0.12 3.54 -26.45
N TYR A 5 0.10 4.76 -25.95
CA TYR A 5 0.27 5.05 -24.52
C TYR A 5 -1.08 5.24 -23.78
N THR A 6 -1.14 4.79 -22.52
CA THR A 6 -2.28 4.99 -21.60
C THR A 6 -1.83 4.91 -20.13
N GLY A 7 -2.62 5.48 -19.21
CA GLY A 7 -2.39 5.43 -17.77
C GLY A 7 -2.71 4.07 -17.14
N ALA A 8 -2.12 3.80 -15.96
CA ALA A 8 -2.30 2.55 -15.21
C ALA A 8 -3.59 2.54 -14.36
N GLY A 9 -4.14 1.33 -14.10
CA GLY A 9 -5.27 1.11 -13.20
C GLY A 9 -4.90 1.09 -11.70
N GLU A 10 -5.89 0.95 -10.83
CA GLU A 10 -5.71 0.82 -9.38
C GLU A 10 -5.18 -0.58 -8.99
N PRO A 11 -4.34 -0.72 -7.94
CA PRO A 11 -3.86 -2.01 -7.46
C PRO A 11 -4.98 -2.80 -6.77
N SER A 12 -4.94 -4.14 -6.85
CA SER A 12 -5.85 -5.01 -6.10
C SER A 12 -5.41 -5.14 -4.64
N GLN A 13 -6.36 -5.34 -3.72
CA GLN A 13 -6.07 -5.76 -2.35
C GLN A 13 -5.26 -7.06 -2.29
N ALA A 14 -5.35 -7.93 -3.30
CA ALA A 14 -4.56 -9.16 -3.40
C ALA A 14 -3.11 -8.93 -3.87
N ASP A 15 -2.87 -7.91 -4.70
CA ASP A 15 -1.50 -7.48 -5.06
C ASP A 15 -0.77 -6.86 -3.87
N LEU A 16 -1.52 -6.10 -3.08
CA LEU A 16 -1.05 -5.49 -1.84
C LEU A 16 -0.75 -6.56 -0.79
N ASP A 17 -1.66 -7.50 -0.55
CA ASP A 17 -1.45 -8.60 0.40
C ASP A 17 -0.18 -9.42 0.08
N ALA A 18 0.09 -9.69 -1.20
CA ALA A 18 1.26 -10.42 -1.65
C ALA A 18 2.57 -9.66 -1.40
N LEU A 19 2.58 -8.35 -1.69
CA LEU A 19 3.71 -7.45 -1.44
C LEU A 19 3.99 -7.33 0.07
N LEU A 20 2.94 -7.06 0.85
CA LEU A 20 3.00 -6.80 2.28
C LEU A 20 3.47 -8.03 3.07
N SER A 21 3.00 -9.23 2.71
CA SER A 21 3.40 -10.49 3.37
C SER A 21 4.91 -10.76 3.28
N ALA A 22 5.59 -10.25 2.25
CA ALA A 22 7.03 -10.39 2.08
C ALA A 22 7.84 -9.37 2.91
N VAL A 23 7.32 -8.15 3.14
CA VAL A 23 8.01 -7.13 3.99
C VAL A 23 7.76 -7.35 5.48
N ARG A 24 6.57 -7.85 5.86
CA ARG A 24 6.25 -8.31 7.22
C ARG A 24 7.10 -9.50 7.67
N ASP A 25 7.59 -10.29 6.71
CA ASP A 25 8.49 -11.44 6.90
C ASP A 25 9.97 -11.08 6.62
N ASN A 26 10.28 -9.79 6.49
CA ASN A 26 11.63 -9.22 6.32
C ASN A 26 12.38 -9.67 5.04
N ARG A 27 11.66 -10.17 4.03
CA ARG A 27 12.20 -10.60 2.72
C ARG A 27 12.06 -9.56 1.59
N LEU A 28 11.29 -8.50 1.82
CA LEU A 28 11.12 -7.33 0.94
C LEU A 28 11.42 -6.05 1.74
N SER A 29 12.15 -5.09 1.16
CA SER A 29 12.58 -3.85 1.83
C SER A 29 11.50 -2.75 1.77
N ILE A 30 11.54 -1.78 2.69
CA ILE A 30 10.65 -0.60 2.71
C ILE A 30 10.69 0.14 1.37
N GLU A 31 11.89 0.52 0.91
CA GLU A 31 12.08 1.30 -0.32
C GLU A 31 11.67 0.50 -1.58
N GLN A 32 11.85 -0.82 -1.55
CA GLN A 32 11.43 -1.72 -2.63
C GLN A 32 9.91 -1.86 -2.66
N ALA A 33 9.23 -2.00 -1.52
CA ALA A 33 7.76 -2.06 -1.47
C ALA A 33 7.11 -0.74 -1.91
N VAL A 34 7.76 0.41 -1.69
CA VAL A 34 7.33 1.69 -2.26
C VAL A 34 7.59 1.71 -3.76
N THR A 35 8.78 1.32 -4.24
CA THR A 35 9.12 1.44 -5.67
C THR A 35 8.33 0.49 -6.58
N LEU A 36 7.88 -0.66 -6.06
CA LEU A 36 6.99 -1.60 -6.75
C LEU A 36 5.51 -1.18 -6.72
N LEU A 37 5.12 -0.30 -5.80
CA LEU A 37 3.81 0.37 -5.80
C LEU A 37 3.81 1.56 -6.80
N THR A 38 4.77 2.47 -6.62
CA THR A 38 4.98 3.69 -7.42
C THR A 38 6.49 3.95 -7.55
N PRO A 39 7.08 3.96 -8.77
CA PRO A 39 8.53 3.95 -8.95
C PRO A 39 9.22 5.22 -8.43
N ARG A 40 10.19 5.04 -7.53
CA ARG A 40 11.01 6.10 -6.91
C ARG A 40 12.51 5.79 -6.87
N ARG A 41 12.89 4.51 -6.81
CA ARG A 41 14.26 3.95 -6.58
C ARG A 41 14.95 4.36 -5.28
N GLY A 42 15.05 5.66 -5.01
CA GLY A 42 15.68 6.25 -3.81
C GLY A 42 14.77 6.37 -2.58
N GLY A 43 13.55 5.81 -2.63
CA GLY A 43 12.58 5.83 -1.52
C GLY A 43 12.11 7.25 -1.15
N GLY A 44 12.00 7.51 0.16
CA GLY A 44 11.51 8.78 0.71
C GLY A 44 9.99 8.96 0.63
N SER A 45 9.43 9.80 1.52
CA SER A 45 8.00 10.05 1.67
C SER A 45 7.46 11.28 0.91
N GLY A 46 8.30 12.30 0.70
CA GLY A 46 7.94 13.56 0.03
C GLY A 46 7.03 14.51 0.83
N GLY A 47 6.69 14.17 2.07
CA GLY A 47 5.82 14.97 2.95
C GLY A 47 5.36 14.25 4.22
N GLY A 48 4.70 14.99 5.13
CA GLY A 48 4.23 14.51 6.43
C GLY A 48 2.85 13.80 6.42
N SER A 49 2.18 13.72 5.26
CA SER A 49 0.89 13.03 5.08
C SER A 49 1.06 11.51 4.90
N MET A 50 -0.07 10.79 4.82
CA MET A 50 -0.09 9.34 4.53
C MET A 50 0.52 9.06 3.14
N ASP A 51 1.72 8.49 3.16
CA ASP A 51 2.48 8.04 1.98
C ASP A 51 2.99 6.61 2.19
N ALA A 52 3.20 5.87 1.10
CA ALA A 52 3.63 4.48 1.12
C ALA A 52 4.90 4.25 1.97
N LYS A 53 5.87 5.19 1.96
CA LYS A 53 7.08 5.10 2.82
C LYS A 53 6.72 5.02 4.30
N GLU A 54 5.88 5.93 4.78
CA GLU A 54 5.46 5.95 6.19
C GLU A 54 4.58 4.73 6.53
N ILE A 55 3.67 4.35 5.63
CA ILE A 55 2.77 3.20 5.80
C ILE A 55 3.57 1.89 5.95
N LEU A 56 4.55 1.64 5.08
CA LEU A 56 5.44 0.48 5.20
C LEU A 56 6.33 0.56 6.46
N THR A 57 6.82 1.75 6.83
CA THR A 57 7.65 1.92 8.04
C THR A 57 6.86 1.57 9.31
N ARG A 58 5.59 1.99 9.42
CA ARG A 58 4.67 1.60 10.51
C ARG A 58 4.32 0.11 10.48
N PHE A 59 4.09 -0.44 9.29
CA PHE A 59 3.70 -1.83 9.09
C PHE A 59 4.82 -2.84 9.38
N LYS A 60 6.06 -2.52 9.01
CA LYS A 60 7.23 -3.37 9.31
C LYS A 60 7.62 -3.32 10.80
N ASP A 61 7.44 -2.17 11.45
CA ASP A 61 7.65 -1.99 12.89
C ASP A 61 6.52 -2.64 13.76
N GLY A 62 5.41 -3.05 13.13
CA GLY A 62 4.27 -3.67 13.81
C GLY A 62 3.27 -2.70 14.44
N GLY A 63 3.41 -1.39 14.15
CA GLY A 63 2.48 -0.33 14.55
C GLY A 63 1.21 -0.24 13.67
N LEU A 64 1.13 -1.03 12.60
CA LEU A 64 0.00 -1.13 11.66
C LEU A 64 -0.36 -2.60 11.40
N ASP A 65 -1.65 -2.89 11.22
CA ASP A 65 -2.15 -4.19 10.76
C ASP A 65 -2.18 -4.29 9.24
N ARG A 66 -2.14 -5.51 8.67
CA ARG A 66 -2.06 -5.69 7.20
C ARG A 66 -3.32 -5.21 6.48
N ALA A 67 -4.49 -5.37 7.09
CA ALA A 67 -5.77 -4.82 6.59
C ALA A 67 -5.74 -3.28 6.48
N ALA A 68 -5.18 -2.60 7.49
CA ALA A 68 -4.98 -1.15 7.47
C ALA A 68 -3.89 -0.74 6.47
N ALA A 69 -2.81 -1.51 6.34
CA ALA A 69 -1.78 -1.26 5.34
C ALA A 69 -2.33 -1.34 3.90
N GLN A 70 -3.13 -2.36 3.58
CA GLN A 70 -3.82 -2.48 2.28
C GLN A 70 -4.78 -1.29 2.05
N ALA A 71 -5.56 -0.89 3.05
CA ALA A 71 -6.49 0.25 2.96
C ALA A 71 -5.75 1.55 2.61
N LEU A 72 -4.72 1.90 3.40
CA LEU A 72 -3.97 3.14 3.28
C LEU A 72 -3.11 3.17 2.00
N LEU A 73 -2.56 2.05 1.55
CA LEU A 73 -1.87 1.94 0.25
C LEU A 73 -2.83 2.04 -0.95
N ALA A 74 -4.06 1.54 -0.82
CA ALA A 74 -5.15 1.72 -1.77
C ALA A 74 -5.86 3.10 -1.67
N GLY A 75 -5.35 4.04 -0.86
CA GLY A 75 -5.88 5.40 -0.72
C GLY A 75 -7.27 5.51 -0.06
N ARG A 76 -7.64 4.50 0.74
CA ARG A 76 -8.98 4.31 1.34
C ARG A 76 -8.90 4.17 2.87
N THR A 77 -10.00 4.44 3.56
CA THR A 77 -10.09 4.30 5.03
C THR A 77 -10.38 2.85 5.47
N PRO A 78 -9.83 2.37 6.60
CA PRO A 78 -10.22 1.10 7.22
C PRO A 78 -11.69 1.07 7.69
N ALA A 79 -12.20 -0.13 8.01
CA ALA A 79 -13.57 -0.36 8.48
C ALA A 79 -13.83 -0.01 9.96
N ALA A 80 -12.85 0.60 10.62
CA ALA A 80 -12.78 1.01 12.04
C ALA A 80 -12.92 -0.12 13.09
N ALA A 81 -12.51 0.19 14.33
CA ALA A 81 -12.61 -0.68 15.51
C ALA A 81 -12.87 0.17 16.78
N PRO A 82 -14.15 0.49 17.11
CA PRO A 82 -14.49 1.43 18.19
C PRO A 82 -14.32 0.93 19.63
N ARG A 83 -13.74 -0.26 19.79
CA ARG A 83 -13.50 -0.95 21.07
C ARG A 83 -12.26 -1.87 21.01
N PRO A 84 -11.63 -2.22 22.16
CA PRO A 84 -10.61 -3.27 22.24
C PRO A 84 -11.19 -4.68 21.96
N GLY A 1 -9.32 1.19 -20.84
CA GLY A 1 -9.64 1.16 -22.30
C GLY A 1 -9.42 2.53 -22.95
N PRO A 2 -8.82 2.58 -24.15
CA PRO A 2 -8.32 1.46 -24.95
C PRO A 2 -6.99 0.88 -24.43
N GLY A 3 -6.17 1.72 -23.74
CA GLY A 3 -4.97 1.29 -23.01
C GLY A 3 -5.29 0.65 -21.65
N SER A 4 -4.30 -0.04 -21.08
CA SER A 4 -4.40 -0.72 -19.78
C SER A 4 -4.26 0.22 -18.56
N TYR A 5 -3.79 1.44 -18.77
CA TYR A 5 -3.66 2.50 -17.76
C TYR A 5 -4.06 3.87 -18.33
N THR A 6 -4.76 4.66 -17.52
CA THR A 6 -5.44 5.91 -17.92
C THR A 6 -5.21 7.08 -16.96
N GLY A 7 -4.28 6.93 -15.99
CA GLY A 7 -4.08 7.88 -14.90
C GLY A 7 -5.09 7.73 -13.75
N ALA A 8 -5.87 6.64 -13.74
CA ALA A 8 -6.94 6.34 -12.78
C ALA A 8 -6.95 4.86 -12.35
N GLY A 9 -7.80 4.50 -11.38
CA GLY A 9 -7.91 3.16 -10.78
C GLY A 9 -7.01 2.94 -9.56
N GLU A 10 -7.11 1.75 -8.97
CA GLU A 10 -6.46 1.35 -7.71
C GLU A 10 -5.89 -0.08 -7.74
N PRO A 11 -4.84 -0.41 -6.96
CA PRO A 11 -4.28 -1.76 -6.87
C PRO A 11 -5.25 -2.74 -6.16
N SER A 12 -5.18 -4.02 -6.53
CA SER A 12 -5.96 -5.09 -5.91
C SER A 12 -5.42 -5.45 -4.51
N GLN A 13 -6.33 -5.80 -3.60
CA GLN A 13 -5.98 -6.39 -2.29
C GLN A 13 -5.13 -7.66 -2.42
N ALA A 14 -5.26 -8.41 -3.53
CA ALA A 14 -4.47 -9.60 -3.78
C ALA A 14 -3.01 -9.28 -4.19
N ASP A 15 -2.79 -8.16 -4.88
CA ASP A 15 -1.45 -7.66 -5.24
C ASP A 15 -0.73 -7.03 -4.03
N LEU A 16 -1.51 -6.34 -3.19
CA LEU A 16 -1.04 -5.75 -1.94
C LEU A 16 -0.67 -6.83 -0.92
N ASP A 17 -1.52 -7.82 -0.69
CA ASP A 17 -1.27 -8.90 0.28
C ASP A 17 -0.01 -9.72 -0.05
N ALA A 18 0.25 -9.95 -1.34
CA ALA A 18 1.44 -10.66 -1.81
C ALA A 18 2.74 -9.88 -1.51
N LEU A 19 2.73 -8.56 -1.69
CA LEU A 19 3.84 -7.67 -1.40
C LEU A 19 4.05 -7.55 0.12
N LEU A 20 2.96 -7.26 0.85
CA LEU A 20 2.98 -6.97 2.28
C LEU A 20 3.47 -8.17 3.11
N SER A 21 3.07 -9.39 2.74
CA SER A 21 3.50 -10.62 3.45
C SER A 21 5.02 -10.82 3.39
N ALA A 22 5.70 -10.33 2.34
CA ALA A 22 7.16 -10.42 2.22
C ALA A 22 7.89 -9.35 3.06
N VAL A 23 7.32 -8.15 3.24
CA VAL A 23 7.95 -7.09 4.06
C VAL A 23 7.69 -7.32 5.56
N ARG A 24 6.51 -7.83 5.93
CA ARG A 24 6.18 -8.26 7.30
C ARG A 24 7.05 -9.44 7.79
N ASP A 25 7.47 -10.32 6.87
CA ASP A 25 8.40 -11.44 7.12
C ASP A 25 9.89 -11.04 7.00
N ASN A 26 10.18 -9.74 6.82
CA ASN A 26 11.53 -9.18 6.67
C ASN A 26 12.33 -9.80 5.50
N ARG A 27 11.65 -10.10 4.38
CA ARG A 27 12.24 -10.52 3.08
C ARG A 27 12.24 -9.39 2.03
N LEU A 28 11.44 -8.33 2.24
CA LEU A 28 11.29 -7.20 1.35
C LEU A 28 11.53 -5.88 2.13
N SER A 29 12.19 -4.88 1.53
CA SER A 29 12.52 -3.59 2.15
C SER A 29 11.44 -2.51 1.94
N ILE A 30 11.43 -1.48 2.80
CA ILE A 30 10.49 -0.33 2.74
C ILE A 30 10.54 0.35 1.38
N GLU A 31 11.74 0.75 0.92
CA GLU A 31 11.90 1.49 -0.33
C GLU A 31 11.64 0.60 -1.57
N GLN A 32 11.92 -0.69 -1.47
CA GLN A 32 11.57 -1.69 -2.49
C GLN A 32 10.04 -1.84 -2.61
N ALA A 33 9.32 -1.94 -1.50
CA ALA A 33 7.85 -2.04 -1.53
C ALA A 33 7.18 -0.77 -2.06
N VAL A 34 7.77 0.41 -1.87
CA VAL A 34 7.27 1.68 -2.43
C VAL A 34 7.55 1.75 -3.94
N THR A 35 8.73 1.34 -4.40
CA THR A 35 9.06 1.40 -5.83
C THR A 35 8.30 0.37 -6.68
N LEU A 36 7.92 -0.77 -6.08
CA LEU A 36 7.07 -1.80 -6.73
C LEU A 36 5.57 -1.47 -6.66
N LEU A 37 5.14 -0.65 -5.68
CA LEU A 37 3.76 -0.15 -5.57
C LEU A 37 3.44 0.91 -6.64
N THR A 38 4.25 1.97 -6.71
CA THR A 38 3.91 3.20 -7.44
C THR A 38 4.05 3.02 -8.98
N PRO A 39 2.99 3.28 -9.78
CA PRO A 39 3.06 3.17 -11.23
C PRO A 39 3.92 4.29 -11.84
N ARG A 40 4.54 4.01 -13.00
CA ARG A 40 5.38 4.97 -13.74
C ARG A 40 4.55 5.87 -14.67
N ARG A 41 5.03 7.10 -14.87
CA ARG A 41 4.32 8.26 -15.47
C ARG A 41 3.05 8.69 -14.69
N GLY A 42 2.58 9.91 -14.95
CA GLY A 42 1.50 10.58 -14.22
C GLY A 42 1.89 11.01 -12.79
N GLY A 43 0.93 11.59 -12.07
CA GLY A 43 1.11 12.07 -10.69
C GLY A 43 -0.07 12.88 -10.14
N GLY A 44 -0.06 13.14 -8.83
CA GLY A 44 -1.10 13.89 -8.11
C GLY A 44 -0.95 13.83 -6.59
N SER A 45 -1.72 14.65 -5.87
CA SER A 45 -1.76 14.69 -4.40
C SER A 45 -2.65 13.58 -3.80
N GLY A 46 -2.34 13.15 -2.58
CA GLY A 46 -3.12 12.14 -1.83
C GLY A 46 -4.40 12.69 -1.18
N GLY A 47 -5.27 11.78 -0.72
CA GLY A 47 -6.51 12.11 -0.01
C GLY A 47 -6.33 12.59 1.44
N GLY A 48 -5.10 12.53 1.97
CA GLY A 48 -4.71 12.99 3.31
C GLY A 48 -3.21 12.82 3.57
N SER A 49 -2.77 13.07 4.81
CA SER A 49 -1.37 12.98 5.25
C SER A 49 -0.91 11.54 5.51
N MET A 50 -0.93 10.73 4.46
CA MET A 50 -0.37 9.37 4.42
C MET A 50 0.44 9.15 3.13
N ASP A 51 1.66 8.63 3.28
CA ASP A 51 2.56 8.22 2.19
C ASP A 51 2.99 6.75 2.33
N ALA A 52 3.22 6.08 1.21
CA ALA A 52 3.57 4.65 1.18
C ALA A 52 4.81 4.30 2.02
N LYS A 53 5.84 5.17 2.04
CA LYS A 53 7.06 4.96 2.85
C LYS A 53 6.72 4.87 4.34
N GLU A 54 5.97 5.85 4.85
CA GLU A 54 5.52 5.89 6.25
C GLU A 54 4.59 4.71 6.59
N ILE A 55 3.67 4.35 5.68
CA ILE A 55 2.76 3.20 5.84
C ILE A 55 3.56 1.89 5.98
N LEU A 56 4.52 1.63 5.07
CA LEU A 56 5.39 0.46 5.16
C LEU A 56 6.28 0.49 6.40
N THR A 57 6.81 1.66 6.79
CA THR A 57 7.66 1.81 7.99
C THR A 57 6.89 1.41 9.25
N ARG A 58 5.66 1.89 9.44
CA ARG A 58 4.78 1.46 10.54
C ARG A 58 4.47 -0.04 10.47
N PHE A 59 4.12 -0.54 9.29
CA PHE A 59 3.71 -1.93 9.08
C PHE A 59 4.84 -2.93 9.35
N LYS A 60 6.10 -2.58 9.01
CA LYS A 60 7.27 -3.42 9.30
C LYS A 60 7.67 -3.39 10.79
N ASP A 61 7.53 -2.21 11.43
CA ASP A 61 7.77 -2.01 12.87
C ASP A 61 6.66 -2.62 13.76
N GLY A 62 5.52 -3.00 13.19
CA GLY A 62 4.36 -3.56 13.93
C GLY A 62 3.39 -2.49 14.48
N GLY A 63 3.57 -1.21 14.11
CA GLY A 63 2.70 -0.09 14.43
C GLY A 63 1.47 0.07 13.52
N LEU A 64 1.26 -0.86 12.57
CA LEU A 64 0.10 -0.95 11.68
C LEU A 64 -0.27 -2.43 11.44
N ASP A 65 -1.55 -2.71 11.14
CA ASP A 65 -2.04 -4.04 10.75
C ASP A 65 -2.23 -4.14 9.23
N ARG A 66 -2.23 -5.35 8.66
CA ARG A 66 -2.21 -5.58 7.20
C ARG A 66 -3.48 -5.10 6.50
N ALA A 67 -4.64 -5.18 7.17
CA ALA A 67 -5.91 -4.63 6.68
C ALA A 67 -5.88 -3.10 6.54
N ALA A 68 -5.27 -2.40 7.51
CA ALA A 68 -5.06 -0.96 7.44
C ALA A 68 -3.98 -0.60 6.39
N ALA A 69 -2.90 -1.36 6.29
CA ALA A 69 -1.86 -1.16 5.27
C ALA A 69 -2.45 -1.24 3.85
N GLN A 70 -3.30 -2.25 3.56
CA GLN A 70 -4.00 -2.36 2.27
C GLN A 70 -4.91 -1.15 1.99
N ALA A 71 -5.70 -0.71 2.97
CA ALA A 71 -6.58 0.45 2.85
C ALA A 71 -5.82 1.75 2.51
N LEU A 72 -4.78 2.05 3.30
CA LEU A 72 -3.99 3.28 3.19
C LEU A 72 -3.14 3.31 1.91
N LEU A 73 -2.60 2.16 1.46
CA LEU A 73 -1.87 2.05 0.19
C LEU A 73 -2.80 2.13 -1.04
N ALA A 74 -4.03 1.64 -0.94
CA ALA A 74 -5.07 1.80 -1.96
C ALA A 74 -5.68 3.23 -2.01
N GLY A 75 -5.24 4.16 -1.15
CA GLY A 75 -5.64 5.57 -1.17
C GLY A 75 -6.96 5.89 -0.44
N ARG A 76 -7.43 4.99 0.44
CA ARG A 76 -8.65 5.15 1.25
C ARG A 76 -8.40 4.96 2.75
N THR A 77 -9.45 5.04 3.56
CA THR A 77 -9.44 4.74 5.00
C THR A 77 -10.28 3.51 5.34
N PRO A 78 -9.92 2.72 6.38
CA PRO A 78 -10.75 1.62 6.88
C PRO A 78 -11.97 2.14 7.68
N ALA A 79 -12.95 1.26 7.93
CA ALA A 79 -14.18 1.57 8.68
C ALA A 79 -14.06 1.38 10.21
N ALA A 80 -12.83 1.21 10.71
CA ALA A 80 -12.51 0.99 12.11
C ALA A 80 -12.57 2.28 12.97
N ALA A 81 -12.64 2.11 14.29
CA ALA A 81 -12.61 3.17 15.33
C ALA A 81 -13.52 4.40 15.04
N PRO A 82 -14.86 4.23 15.02
CA PRO A 82 -15.82 5.31 14.82
C PRO A 82 -16.00 6.18 16.10
N ARG A 83 -14.94 6.93 16.45
CA ARG A 83 -14.82 7.76 17.67
C ARG A 83 -15.23 7.05 18.98
N PRO A 84 -14.63 5.89 19.32
CA PRO A 84 -14.92 5.13 20.55
C PRO A 84 -14.55 5.90 21.84
N GLY A 1 -21.72 -1.65 -8.93
CA GLY A 1 -22.38 -0.34 -9.02
C GLY A 1 -21.88 0.51 -10.19
N PRO A 2 -22.03 1.85 -10.13
CA PRO A 2 -21.60 2.77 -11.19
C PRO A 2 -20.09 2.74 -11.48
N GLY A 3 -19.73 3.20 -12.67
CA GLY A 3 -18.34 3.31 -13.15
C GLY A 3 -18.20 4.07 -14.49
N SER A 4 -16.97 4.33 -14.92
CA SER A 4 -16.64 5.06 -16.16
C SER A 4 -15.30 4.63 -16.77
N TYR A 5 -15.19 4.71 -18.09
CA TYR A 5 -14.00 4.39 -18.90
C TYR A 5 -13.39 3.00 -18.58
N THR A 6 -12.06 2.86 -18.65
CA THR A 6 -11.34 1.57 -18.48
C THR A 6 -11.14 1.15 -17.02
N GLY A 7 -11.55 1.97 -16.04
CA GLY A 7 -11.42 1.69 -14.61
C GLY A 7 -9.97 1.77 -14.09
N ALA A 8 -9.55 0.79 -13.29
CA ALA A 8 -8.21 0.68 -12.70
C ALA A 8 -7.77 1.89 -11.84
N GLY A 9 -8.72 2.51 -11.13
CA GLY A 9 -8.50 3.69 -10.27
C GLY A 9 -7.79 3.42 -8.93
N GLU A 10 -7.66 2.15 -8.53
CA GLU A 10 -7.05 1.70 -7.27
C GLU A 10 -6.15 0.46 -7.51
N PRO A 11 -5.11 0.23 -6.68
CA PRO A 11 -4.32 -1.01 -6.70
C PRO A 11 -5.14 -2.23 -6.23
N SER A 12 -4.76 -3.42 -6.70
CA SER A 12 -5.42 -4.68 -6.32
C SER A 12 -5.09 -5.07 -4.88
N GLN A 13 -6.11 -5.38 -4.08
CA GLN A 13 -5.96 -5.81 -2.68
C GLN A 13 -5.12 -7.08 -2.53
N ALA A 14 -5.16 -7.97 -3.52
CA ALA A 14 -4.38 -9.21 -3.57
C ALA A 14 -2.91 -8.99 -3.95
N ASP A 15 -2.60 -7.96 -4.75
CA ASP A 15 -1.23 -7.57 -5.10
C ASP A 15 -0.53 -6.88 -3.92
N LEU A 16 -1.30 -6.11 -3.15
CA LEU A 16 -0.89 -5.56 -1.87
C LEU A 16 -0.61 -6.68 -0.87
N ASP A 17 -1.55 -7.61 -0.68
CA ASP A 17 -1.40 -8.74 0.26
C ASP A 17 -0.15 -9.60 -0.04
N ALA A 18 0.15 -9.82 -1.32
CA ALA A 18 1.31 -10.59 -1.77
C ALA A 18 2.64 -9.88 -1.49
N LEU A 19 2.68 -8.57 -1.73
CA LEU A 19 3.83 -7.72 -1.43
C LEU A 19 4.08 -7.62 0.08
N LEU A 20 3.03 -7.35 0.85
CA LEU A 20 3.11 -7.09 2.29
C LEU A 20 3.63 -8.31 3.07
N SER A 21 3.24 -9.53 2.66
CA SER A 21 3.76 -10.77 3.26
C SER A 21 5.28 -10.90 3.12
N ALA A 22 5.87 -10.40 2.03
CA ALA A 22 7.31 -10.48 1.82
C ALA A 22 8.10 -9.45 2.66
N VAL A 23 7.53 -8.27 2.95
CA VAL A 23 8.18 -7.25 3.81
C VAL A 23 7.96 -7.56 5.29
N ARG A 24 6.80 -8.13 5.65
CA ARG A 24 6.51 -8.65 7.01
C ARG A 24 7.42 -9.82 7.40
N ASP A 25 7.92 -10.56 6.41
CA ASP A 25 8.83 -11.71 6.56
C ASP A 25 10.31 -11.33 6.30
N ASN A 26 10.62 -10.02 6.26
CA ASN A 26 11.96 -9.45 6.11
C ASN A 26 12.68 -9.81 4.78
N ARG A 27 11.94 -10.25 3.75
CA ARG A 27 12.46 -10.61 2.41
C ARG A 27 12.30 -9.51 1.35
N LEU A 28 11.53 -8.45 1.64
CA LEU A 28 11.30 -7.29 0.78
C LEU A 28 11.54 -6.01 1.61
N SER A 29 12.26 -5.01 1.06
CA SER A 29 12.61 -3.76 1.75
C SER A 29 11.51 -2.68 1.69
N ILE A 30 11.55 -1.70 2.60
CA ILE A 30 10.63 -0.55 2.60
C ILE A 30 10.66 0.19 1.27
N GLU A 31 11.85 0.58 0.79
CA GLU A 31 12.01 1.36 -0.44
C GLU A 31 11.65 0.55 -1.70
N GLN A 32 11.90 -0.76 -1.67
CA GLN A 32 11.49 -1.70 -2.72
C GLN A 32 9.96 -1.81 -2.78
N ALA A 33 9.28 -1.96 -1.64
CA ALA A 33 7.82 -2.03 -1.59
C ALA A 33 7.13 -0.73 -2.05
N VAL A 34 7.78 0.43 -1.87
CA VAL A 34 7.30 1.71 -2.40
C VAL A 34 7.54 1.81 -3.92
N THR A 35 8.68 1.32 -4.44
CA THR A 35 8.95 1.40 -5.89
C THR A 35 8.14 0.39 -6.72
N LEU A 36 7.80 -0.77 -6.14
CA LEU A 36 6.97 -1.80 -6.77
C LEU A 36 5.45 -1.50 -6.69
N LEU A 37 5.01 -0.63 -5.77
CA LEU A 37 3.61 -0.22 -5.59
C LEU A 37 3.08 0.64 -6.75
N THR A 38 3.93 1.51 -7.31
CA THR A 38 3.52 2.72 -8.05
C THR A 38 2.62 3.62 -7.18
N PRO A 39 3.21 4.44 -6.27
CA PRO A 39 2.48 5.16 -5.23
C PRO A 39 1.49 6.22 -5.75
N ARG A 40 0.58 6.65 -4.86
CA ARG A 40 -0.26 7.85 -5.02
C ARG A 40 0.61 9.11 -5.17
N ARG A 41 0.19 10.05 -6.03
CA ARG A 41 0.93 11.28 -6.37
C ARG A 41 0.11 12.54 -6.09
N GLY A 42 0.72 13.53 -5.44
CA GLY A 42 0.13 14.84 -5.14
C GLY A 42 0.62 15.97 -6.06
N GLY A 43 1.92 16.01 -6.35
CA GLY A 43 2.54 17.03 -7.22
C GLY A 43 4.07 17.05 -7.16
N GLY A 44 4.67 18.24 -7.25
CA GLY A 44 6.12 18.45 -7.22
C GLY A 44 6.82 18.06 -5.91
N SER A 45 6.05 17.95 -4.82
CA SER A 45 6.50 17.46 -3.51
C SER A 45 6.44 15.92 -3.36
N GLY A 46 6.06 15.20 -4.43
CA GLY A 46 5.85 13.74 -4.41
C GLY A 46 4.41 13.36 -4.07
N GLY A 47 4.22 12.37 -3.19
CA GLY A 47 2.92 11.91 -2.73
C GLY A 47 2.16 12.90 -1.82
N GLY A 48 0.86 12.66 -1.63
CA GLY A 48 0.00 13.39 -0.69
C GLY A 48 0.15 12.90 0.76
N SER A 49 -0.90 13.11 1.57
CA SER A 49 -0.99 12.61 2.95
C SER A 49 -0.91 11.07 3.03
N MET A 50 -0.33 10.56 4.13
CA MET A 50 0.00 9.15 4.36
C MET A 50 0.73 8.53 3.15
N ASP A 51 2.02 8.84 2.99
CA ASP A 51 2.85 8.28 1.92
C ASP A 51 3.16 6.79 2.19
N ALA A 52 3.33 6.01 1.11
CA ALA A 52 3.67 4.59 1.18
C ALA A 52 4.94 4.31 2.02
N LYS A 53 5.93 5.22 2.01
CA LYS A 53 7.14 5.16 2.84
C LYS A 53 6.83 5.08 4.33
N GLU A 54 5.94 5.94 4.83
CA GLU A 54 5.50 5.93 6.22
C GLU A 54 4.62 4.70 6.53
N ILE A 55 3.72 4.34 5.61
CA ILE A 55 2.80 3.21 5.78
C ILE A 55 3.55 1.87 5.92
N LEU A 56 4.54 1.61 5.04
CA LEU A 56 5.40 0.42 5.15
C LEU A 56 6.26 0.45 6.42
N THR A 57 6.78 1.62 6.82
CA THR A 57 7.57 1.76 8.05
C THR A 57 6.75 1.40 9.29
N ARG A 58 5.51 1.90 9.40
CA ARG A 58 4.57 1.58 10.50
C ARG A 58 4.15 0.10 10.48
N PHE A 59 3.86 -0.46 9.30
CA PHE A 59 3.50 -1.87 9.15
C PHE A 59 4.63 -2.81 9.55
N LYS A 60 5.88 -2.52 9.13
CA LYS A 60 7.05 -3.36 9.46
C LYS A 60 7.46 -3.24 10.93
N ASP A 61 7.35 -2.05 11.52
CA ASP A 61 7.57 -1.82 12.96
C ASP A 61 6.47 -2.45 13.86
N GLY A 62 5.32 -2.82 13.30
CA GLY A 62 4.17 -3.40 14.01
C GLY A 62 3.20 -2.37 14.61
N GLY A 63 3.36 -1.08 14.25
CA GLY A 63 2.43 0.00 14.61
C GLY A 63 1.18 0.08 13.72
N LEU A 64 1.11 -0.72 12.65
CA LEU A 64 -0.01 -0.82 11.71
C LEU A 64 -0.32 -2.30 11.42
N ASP A 65 -1.61 -2.64 11.29
CA ASP A 65 -2.07 -3.98 10.89
C ASP A 65 -2.18 -4.15 9.37
N ARG A 66 -2.18 -5.40 8.88
CA ARG A 66 -2.24 -5.72 7.44
C ARG A 66 -3.47 -5.12 6.74
N ALA A 67 -4.64 -5.17 7.36
CA ALA A 67 -5.88 -4.63 6.82
C ALA A 67 -5.80 -3.10 6.66
N ALA A 68 -5.20 -2.40 7.63
CA ALA A 68 -4.96 -0.96 7.54
C ALA A 68 -3.84 -0.61 6.54
N ALA A 69 -2.78 -1.42 6.43
CA ALA A 69 -1.72 -1.24 5.44
C ALA A 69 -2.26 -1.33 4.01
N GLN A 70 -3.08 -2.33 3.68
CA GLN A 70 -3.74 -2.43 2.37
C GLN A 70 -4.68 -1.23 2.11
N ALA A 71 -5.47 -0.82 3.10
CA ALA A 71 -6.39 0.32 3.00
C ALA A 71 -5.65 1.62 2.67
N LEU A 72 -4.61 1.94 3.46
CA LEU A 72 -3.86 3.18 3.35
C LEU A 72 -2.99 3.23 2.09
N LEU A 73 -2.42 2.11 1.64
CA LEU A 73 -1.72 2.04 0.35
C LEU A 73 -2.67 2.24 -0.85
N ALA A 74 -3.91 1.75 -0.75
CA ALA A 74 -4.97 2.01 -1.73
C ALA A 74 -5.61 3.43 -1.63
N GLY A 75 -5.30 4.20 -0.57
CA GLY A 75 -5.85 5.54 -0.32
C GLY A 75 -7.22 5.58 0.38
N ARG A 76 -7.68 4.44 0.92
CA ARG A 76 -8.90 4.26 1.73
C ARG A 76 -8.64 4.57 3.22
N THR A 77 -9.69 4.61 4.03
CA THR A 77 -9.61 4.60 5.50
C THR A 77 -9.54 3.17 6.07
N PRO A 78 -8.99 2.96 7.29
CA PRO A 78 -8.91 1.63 7.92
C PRO A 78 -10.27 0.92 8.05
N ALA A 79 -10.26 -0.41 7.90
CA ALA A 79 -11.46 -1.26 7.93
C ALA A 79 -11.15 -2.67 8.52
N ALA A 80 -12.21 -3.42 8.83
CA ALA A 80 -12.16 -4.82 9.28
C ALA A 80 -13.28 -5.66 8.62
N ALA A 81 -13.03 -6.97 8.48
CA ALA A 81 -14.02 -7.90 7.93
C ALA A 81 -15.06 -8.33 9.01
N PRO A 82 -16.38 -8.25 8.75
CA PRO A 82 -17.43 -8.63 9.69
C PRO A 82 -17.65 -10.16 9.70
N ARG A 83 -16.62 -10.91 10.13
CA ARG A 83 -16.58 -12.39 10.15
C ARG A 83 -17.55 -12.99 11.18
N PRO A 84 -18.10 -14.21 10.93
CA PRO A 84 -19.00 -14.92 11.86
C PRO A 84 -18.29 -15.37 13.16
N GLY A 1 6.80 -1.68 -32.61
CA GLY A 1 5.78 -1.09 -33.51
C GLY A 1 5.25 0.23 -32.99
N PRO A 2 4.12 0.74 -33.53
CA PRO A 2 3.52 2.01 -33.14
C PRO A 2 3.08 2.07 -31.66
N GLY A 3 3.18 3.25 -31.04
CA GLY A 3 2.74 3.49 -29.66
C GLY A 3 1.23 3.60 -29.50
N SER A 4 0.69 2.99 -28.42
CA SER A 4 -0.74 3.04 -28.05
C SER A 4 -0.93 2.81 -26.55
N TYR A 5 -2.03 3.30 -25.98
CA TYR A 5 -2.38 3.11 -24.56
C TYR A 5 -2.95 1.71 -24.27
N THR A 6 -2.71 1.22 -23.05
CA THR A 6 -3.34 0.01 -22.49
C THR A 6 -3.53 0.16 -20.96
N GLY A 7 -4.58 -0.49 -20.42
CA GLY A 7 -4.94 -0.39 -18.99
C GLY A 7 -3.98 -1.11 -18.03
N ALA A 8 -3.94 -0.65 -16.78
CA ALA A 8 -3.05 -1.12 -15.71
C ALA A 8 -3.77 -1.73 -14.49
N GLY A 9 -5.10 -1.84 -14.52
CA GLY A 9 -5.93 -2.36 -13.43
C GLY A 9 -6.05 -1.42 -12.21
N GLU A 10 -6.20 -2.00 -11.02
CA GLU A 10 -6.37 -1.31 -9.74
C GLU A 10 -5.49 -1.95 -8.62
N PRO A 11 -5.17 -1.22 -7.52
CA PRO A 11 -4.41 -1.76 -6.39
C PRO A 11 -5.27 -2.71 -5.53
N SER A 12 -5.38 -3.97 -5.99
CA SER A 12 -6.11 -5.05 -5.30
C SER A 12 -5.50 -5.41 -3.95
N GLN A 13 -6.35 -5.71 -2.96
CA GLN A 13 -5.91 -6.23 -1.66
C GLN A 13 -5.13 -7.55 -1.76
N ALA A 14 -5.34 -8.33 -2.83
CA ALA A 14 -4.63 -9.59 -3.06
C ALA A 14 -3.20 -9.35 -3.60
N ASP A 15 -3.02 -8.31 -4.42
CA ASP A 15 -1.71 -7.87 -4.92
C ASP A 15 -0.88 -7.17 -3.84
N LEU A 16 -1.58 -6.43 -2.97
CA LEU A 16 -1.00 -5.78 -1.79
C LEU A 16 -0.59 -6.80 -0.73
N ASP A 17 -1.40 -7.83 -0.45
CA ASP A 17 -1.04 -8.90 0.50
C ASP A 17 0.25 -9.64 0.08
N ALA A 18 0.40 -9.92 -1.22
CA ALA A 18 1.61 -10.57 -1.75
C ALA A 18 2.88 -9.73 -1.53
N LEU A 19 2.77 -8.40 -1.68
CA LEU A 19 3.85 -7.46 -1.41
C LEU A 19 4.15 -7.36 0.10
N LEU A 20 3.10 -7.15 0.89
CA LEU A 20 3.17 -6.88 2.33
C LEU A 20 3.71 -8.10 3.12
N SER A 21 3.27 -9.32 2.82
CA SER A 21 3.78 -10.53 3.49
C SER A 21 5.28 -10.73 3.26
N ALA A 22 5.80 -10.33 2.09
CA ALA A 22 7.23 -10.43 1.77
C ALA A 22 8.07 -9.42 2.56
N VAL A 23 7.58 -8.20 2.81
CA VAL A 23 8.30 -7.20 3.62
C VAL A 23 8.18 -7.46 5.12
N ARG A 24 7.05 -8.01 5.58
CA ARG A 24 6.85 -8.41 6.98
C ARG A 24 7.68 -9.63 7.40
N ASP A 25 8.06 -10.49 6.44
CA ASP A 25 9.02 -11.58 6.61
C ASP A 25 10.48 -11.18 6.24
N ASN A 26 10.74 -9.89 5.99
CA ASN A 26 12.04 -9.31 5.64
C ASN A 26 12.68 -9.90 4.35
N ARG A 27 11.85 -10.40 3.42
CA ARG A 27 12.26 -10.78 2.05
C ARG A 27 12.29 -9.58 1.09
N LEU A 28 11.53 -8.52 1.40
CA LEU A 28 11.33 -7.31 0.59
C LEU A 28 11.64 -6.08 1.47
N SER A 29 12.25 -5.02 0.92
CA SER A 29 12.60 -3.78 1.65
C SER A 29 11.50 -2.70 1.59
N ILE A 30 11.50 -1.74 2.54
CA ILE A 30 10.58 -0.58 2.58
C ILE A 30 10.64 0.20 1.25
N GLU A 31 11.84 0.60 0.82
CA GLU A 31 12.02 1.43 -0.39
C GLU A 31 11.62 0.66 -1.66
N GLN A 32 11.83 -0.67 -1.67
CA GLN A 32 11.43 -1.55 -2.76
C GLN A 32 9.90 -1.68 -2.84
N ALA A 33 9.21 -1.87 -1.71
CA ALA A 33 7.74 -1.94 -1.68
C ALA A 33 7.08 -0.60 -2.07
N VAL A 34 7.75 0.54 -1.87
CA VAL A 34 7.32 1.85 -2.36
C VAL A 34 7.56 2.00 -3.87
N THR A 35 8.71 1.56 -4.39
CA THR A 35 9.01 1.68 -5.84
C THR A 35 8.21 0.71 -6.70
N LEU A 36 7.87 -0.47 -6.18
CA LEU A 36 6.99 -1.45 -6.85
C LEU A 36 5.50 -1.05 -6.79
N LEU A 37 5.11 -0.17 -5.86
CA LEU A 37 3.78 0.46 -5.82
C LEU A 37 3.67 1.62 -6.84
N THR A 38 4.71 2.45 -6.94
CA THR A 38 4.67 3.76 -7.61
C THR A 38 4.99 3.68 -9.12
N PRO A 39 4.04 3.99 -10.03
CA PRO A 39 4.29 3.96 -11.48
C PRO A 39 5.17 5.12 -11.95
N ARG A 40 5.94 4.90 -13.02
CA ARG A 40 6.94 5.86 -13.55
C ARG A 40 6.33 6.87 -14.54
N ARG A 41 5.25 6.48 -15.23
CA ARG A 41 4.54 7.30 -16.25
C ARG A 41 3.36 8.06 -15.62
N GLY A 42 3.15 9.30 -16.07
CA GLY A 42 2.03 10.16 -15.66
C GLY A 42 2.10 10.75 -14.24
N GLY A 43 3.22 10.58 -13.54
CA GLY A 43 3.44 11.07 -12.17
C GLY A 43 2.69 10.24 -11.11
N GLY A 44 3.30 9.14 -10.64
CA GLY A 44 2.71 8.21 -9.68
C GLY A 44 2.63 8.68 -8.23
N SER A 45 3.30 9.79 -7.88
CA SER A 45 3.34 10.35 -6.51
C SER A 45 2.02 11.05 -6.13
N GLY A 46 1.64 11.16 -4.84
CA GLY A 46 2.38 10.74 -3.63
C GLY A 46 2.59 11.89 -2.64
N GLY A 47 3.30 11.61 -1.54
CA GLY A 47 3.59 12.58 -0.48
C GLY A 47 2.42 12.89 0.47
N GLY A 48 2.63 13.85 1.36
CA GLY A 48 1.66 14.24 2.40
C GLY A 48 1.45 13.17 3.49
N SER A 49 0.37 13.28 4.24
CA SER A 49 -0.01 12.32 5.29
C SER A 49 -0.34 10.94 4.71
N MET A 50 0.09 9.87 5.40
CA MET A 50 -0.03 8.47 4.97
C MET A 50 0.53 8.23 3.56
N ASP A 51 1.79 8.60 3.35
CA ASP A 51 2.58 8.17 2.18
C ASP A 51 2.99 6.70 2.31
N ALA A 52 3.22 6.02 1.18
CA ALA A 52 3.59 4.59 1.14
C ALA A 52 4.81 4.25 2.01
N LYS A 53 5.84 5.10 2.06
CA LYS A 53 7.04 4.89 2.88
C LYS A 53 6.69 4.81 4.36
N GLU A 54 5.94 5.80 4.83
CA GLU A 54 5.45 5.87 6.21
C GLU A 54 4.52 4.69 6.56
N ILE A 55 3.63 4.29 5.64
CA ILE A 55 2.75 3.13 5.80
C ILE A 55 3.57 1.84 5.96
N LEU A 56 4.55 1.58 5.09
CA LEU A 56 5.41 0.40 5.18
C LEU A 56 6.28 0.42 6.45
N THR A 57 6.79 1.58 6.85
CA THR A 57 7.62 1.74 8.05
C THR A 57 6.82 1.36 9.31
N ARG A 58 5.59 1.87 9.46
CA ARG A 58 4.72 1.54 10.60
C ARG A 58 4.22 0.09 10.55
N PHE A 59 3.91 -0.45 9.37
CA PHE A 59 3.49 -1.83 9.20
C PHE A 59 4.59 -2.82 9.58
N LYS A 60 5.83 -2.60 9.15
CA LYS A 60 6.97 -3.48 9.45
C LYS A 60 7.39 -3.41 10.92
N ASP A 61 7.26 -2.23 11.54
CA ASP A 61 7.51 -2.02 12.98
C ASP A 61 6.39 -2.56 13.90
N GLY A 62 5.24 -2.92 13.32
CA GLY A 62 4.05 -3.41 14.04
C GLY A 62 3.16 -2.32 14.67
N GLY A 63 3.41 -1.04 14.33
CA GLY A 63 2.55 0.10 14.69
C GLY A 63 1.29 0.23 13.81
N LEU A 64 1.20 -0.55 12.74
CA LEU A 64 0.08 -0.60 11.79
C LEU A 64 -0.26 -2.06 11.42
N ASP A 65 -1.54 -2.39 11.28
CA ASP A 65 -2.01 -3.72 10.86
C ASP A 65 -2.01 -3.85 9.32
N ARG A 66 -2.04 -5.08 8.81
CA ARG A 66 -2.09 -5.34 7.36
C ARG A 66 -3.38 -4.84 6.72
N ALA A 67 -4.50 -4.95 7.43
CA ALA A 67 -5.81 -4.45 6.98
C ALA A 67 -5.88 -2.90 6.90
N ALA A 68 -5.04 -2.20 7.67
CA ALA A 68 -4.86 -0.75 7.57
C ALA A 68 -3.84 -0.39 6.48
N ALA A 69 -2.72 -1.12 6.38
CA ALA A 69 -1.70 -0.91 5.35
C ALA A 69 -2.28 -1.05 3.93
N GLN A 70 -3.05 -2.12 3.66
CA GLN A 70 -3.71 -2.35 2.37
C GLN A 70 -4.68 -1.21 2.02
N ALA A 71 -5.45 -0.71 3.00
CA ALA A 71 -6.41 0.36 2.80
C ALA A 71 -5.69 1.66 2.40
N LEU A 72 -4.67 2.03 3.15
CA LEU A 72 -3.96 3.31 3.00
C LEU A 72 -3.08 3.34 1.74
N LEU A 73 -2.51 2.21 1.36
CA LEU A 73 -1.82 2.03 0.07
C LEU A 73 -2.79 2.10 -1.13
N ALA A 74 -4.03 1.60 -0.97
CA ALA A 74 -5.11 1.70 -1.96
C ALA A 74 -5.88 3.04 -1.95
N GLY A 75 -5.52 3.99 -1.06
CA GLY A 75 -6.12 5.32 -0.99
C GLY A 75 -7.50 5.40 -0.29
N ARG A 76 -7.83 4.42 0.57
CA ARG A 76 -9.09 4.31 1.34
C ARG A 76 -8.84 4.20 2.85
N THR A 77 -9.88 4.40 3.65
CA THR A 77 -9.79 4.35 5.12
C THR A 77 -9.63 2.92 5.66
N PRO A 78 -8.92 2.71 6.79
CA PRO A 78 -8.67 1.38 7.36
C PRO A 78 -9.93 0.53 7.58
N ALA A 79 -9.82 -0.76 7.23
CA ALA A 79 -10.88 -1.77 7.36
C ALA A 79 -12.24 -1.41 6.69
N ALA A 80 -12.22 -0.55 5.66
CA ALA A 80 -13.38 -0.12 4.88
C ALA A 80 -13.08 -0.07 3.36
N ALA A 81 -14.14 -0.02 2.55
CA ALA A 81 -14.07 0.11 1.09
C ALA A 81 -15.18 1.03 0.53
N PRO A 82 -14.90 1.84 -0.51
CA PRO A 82 -15.83 2.83 -1.05
C PRO A 82 -16.81 2.31 -2.13
N ARG A 83 -16.92 0.99 -2.27
CA ARG A 83 -17.73 0.27 -3.29
C ARG A 83 -18.65 -0.79 -2.67
N PRO A 84 -19.84 -1.08 -3.26
CA PRO A 84 -20.78 -2.09 -2.78
C PRO A 84 -20.26 -3.54 -2.97
N GLY A 1 -5.54 -1.47 -19.02
CA GLY A 1 -6.86 -1.31 -19.65
C GLY A 1 -7.89 -0.73 -18.68
N PRO A 2 -9.20 -1.00 -18.88
CA PRO A 2 -10.28 -0.51 -18.03
C PRO A 2 -10.21 -0.96 -16.57
N GLY A 3 -10.86 -0.20 -15.68
CA GLY A 3 -10.88 -0.43 -14.23
C GLY A 3 -9.61 0.02 -13.49
N SER A 4 -9.62 -0.09 -12.15
CA SER A 4 -8.52 0.30 -11.24
C SER A 4 -8.04 1.76 -11.38
N TYR A 5 -8.94 2.67 -11.78
CA TYR A 5 -8.64 4.07 -12.13
C TYR A 5 -9.70 5.07 -11.62
N THR A 6 -9.36 6.36 -11.64
CA THR A 6 -10.19 7.55 -11.29
C THR A 6 -10.80 7.58 -9.87
N GLY A 7 -10.37 6.69 -8.98
CA GLY A 7 -10.95 6.48 -7.63
C GLY A 7 -12.27 5.69 -7.63
N ALA A 8 -12.89 5.48 -8.80
CA ALA A 8 -14.01 4.55 -8.97
C ALA A 8 -13.53 3.09 -8.87
N GLY A 9 -12.37 2.80 -9.47
CA GLY A 9 -11.61 1.55 -9.27
C GLY A 9 -10.45 1.69 -8.28
N GLU A 10 -9.88 0.56 -7.87
CA GLU A 10 -8.80 0.41 -6.89
C GLU A 10 -7.84 -0.75 -7.25
N PRO A 11 -6.58 -0.75 -6.79
CA PRO A 11 -5.63 -1.84 -7.03
C PRO A 11 -5.99 -3.14 -6.28
N SER A 12 -5.48 -4.27 -6.76
CA SER A 12 -5.80 -5.62 -6.26
C SER A 12 -5.26 -5.88 -4.85
N GLN A 13 -6.15 -6.35 -3.95
CA GLN A 13 -5.79 -6.71 -2.56
C GLN A 13 -4.84 -7.90 -2.48
N ALA A 14 -4.86 -8.81 -3.46
CA ALA A 14 -3.98 -9.98 -3.53
C ALA A 14 -2.52 -9.60 -3.88
N ASP A 15 -2.33 -8.57 -4.71
CA ASP A 15 -1.01 -8.01 -5.05
C ASP A 15 -0.37 -7.29 -3.86
N LEU A 16 -1.21 -6.60 -3.07
CA LEU A 16 -0.83 -5.98 -1.81
C LEU A 16 -0.48 -7.04 -0.75
N ASP A 17 -1.33 -8.05 -0.56
CA ASP A 17 -1.12 -9.11 0.44
C ASP A 17 0.19 -9.89 0.22
N ALA A 18 0.54 -10.14 -1.05
CA ALA A 18 1.79 -10.81 -1.42
C ALA A 18 3.04 -9.94 -1.12
N LEU A 19 2.96 -8.64 -1.44
CA LEU A 19 4.02 -7.66 -1.16
C LEU A 19 4.22 -7.47 0.35
N LEU A 20 3.12 -7.33 1.09
CA LEU A 20 3.11 -7.08 2.53
C LEU A 20 3.67 -8.29 3.31
N SER A 21 3.29 -9.52 2.98
CA SER A 21 3.89 -10.72 3.59
C SER A 21 5.39 -10.82 3.33
N ALA A 22 5.87 -10.36 2.17
CA ALA A 22 7.30 -10.38 1.83
C ALA A 22 8.10 -9.34 2.65
N VAL A 23 7.54 -8.17 2.98
CA VAL A 23 8.24 -7.17 3.81
C VAL A 23 8.12 -7.46 5.31
N ARG A 24 7.01 -8.05 5.76
CA ARG A 24 6.81 -8.51 7.16
C ARG A 24 7.75 -9.67 7.52
N ASP A 25 8.14 -10.50 6.55
CA ASP A 25 9.16 -11.55 6.66
C ASP A 25 10.57 -11.08 6.22
N ASN A 26 10.74 -9.78 6.02
CA ASN A 26 11.96 -9.07 5.60
C ASN A 26 12.68 -9.65 4.37
N ARG A 27 11.90 -10.23 3.45
CA ARG A 27 12.31 -10.59 2.07
C ARG A 27 12.37 -9.36 1.15
N LEU A 28 11.48 -8.38 1.39
CA LEU A 28 11.28 -7.18 0.59
C LEU A 28 11.62 -5.93 1.44
N SER A 29 12.28 -4.93 0.87
CA SER A 29 12.65 -3.68 1.57
C SER A 29 11.53 -2.63 1.57
N ILE A 30 11.57 -1.70 2.54
CA ILE A 30 10.62 -0.58 2.68
C ILE A 30 10.52 0.25 1.40
N GLU A 31 11.66 0.68 0.84
CA GLU A 31 11.68 1.52 -0.37
C GLU A 31 11.43 0.74 -1.67
N GLN A 32 11.74 -0.56 -1.68
CA GLN A 32 11.37 -1.45 -2.77
C GLN A 32 9.86 -1.64 -2.84
N ALA A 33 9.18 -1.82 -1.70
CA ALA A 33 7.72 -1.94 -1.65
C ALA A 33 7.02 -0.66 -2.12
N VAL A 34 7.62 0.52 -1.94
CA VAL A 34 7.10 1.78 -2.47
C VAL A 34 7.36 1.90 -3.98
N THR A 35 8.54 1.50 -4.47
CA THR A 35 8.85 1.57 -5.91
C THR A 35 8.07 0.55 -6.76
N LEU A 36 7.62 -0.55 -6.16
CA LEU A 36 6.73 -1.54 -6.79
C LEU A 36 5.23 -1.18 -6.65
N LEU A 37 4.83 -0.44 -5.61
CA LEU A 37 3.48 0.13 -5.49
C LEU A 37 3.26 1.25 -6.53
N THR A 38 4.23 2.16 -6.65
CA THR A 38 4.22 3.31 -7.57
C THR A 38 4.34 2.83 -9.03
N PRO A 39 3.62 3.42 -10.00
CA PRO A 39 3.84 3.13 -11.42
C PRO A 39 5.27 3.48 -11.86
N ARG A 40 5.80 2.77 -12.88
CA ARG A 40 7.23 2.80 -13.25
C ARG A 40 7.72 4.12 -13.86
N ARG A 41 6.80 5.04 -14.18
CA ARG A 41 7.07 6.43 -14.62
C ARG A 41 6.94 7.48 -13.50
N GLY A 42 6.50 7.08 -12.30
CA GLY A 42 6.28 7.97 -11.14
C GLY A 42 7.54 8.38 -10.38
N GLY A 43 7.39 9.35 -9.47
CA GLY A 43 8.48 9.96 -8.69
C GLY A 43 8.85 9.23 -7.37
N GLY A 44 8.17 8.15 -7.02
CA GLY A 44 8.36 7.42 -5.75
C GLY A 44 7.74 8.15 -4.54
N SER A 45 8.38 8.03 -3.37
CA SER A 45 7.93 8.57 -2.08
C SER A 45 7.62 10.08 -2.10
N GLY A 46 6.46 10.47 -1.59
CA GLY A 46 6.03 11.87 -1.45
C GLY A 46 6.32 12.49 -0.07
N GLY A 47 6.31 13.83 -0.01
CA GLY A 47 6.52 14.61 1.22
C GLY A 47 5.27 14.82 2.10
N GLY A 48 4.09 14.44 1.61
CA GLY A 48 2.80 14.61 2.32
C GLY A 48 2.55 13.61 3.46
N SER A 49 1.42 13.78 4.15
CA SER A 49 0.94 12.86 5.20
C SER A 49 0.47 11.50 4.63
N MET A 50 0.60 10.45 5.45
CA MET A 50 0.32 9.04 5.11
C MET A 50 0.88 8.60 3.74
N ASP A 51 2.14 8.93 3.48
CA ASP A 51 2.89 8.40 2.32
C ASP A 51 3.14 6.89 2.44
N ALA A 52 3.27 6.20 1.30
CA ALA A 52 3.49 4.76 1.25
C ALA A 52 4.71 4.31 2.06
N LYS A 53 5.81 5.09 2.11
CA LYS A 53 7.00 4.71 2.91
C LYS A 53 6.73 4.79 4.41
N GLU A 54 6.00 5.79 4.87
CA GLU A 54 5.58 5.92 6.28
C GLU A 54 4.64 4.77 6.69
N ILE A 55 3.71 4.40 5.80
CA ILE A 55 2.81 3.26 5.98
C ILE A 55 3.61 1.95 6.05
N LEU A 56 4.56 1.71 5.13
CA LEU A 56 5.43 0.53 5.16
C LEU A 56 6.29 0.49 6.42
N THR A 57 6.91 1.62 6.82
CA THR A 57 7.71 1.70 8.04
C THR A 57 6.91 1.28 9.28
N ARG A 58 5.70 1.82 9.46
CA ARG A 58 4.80 1.46 10.58
C ARG A 58 4.28 0.01 10.49
N PHE A 59 4.05 -0.51 9.29
CA PHE A 59 3.61 -1.89 9.08
C PHE A 59 4.70 -2.91 9.42
N LYS A 60 5.95 -2.64 9.05
CA LYS A 60 7.10 -3.52 9.38
C LYS A 60 7.49 -3.44 10.87
N ASP A 61 7.31 -2.27 11.49
CA ASP A 61 7.49 -2.07 12.95
C ASP A 61 6.34 -2.69 13.79
N GLY A 62 5.21 -3.04 13.16
CA GLY A 62 4.03 -3.62 13.82
C GLY A 62 3.10 -2.59 14.48
N GLY A 63 3.34 -1.29 14.28
CA GLY A 63 2.49 -0.18 14.76
C GLY A 63 1.23 0.05 13.92
N LEU A 64 1.17 -0.51 12.71
CA LEU A 64 0.07 -0.41 11.74
C LEU A 64 -0.30 -1.81 11.21
N ASP A 65 -1.60 -2.11 11.12
CA ASP A 65 -2.12 -3.45 10.78
C ASP A 65 -2.26 -3.69 9.27
N ARG A 66 -2.30 -4.95 8.83
CA ARG A 66 -2.41 -5.33 7.41
C ARG A 66 -3.67 -4.74 6.74
N ALA A 67 -4.80 -4.71 7.43
CA ALA A 67 -6.04 -4.12 6.93
C ALA A 67 -5.92 -2.60 6.70
N ALA A 68 -5.22 -1.90 7.61
CA ALA A 68 -4.91 -0.48 7.47
C ALA A 68 -3.89 -0.22 6.34
N ALA A 69 -2.84 -1.05 6.21
CA ALA A 69 -1.87 -0.93 5.12
C ALA A 69 -2.54 -1.11 3.76
N GLN A 70 -3.35 -2.17 3.57
CA GLN A 70 -4.07 -2.43 2.32
C GLN A 70 -5.05 -1.29 1.97
N ALA A 71 -5.75 -0.70 2.96
CA ALA A 71 -6.62 0.45 2.75
C ALA A 71 -5.82 1.67 2.27
N LEU A 72 -4.84 2.11 3.06
CA LEU A 72 -4.10 3.35 2.86
C LEU A 72 -3.20 3.32 1.61
N LEU A 73 -2.59 2.17 1.29
CA LEU A 73 -1.80 1.98 0.07
C LEU A 73 -2.67 1.97 -1.20
N ALA A 74 -3.90 1.46 -1.11
CA ALA A 74 -4.91 1.51 -2.18
C ALA A 74 -5.66 2.85 -2.31
N GLY A 75 -5.37 3.83 -1.43
CA GLY A 75 -6.03 5.15 -1.43
C GLY A 75 -7.44 5.17 -0.82
N ARG A 76 -7.80 4.16 -0.02
CA ARG A 76 -9.07 4.03 0.70
C ARG A 76 -8.92 4.34 2.19
N THR A 77 -10.02 4.71 2.85
CA THR A 77 -10.13 4.80 4.31
C THR A 77 -10.46 3.45 4.94
N PRO A 78 -9.96 3.15 6.16
CA PRO A 78 -10.28 1.92 6.88
C PRO A 78 -11.69 1.96 7.51
N ALA A 79 -12.19 0.80 7.95
CA ALA A 79 -13.50 0.62 8.58
C ALA A 79 -13.44 -0.30 9.82
N ALA A 80 -14.44 -0.19 10.70
CA ALA A 80 -14.58 -0.97 11.95
C ALA A 80 -16.03 -1.43 12.19
N ALA A 81 -16.20 -2.38 13.12
CA ALA A 81 -17.48 -3.02 13.48
C ALA A 81 -18.32 -3.49 12.25
N PRO A 82 -17.82 -4.44 11.43
CA PRO A 82 -18.44 -4.86 10.17
C PRO A 82 -19.64 -5.85 10.33
N ARG A 83 -20.19 -5.96 11.54
CA ARG A 83 -21.22 -6.93 11.96
C ARG A 83 -22.20 -6.34 12.99
N PRO A 84 -23.46 -6.82 13.05
CA PRO A 84 -24.46 -6.37 14.04
C PRO A 84 -24.10 -6.78 15.49
N GLY A 1 -10.56 9.28 -18.68
CA GLY A 1 -9.89 8.20 -17.92
C GLY A 1 -9.86 6.88 -18.68
N PRO A 2 -9.29 5.81 -18.08
CA PRO A 2 -9.18 4.48 -18.70
C PRO A 2 -10.53 3.75 -18.82
N GLY A 3 -10.59 2.77 -19.71
CA GLY A 3 -11.78 1.95 -19.99
C GLY A 3 -11.66 1.24 -21.33
N SER A 4 -11.82 1.98 -22.43
CA SER A 4 -11.56 1.51 -23.81
C SER A 4 -10.05 1.43 -24.14
N TYR A 5 -9.22 2.13 -23.36
CA TYR A 5 -7.75 2.06 -23.39
C TYR A 5 -7.18 2.05 -21.94
N THR A 6 -5.92 1.66 -21.78
CA THR A 6 -5.24 1.51 -20.48
C THR A 6 -4.82 2.85 -19.84
N GLY A 7 -4.56 2.84 -18.53
CA GLY A 7 -4.14 3.99 -17.74
C GLY A 7 -3.88 3.65 -16.27
N ALA A 8 -3.63 4.66 -15.43
CA ALA A 8 -3.37 4.49 -14.00
C ALA A 8 -4.61 4.05 -13.19
N GLY A 9 -4.38 3.37 -12.07
CA GLY A 9 -5.43 2.84 -11.18
C GLY A 9 -4.87 2.16 -9.93
N GLU A 10 -5.76 1.65 -9.08
CA GLU A 10 -5.40 0.96 -7.82
C GLU A 10 -4.94 -0.51 -8.02
N PRO A 11 -4.04 -1.02 -7.16
CA PRO A 11 -3.72 -2.46 -7.10
C PRO A 11 -4.87 -3.26 -6.46
N SER A 12 -4.86 -4.58 -6.65
CA SER A 12 -5.72 -5.51 -5.90
C SER A 12 -5.21 -5.71 -4.46
N GLN A 13 -6.13 -6.06 -3.53
CA GLN A 13 -5.75 -6.57 -2.21
C GLN A 13 -4.84 -7.81 -2.29
N ALA A 14 -4.92 -8.59 -3.38
CA ALA A 14 -4.04 -9.73 -3.64
C ALA A 14 -2.61 -9.31 -4.04
N ASP A 15 -2.47 -8.18 -4.74
CA ASP A 15 -1.15 -7.59 -5.08
C ASP A 15 -0.48 -6.98 -3.85
N LEU A 16 -1.29 -6.33 -3.01
CA LEU A 16 -0.86 -5.73 -1.74
C LEU A 16 -0.41 -6.81 -0.75
N ASP A 17 -1.22 -7.84 -0.51
CA ASP A 17 -0.87 -8.93 0.41
C ASP A 17 0.42 -9.66 0.01
N ALA A 18 0.64 -9.88 -1.28
CA ALA A 18 1.85 -10.53 -1.80
C ALA A 18 3.12 -9.69 -1.52
N LEU A 19 3.01 -8.36 -1.67
CA LEU A 19 4.09 -7.41 -1.39
C LEU A 19 4.36 -7.30 0.13
N LEU A 20 3.29 -7.11 0.91
CA LEU A 20 3.33 -6.86 2.35
C LEU A 20 3.86 -8.07 3.14
N SER A 21 3.41 -9.28 2.79
CA SER A 21 3.85 -10.53 3.44
C SER A 21 5.34 -10.79 3.22
N ALA A 22 5.90 -10.34 2.10
CA ALA A 22 7.33 -10.45 1.80
C ALA A 22 8.18 -9.48 2.64
N VAL A 23 7.71 -8.25 2.92
CA VAL A 23 8.46 -7.29 3.74
C VAL A 23 8.37 -7.58 5.23
N ARG A 24 7.24 -8.10 5.72
CA ARG A 24 7.11 -8.58 7.12
C ARG A 24 7.92 -9.86 7.41
N ASP A 25 8.32 -10.60 6.39
CA ASP A 25 9.21 -11.77 6.48
C ASP A 25 10.68 -11.43 6.12
N ASN A 26 11.00 -10.14 5.97
CA ASN A 26 12.34 -9.61 5.60
C ASN A 26 12.87 -10.10 4.23
N ARG A 27 11.99 -10.56 3.33
CA ARG A 27 12.33 -10.90 1.93
C ARG A 27 12.37 -9.66 1.04
N LEU A 28 11.60 -8.63 1.40
CA LEU A 28 11.47 -7.34 0.70
C LEU A 28 11.77 -6.19 1.68
N SER A 29 12.11 -4.99 1.17
CA SER A 29 12.48 -3.79 1.95
C SER A 29 11.49 -2.64 1.75
N ILE A 30 11.45 -1.69 2.71
CA ILE A 30 10.55 -0.52 2.69
C ILE A 30 10.64 0.23 1.35
N GLU A 31 11.85 0.58 0.91
CA GLU A 31 12.05 1.36 -0.32
C GLU A 31 11.84 0.55 -1.61
N GLN A 32 12.10 -0.77 -1.55
CA GLN A 32 11.88 -1.70 -2.65
C GLN A 32 10.38 -2.04 -2.83
N ALA A 33 9.58 -1.93 -1.77
CA ALA A 33 8.13 -2.08 -1.85
C ALA A 33 7.46 -0.81 -2.43
N VAL A 34 7.95 0.39 -2.06
CA VAL A 34 7.41 1.68 -2.52
C VAL A 34 7.68 1.86 -4.02
N THR A 35 8.88 1.50 -4.50
CA THR A 35 9.25 1.70 -5.91
C THR A 35 8.44 0.82 -6.88
N LEU A 36 7.95 -0.34 -6.41
CA LEU A 36 7.09 -1.25 -7.17
C LEU A 36 5.60 -0.88 -7.07
N LEU A 37 5.17 -0.35 -5.91
CA LEU A 37 3.77 0.01 -5.63
C LEU A 37 3.35 1.35 -6.27
N THR A 38 4.25 2.32 -6.35
CA THR A 38 3.98 3.66 -6.90
C THR A 38 3.66 3.60 -8.41
N PRO A 39 2.53 4.14 -8.90
CA PRO A 39 2.16 4.10 -10.31
C PRO A 39 3.01 5.06 -11.17
N ARG A 40 3.34 4.64 -12.40
CA ARG A 40 4.21 5.41 -13.32
C ARG A 40 3.48 6.49 -14.13
N ARG A 41 2.15 6.39 -14.25
CA ARG A 41 1.27 7.32 -15.00
C ARG A 41 0.41 8.23 -14.11
N GLY A 42 0.46 8.07 -12.78
CA GLY A 42 -0.25 8.93 -11.83
C GLY A 42 0.34 10.35 -11.74
N GLY A 43 -0.53 11.37 -11.79
CA GLY A 43 -0.15 12.79 -11.66
C GLY A 43 0.08 13.24 -10.21
N GLY A 44 0.83 14.32 -10.02
CA GLY A 44 1.04 14.97 -8.71
C GLY A 44 -0.15 15.84 -8.31
N SER A 45 -0.86 15.48 -7.24
CA SER A 45 -2.06 16.16 -6.73
C SER A 45 -2.31 15.89 -5.23
N GLY A 46 -3.24 16.65 -4.64
CA GLY A 46 -3.68 16.52 -3.25
C GLY A 46 -2.75 17.18 -2.21
N GLY A 47 -3.18 17.16 -0.95
CA GLY A 47 -2.51 17.82 0.19
C GLY A 47 -1.40 17.00 0.86
N GLY A 48 -1.01 15.86 0.29
CA GLY A 48 -0.05 14.92 0.88
C GLY A 48 -0.64 14.04 2.00
N SER A 49 0.22 13.57 2.92
CA SER A 49 -0.05 12.50 3.91
C SER A 49 -0.42 11.13 3.27
N MET A 50 -0.46 10.08 4.10
CA MET A 50 -0.60 8.67 3.71
C MET A 50 0.40 8.24 2.61
N ASP A 51 1.66 8.64 2.78
CA ASP A 51 2.76 8.22 1.89
C ASP A 51 3.12 6.75 2.10
N ALA A 52 3.43 6.03 1.02
CA ALA A 52 3.65 4.59 1.04
C ALA A 52 4.86 4.19 1.92
N LYS A 53 5.91 5.02 1.95
CA LYS A 53 7.11 4.81 2.79
C LYS A 53 6.72 4.76 4.26
N GLU A 54 6.00 5.77 4.74
CA GLU A 54 5.53 5.87 6.13
C GLU A 54 4.58 4.70 6.49
N ILE A 55 3.69 4.31 5.59
CA ILE A 55 2.77 3.18 5.78
C ILE A 55 3.55 1.86 5.93
N LEU A 56 4.49 1.57 5.03
CA LEU A 56 5.35 0.40 5.15
C LEU A 56 6.22 0.43 6.40
N THR A 57 6.73 1.61 6.80
CA THR A 57 7.56 1.77 8.01
C THR A 57 6.76 1.41 9.28
N ARG A 58 5.51 1.89 9.41
CA ARG A 58 4.64 1.50 10.53
C ARG A 58 4.23 0.02 10.48
N PHE A 59 3.87 -0.48 9.30
CA PHE A 59 3.47 -1.88 9.10
C PHE A 59 4.59 -2.86 9.47
N LYS A 60 5.83 -2.58 9.05
CA LYS A 60 6.97 -3.44 9.33
C LYS A 60 7.38 -3.41 10.82
N ASP A 61 7.22 -2.26 11.47
CA ASP A 61 7.48 -2.07 12.91
C ASP A 61 6.35 -2.65 13.81
N GLY A 62 5.21 -3.05 13.23
CA GLY A 62 4.03 -3.54 13.96
C GLY A 62 3.13 -2.44 14.54
N GLY A 63 3.37 -1.18 14.16
CA GLY A 63 2.58 0.00 14.53
C GLY A 63 1.33 0.25 13.65
N LEU A 64 1.08 -0.64 12.68
CA LEU A 64 -0.07 -0.63 11.76
C LEU A 64 -0.49 -2.06 11.41
N ASP A 65 -1.79 -2.35 11.36
CA ASP A 65 -2.31 -3.67 10.97
C ASP A 65 -2.25 -3.87 9.44
N ARG A 66 -2.36 -5.12 8.97
CA ARG A 66 -2.42 -5.46 7.53
C ARG A 66 -3.64 -4.84 6.85
N ALA A 67 -4.81 -4.88 7.52
CA ALA A 67 -6.04 -4.28 6.99
C ALA A 67 -5.92 -2.75 6.85
N ALA A 68 -5.24 -2.10 7.81
CA ALA A 68 -4.98 -0.67 7.76
C ALA A 68 -3.92 -0.29 6.72
N ALA A 69 -2.85 -1.08 6.59
CA ALA A 69 -1.81 -0.89 5.57
C ALA A 69 -2.39 -1.01 4.14
N GLN A 70 -3.17 -2.06 3.88
CA GLN A 70 -3.85 -2.24 2.59
C GLN A 70 -4.81 -1.08 2.29
N ALA A 71 -5.58 -0.63 3.29
CA ALA A 71 -6.50 0.50 3.15
C ALA A 71 -5.78 1.80 2.78
N LEU A 72 -4.77 2.20 3.56
CA LEU A 72 -4.01 3.44 3.38
C LEU A 72 -3.21 3.46 2.06
N LEU A 73 -2.68 2.31 1.62
CA LEU A 73 -2.03 2.16 0.30
C LEU A 73 -3.02 2.25 -0.86
N ALA A 74 -4.24 1.75 -0.69
CA ALA A 74 -5.35 1.84 -1.65
C ALA A 74 -6.12 3.18 -1.59
N GLY A 75 -5.77 4.11 -0.68
CA GLY A 75 -6.40 5.43 -0.54
C GLY A 75 -7.76 5.46 0.18
N ARG A 76 -8.03 4.46 1.03
CA ARG A 76 -9.27 4.30 1.84
C ARG A 76 -8.96 4.23 3.34
N THR A 77 -9.99 4.37 4.18
CA THR A 77 -9.89 4.22 5.64
C THR A 77 -9.87 2.74 6.09
N PRO A 78 -9.22 2.39 7.22
CA PRO A 78 -9.09 1.00 7.70
C PRO A 78 -10.41 0.25 7.88
N ALA A 79 -10.39 -1.05 7.59
CA ALA A 79 -11.53 -1.97 7.75
C ALA A 79 -11.65 -2.53 9.19
N ALA A 80 -12.82 -3.10 9.51
CA ALA A 80 -13.14 -3.74 10.79
C ALA A 80 -14.06 -4.96 10.61
N ALA A 81 -14.05 -5.89 11.57
CA ALA A 81 -14.97 -7.03 11.60
C ALA A 81 -16.36 -6.62 12.15
N PRO A 82 -17.48 -6.96 11.49
CA PRO A 82 -18.85 -6.61 11.91
C PRO A 82 -19.39 -7.55 13.03
N ARG A 83 -18.55 -7.90 14.00
CA ARG A 83 -18.86 -8.80 15.13
C ARG A 83 -19.72 -8.13 16.22
N PRO A 84 -20.38 -8.91 17.10
CA PRO A 84 -20.91 -8.42 18.38
C PRO A 84 -19.83 -7.73 19.27
N GLY A 1 -3.37 10.69 -29.98
CA GLY A 1 -3.44 9.27 -30.44
C GLY A 1 -4.22 8.40 -29.47
N PRO A 2 -4.08 7.06 -29.57
CA PRO A 2 -4.80 6.09 -28.73
C PRO A 2 -4.54 6.26 -27.22
N GLY A 3 -5.55 5.93 -26.41
CA GLY A 3 -5.51 5.97 -24.94
C GLY A 3 -5.03 4.65 -24.31
N SER A 4 -5.39 4.46 -23.03
CA SER A 4 -5.24 3.20 -22.29
C SER A 4 -6.61 2.61 -21.93
N TYR A 5 -6.76 1.29 -22.05
CA TYR A 5 -8.06 0.60 -22.08
C TYR A 5 -8.13 -0.52 -21.03
N THR A 6 -8.92 -0.42 -19.94
CA THR A 6 -9.82 0.69 -19.57
C THR A 6 -9.82 0.91 -18.05
N GLY A 7 -9.93 2.17 -17.61
CA GLY A 7 -9.84 2.58 -16.19
C GLY A 7 -8.42 2.81 -15.71
N ALA A 8 -8.28 3.44 -14.53
CA ALA A 8 -6.99 3.77 -13.92
C ALA A 8 -6.26 2.53 -13.34
N GLY A 9 -4.93 2.56 -13.35
CA GLY A 9 -4.09 1.49 -12.79
C GLY A 9 -4.04 1.54 -11.26
N GLU A 10 -4.55 0.51 -10.59
CA GLU A 10 -4.59 0.36 -9.12
C GLU A 10 -4.31 -1.10 -8.71
N PRO A 11 -3.59 -1.36 -7.59
CA PRO A 11 -3.29 -2.71 -7.12
C PRO A 11 -4.52 -3.41 -6.51
N SER A 12 -4.59 -4.74 -6.63
CA SER A 12 -5.52 -5.58 -5.88
C SER A 12 -5.11 -5.68 -4.40
N GLN A 13 -6.08 -5.91 -3.51
CA GLN A 13 -5.82 -6.32 -2.12
C GLN A 13 -4.93 -7.57 -2.04
N ALA A 14 -4.98 -8.45 -3.06
CA ALA A 14 -4.15 -9.65 -3.15
C ALA A 14 -2.70 -9.36 -3.62
N ASP A 15 -2.51 -8.35 -4.46
CA ASP A 15 -1.16 -7.86 -4.84
C ASP A 15 -0.45 -7.22 -3.63
N LEU A 16 -1.22 -6.47 -2.85
CA LEU A 16 -0.77 -5.88 -1.58
C LEU A 16 -0.47 -6.97 -0.55
N ASP A 17 -1.36 -7.95 -0.34
CA ASP A 17 -1.15 -9.03 0.63
C ASP A 17 0.13 -9.85 0.38
N ALA A 18 0.46 -10.10 -0.89
CA ALA A 18 1.67 -10.81 -1.30
C ALA A 18 2.94 -9.97 -1.01
N LEU A 19 2.92 -8.68 -1.35
CA LEU A 19 4.00 -7.72 -1.14
C LEU A 19 4.24 -7.41 0.35
N LEU A 20 3.18 -7.38 1.16
CA LEU A 20 3.21 -7.18 2.62
C LEU A 20 3.77 -8.40 3.36
N SER A 21 3.42 -9.63 2.97
CA SER A 21 4.08 -10.83 3.50
C SER A 21 5.57 -10.88 3.15
N ALA A 22 5.98 -10.36 1.99
CA ALA A 22 7.37 -10.36 1.57
C ALA A 22 8.22 -9.37 2.38
N VAL A 23 7.67 -8.23 2.83
CA VAL A 23 8.41 -7.29 3.71
C VAL A 23 8.35 -7.73 5.18
N ARG A 24 7.25 -8.36 5.62
CA ARG A 24 7.11 -8.92 6.98
C ARG A 24 8.07 -10.08 7.24
N ASP A 25 8.38 -10.87 6.21
CA ASP A 25 9.40 -11.93 6.25
C ASP A 25 10.82 -11.43 5.88
N ASN A 26 11.00 -10.11 5.76
CA ASN A 26 12.27 -9.42 5.48
C ASN A 26 12.93 -9.80 4.14
N ARG A 27 12.12 -10.23 3.15
CA ARG A 27 12.55 -10.49 1.76
C ARG A 27 12.48 -9.23 0.89
N LEU A 28 11.52 -8.33 1.17
CA LEU A 28 11.27 -7.09 0.41
C LEU A 28 11.64 -5.86 1.27
N SER A 29 12.27 -4.85 0.67
CA SER A 29 12.70 -3.61 1.37
C SER A 29 11.59 -2.55 1.39
N ILE A 30 11.62 -1.64 2.36
CA ILE A 30 10.63 -0.55 2.51
C ILE A 30 10.53 0.30 1.24
N GLU A 31 11.66 0.74 0.67
CA GLU A 31 11.65 1.57 -0.54
C GLU A 31 11.35 0.77 -1.83
N GLN A 32 11.65 -0.54 -1.85
CA GLN A 32 11.27 -1.41 -2.96
C GLN A 32 9.75 -1.64 -2.94
N ALA A 33 9.13 -1.81 -1.77
CA ALA A 33 7.68 -1.91 -1.64
C ALA A 33 6.94 -0.62 -2.08
N VAL A 34 7.59 0.55 -1.98
CA VAL A 34 7.08 1.82 -2.51
C VAL A 34 7.28 1.89 -4.03
N THR A 35 8.44 1.50 -4.57
CA THR A 35 8.70 1.60 -6.01
C THR A 35 7.87 0.61 -6.84
N LEU A 36 7.47 -0.52 -6.24
CA LEU A 36 6.54 -1.49 -6.81
C LEU A 36 5.06 -1.10 -6.64
N LEU A 37 4.72 -0.27 -5.64
CA LEU A 37 3.40 0.35 -5.50
C LEU A 37 3.23 1.48 -6.54
N THR A 38 4.20 2.38 -6.61
CA THR A 38 4.17 3.66 -7.36
C THR A 38 5.54 3.96 -7.98
N PRO A 39 5.65 4.14 -9.32
CA PRO A 39 6.88 4.61 -9.97
C PRO A 39 7.26 6.05 -9.55
N ARG A 40 8.10 6.17 -8.52
CA ARG A 40 8.45 7.46 -7.88
C ARG A 40 9.40 8.31 -8.72
N ARG A 41 9.23 9.64 -8.67
CA ARG A 41 10.01 10.67 -9.41
C ARG A 41 10.68 11.71 -8.51
N GLY A 42 10.45 11.66 -7.19
CA GLY A 42 10.96 12.63 -6.21
C GLY A 42 12.46 12.52 -5.93
N GLY A 43 13.00 13.52 -5.21
CA GLY A 43 14.40 13.58 -4.78
C GLY A 43 14.69 14.77 -3.86
N GLY A 44 15.85 14.74 -3.20
CA GLY A 44 16.25 15.75 -2.20
C GLY A 44 15.41 15.72 -0.91
N SER A 45 15.47 16.80 -0.14
CA SER A 45 14.75 16.95 1.14
C SER A 45 13.22 17.08 0.95
N GLY A 46 12.46 16.36 1.77
CA GLY A 46 10.99 16.36 1.77
C GLY A 46 10.37 15.22 2.61
N GLY A 47 9.05 15.21 2.74
CA GLY A 47 8.28 14.19 3.45
C GLY A 47 6.80 14.56 3.68
N GLY A 48 6.06 13.64 4.30
CA GLY A 48 4.64 13.82 4.66
C GLY A 48 4.05 12.63 5.41
N SER A 49 2.98 12.87 6.18
CA SER A 49 2.29 11.84 6.97
C SER A 49 1.51 10.87 6.08
N MET A 50 1.59 9.57 6.38
CA MET A 50 1.00 8.47 5.61
C MET A 50 1.29 8.53 4.10
N ASP A 51 2.54 8.85 3.75
CA ASP A 51 3.14 8.42 2.47
C ASP A 51 3.33 6.88 2.48
N ALA A 52 3.39 6.24 1.31
CA ALA A 52 3.60 4.79 1.19
C ALA A 52 4.85 4.30 1.95
N LYS A 53 5.93 5.10 1.99
CA LYS A 53 7.15 4.78 2.76
C LYS A 53 6.84 4.68 4.24
N GLU A 54 6.17 5.70 4.80
CA GLU A 54 5.78 5.75 6.21
C GLU A 54 4.77 4.64 6.55
N ILE A 55 3.82 4.34 5.67
CA ILE A 55 2.83 3.25 5.84
C ILE A 55 3.53 1.88 5.91
N LEU A 56 4.51 1.64 5.04
CA LEU A 56 5.38 0.46 5.11
C LEU A 56 6.20 0.41 6.40
N THR A 57 6.74 1.55 6.85
CA THR A 57 7.55 1.64 8.08
C THR A 57 6.70 1.33 9.31
N ARG A 58 5.48 1.87 9.40
CA ARG A 58 4.49 1.58 10.46
C ARG A 58 4.08 0.11 10.47
N PHE A 59 3.84 -0.49 9.30
CA PHE A 59 3.49 -1.90 9.17
C PHE A 59 4.64 -2.83 9.58
N LYS A 60 5.88 -2.55 9.15
CA LYS A 60 7.03 -3.40 9.47
C LYS A 60 7.43 -3.32 10.95
N ASP A 61 7.24 -2.16 11.58
CA ASP A 61 7.43 -1.94 13.02
C ASP A 61 6.31 -2.56 13.89
N GLY A 62 5.17 -2.95 13.28
CA GLY A 62 4.00 -3.51 13.97
C GLY A 62 3.07 -2.45 14.59
N GLY A 63 3.25 -1.17 14.24
CA GLY A 63 2.35 -0.06 14.61
C GLY A 63 1.08 0.04 13.76
N LEU A 64 0.97 -0.79 12.70
CA LEU A 64 -0.15 -0.81 11.75
C LEU A 64 -0.58 -2.25 11.45
N ASP A 65 -1.88 -2.52 11.42
CA ASP A 65 -2.45 -3.81 10.99
C ASP A 65 -2.43 -3.97 9.47
N ARG A 66 -2.42 -5.21 8.97
CA ARG A 66 -2.39 -5.48 7.51
C ARG A 66 -3.61 -4.90 6.78
N ALA A 67 -4.80 -4.98 7.37
CA ALA A 67 -6.02 -4.41 6.82
C ALA A 67 -5.92 -2.88 6.63
N ALA A 68 -5.32 -2.18 7.60
CA ALA A 68 -5.05 -0.74 7.51
C ALA A 68 -3.92 -0.42 6.51
N ALA A 69 -2.86 -1.24 6.46
CA ALA A 69 -1.78 -1.10 5.47
C ALA A 69 -2.31 -1.22 4.03
N GLN A 70 -3.14 -2.23 3.74
CA GLN A 70 -3.80 -2.39 2.43
C GLN A 70 -4.69 -1.19 2.07
N ALA A 71 -5.49 -0.68 3.02
CA ALA A 71 -6.36 0.48 2.83
C ALA A 71 -5.55 1.75 2.48
N LEU A 72 -4.54 2.07 3.29
CA LEU A 72 -3.73 3.29 3.19
C LEU A 72 -2.80 3.26 1.97
N LEU A 73 -2.25 2.11 1.59
CA LEU A 73 -1.47 1.94 0.35
C LEU A 73 -2.34 2.08 -0.91
N ALA A 74 -3.60 1.64 -0.85
CA ALA A 74 -4.61 1.87 -1.89
C ALA A 74 -5.22 3.31 -1.85
N GLY A 75 -4.79 4.16 -0.92
CA GLY A 75 -5.24 5.56 -0.77
C GLY A 75 -6.63 5.75 -0.14
N ARG A 76 -7.28 4.66 0.32
CA ARG A 76 -8.60 4.66 0.97
C ARG A 76 -8.50 4.86 2.48
N THR A 77 -9.55 5.39 3.10
CA THR A 77 -9.80 5.25 4.55
C THR A 77 -10.37 3.86 4.88
N PRO A 78 -10.02 3.23 6.03
CA PRO A 78 -10.67 2.01 6.52
C PRO A 78 -12.18 2.18 6.80
N ALA A 79 -12.90 1.07 6.88
CA ALA A 79 -14.35 1.02 7.15
C ALA A 79 -14.73 -0.13 8.12
N ALA A 80 -15.89 0.02 8.77
CA ALA A 80 -16.47 -0.98 9.68
C ALA A 80 -17.00 -2.23 8.94
N ALA A 81 -17.23 -3.31 9.68
CA ALA A 81 -17.87 -4.55 9.21
C ALA A 81 -19.16 -4.86 10.01
N PRO A 82 -20.22 -5.37 9.37
CA PRO A 82 -21.50 -5.73 10.02
C PRO A 82 -21.41 -7.09 10.75
N ARG A 83 -20.62 -7.13 11.83
CA ARG A 83 -20.30 -8.33 12.63
C ARG A 83 -20.37 -8.00 14.13
N PRO A 84 -21.00 -8.84 14.99
CA PRO A 84 -21.00 -8.65 16.45
C PRO A 84 -19.58 -8.80 17.07
N GLY A 1 -10.69 10.14 -33.75
CA GLY A 1 -10.39 8.71 -33.97
C GLY A 1 -11.35 7.79 -33.22
N PRO A 2 -10.98 6.51 -32.99
CA PRO A 2 -11.84 5.50 -32.35
C PRO A 2 -12.17 5.73 -30.87
N GLY A 3 -11.40 6.58 -30.18
CA GLY A 3 -11.53 6.85 -28.74
C GLY A 3 -10.77 5.86 -27.85
N SER A 4 -10.82 6.09 -26.53
CA SER A 4 -10.04 5.35 -25.52
C SER A 4 -10.50 3.90 -25.32
N TYR A 5 -9.58 3.05 -24.86
CA TYR A 5 -9.83 1.66 -24.44
C TYR A 5 -9.04 1.32 -23.16
N THR A 6 -9.65 0.57 -22.24
CA THR A 6 -9.13 0.30 -20.88
C THR A 6 -9.38 -1.14 -20.43
N GLY A 7 -8.66 -1.59 -19.38
CA GLY A 7 -8.80 -2.92 -18.78
C GLY A 7 -7.98 -3.09 -17.50
N ALA A 8 -8.12 -4.25 -16.86
CA ALA A 8 -7.47 -4.72 -15.61
C ALA A 8 -7.68 -3.91 -14.31
N GLY A 9 -7.88 -2.60 -14.37
CA GLY A 9 -8.07 -1.70 -13.21
C GLY A 9 -6.80 -1.48 -12.37
N GLU A 10 -6.96 -0.90 -11.17
CA GLU A 10 -5.88 -0.61 -10.23
C GLU A 10 -5.39 -1.86 -9.44
N PRO A 11 -4.18 -1.84 -8.85
CA PRO A 11 -3.67 -2.98 -8.07
C PRO A 11 -4.55 -3.36 -6.87
N SER A 12 -4.82 -4.66 -6.72
CA SER A 12 -5.78 -5.21 -5.76
C SER A 12 -5.25 -5.32 -4.33
N GLN A 13 -6.17 -5.51 -3.37
CA GLN A 13 -5.84 -5.92 -2.00
C GLN A 13 -5.05 -7.25 -1.95
N ALA A 14 -5.19 -8.10 -2.97
CA ALA A 14 -4.46 -9.37 -3.08
C ALA A 14 -3.03 -9.20 -3.63
N ASP A 15 -2.81 -8.25 -4.53
CA ASP A 15 -1.48 -7.84 -5.00
C ASP A 15 -0.66 -7.17 -3.87
N LEU A 16 -1.35 -6.41 -3.02
CA LEU A 16 -0.82 -5.87 -1.78
C LEU A 16 -0.50 -6.99 -0.78
N ASP A 17 -1.43 -7.92 -0.53
CA ASP A 17 -1.24 -9.02 0.42
C ASP A 17 -0.03 -9.91 0.08
N ALA A 18 0.21 -10.15 -1.21
CA ALA A 18 1.36 -10.93 -1.69
C ALA A 18 2.70 -10.23 -1.41
N LEU A 19 2.74 -8.91 -1.57
CA LEU A 19 3.94 -8.09 -1.38
C LEU A 19 4.22 -7.83 0.11
N LEU A 20 3.18 -7.61 0.91
CA LEU A 20 3.27 -7.33 2.36
C LEU A 20 3.87 -8.52 3.13
N SER A 21 3.56 -9.77 2.76
CA SER A 21 4.20 -10.96 3.35
C SER A 21 5.70 -11.00 3.14
N ALA A 22 6.19 -10.48 1.99
CA ALA A 22 7.61 -10.47 1.67
C ALA A 22 8.39 -9.43 2.50
N VAL A 23 7.77 -8.29 2.83
CA VAL A 23 8.40 -7.26 3.70
C VAL A 23 8.24 -7.61 5.18
N ARG A 24 7.13 -8.26 5.58
CA ARG A 24 6.91 -8.78 6.94
C ARG A 24 7.95 -9.84 7.33
N ASP A 25 8.44 -10.63 6.36
CA ASP A 25 9.50 -11.64 6.53
C ASP A 25 10.91 -11.12 6.12
N ASN A 26 11.07 -9.79 5.98
CA ASN A 26 12.30 -9.09 5.63
C ASN A 26 13.00 -9.52 4.33
N ARG A 27 12.23 -10.08 3.38
CA ARG A 27 12.69 -10.41 2.02
C ARG A 27 12.63 -9.21 1.06
N LEU A 28 11.74 -8.24 1.35
CA LEU A 28 11.46 -7.06 0.52
C LEU A 28 11.71 -5.79 1.35
N SER A 29 12.38 -4.79 0.79
CA SER A 29 12.73 -3.53 1.49
C SER A 29 11.60 -2.49 1.48
N ILE A 30 11.60 -1.55 2.43
CA ILE A 30 10.61 -0.45 2.51
C ILE A 30 10.57 0.36 1.21
N GLU A 31 11.72 0.79 0.69
CA GLU A 31 11.81 1.61 -0.54
C GLU A 31 11.46 0.81 -1.81
N GLN A 32 11.77 -0.50 -1.83
CA GLN A 32 11.39 -1.42 -2.90
C GLN A 32 9.87 -1.61 -2.94
N ALA A 33 9.23 -1.78 -1.78
CA ALA A 33 7.78 -1.93 -1.68
C ALA A 33 7.03 -0.65 -2.11
N VAL A 34 7.64 0.53 -1.99
CA VAL A 34 7.08 1.79 -2.49
C VAL A 34 7.25 1.92 -4.02
N THR A 35 8.38 1.47 -4.59
CA THR A 35 8.63 1.58 -6.03
C THR A 35 7.83 0.55 -6.86
N LEU A 36 7.52 -0.62 -6.28
CA LEU A 36 6.68 -1.66 -6.90
C LEU A 36 5.16 -1.39 -6.76
N LEU A 37 4.75 -0.52 -5.83
CA LEU A 37 3.34 -0.22 -5.51
C LEU A 37 2.64 0.64 -6.57
N THR A 38 3.33 1.66 -7.10
CA THR A 38 2.73 2.81 -7.81
C THR A 38 1.63 3.47 -6.94
N PRO A 39 2.00 4.20 -5.87
CA PRO A 39 1.04 4.74 -4.89
C PRO A 39 0.01 5.70 -5.50
N ARG A 40 -1.25 5.57 -5.06
CA ARG A 40 -2.38 6.40 -5.50
C ARG A 40 -2.71 7.56 -4.56
N ARG A 41 -2.14 7.55 -3.33
CA ARG A 41 -2.27 8.54 -2.23
C ARG A 41 -3.69 8.73 -1.66
N GLY A 42 -4.67 9.00 -2.52
CA GLY A 42 -6.11 9.05 -2.22
C GLY A 42 -6.49 10.00 -1.08
N GLY A 43 -7.34 9.54 -0.16
CA GLY A 43 -7.90 10.36 0.92
C GLY A 43 -8.75 11.52 0.39
N GLY A 44 -8.56 12.72 0.96
CA GLY A 44 -9.14 13.98 0.48
C GLY A 44 -8.41 14.57 -0.74
N SER A 45 -8.10 13.74 -1.74
CA SER A 45 -7.23 14.05 -2.89
C SER A 45 -5.86 14.60 -2.44
N GLY A 46 -5.20 13.85 -1.55
CA GLY A 46 -4.03 14.25 -0.77
C GLY A 46 -4.36 14.53 0.70
N GLY A 47 -3.38 15.07 1.44
CA GLY A 47 -3.50 15.37 2.87
C GLY A 47 -3.44 14.14 3.80
N GLY A 48 -3.72 14.36 5.09
CA GLY A 48 -3.74 13.32 6.13
C GLY A 48 -2.37 12.71 6.50
N SER A 49 -1.27 13.28 6.01
CA SER A 49 0.12 12.79 6.16
C SER A 49 0.33 11.31 5.76
N MET A 50 -0.40 10.85 4.74
CA MET A 50 -0.33 9.51 4.19
C MET A 50 0.70 9.45 3.05
N ASP A 51 1.76 8.66 3.24
CA ASP A 51 2.74 8.28 2.20
C ASP A 51 3.15 6.81 2.39
N ALA A 52 3.37 6.11 1.27
CA ALA A 52 3.61 4.67 1.25
C ALA A 52 4.88 4.26 2.03
N LYS A 53 5.91 5.12 2.09
CA LYS A 53 7.13 4.87 2.88
C LYS A 53 6.78 4.78 4.38
N GLU A 54 6.09 5.79 4.89
CA GLU A 54 5.64 5.85 6.28
C GLU A 54 4.69 4.68 6.62
N ILE A 55 3.77 4.36 5.70
CA ILE A 55 2.82 3.24 5.86
C ILE A 55 3.55 1.90 5.96
N LEU A 56 4.52 1.62 5.07
CA LEU A 56 5.36 0.40 5.15
C LEU A 56 6.20 0.39 6.43
N THR A 57 6.76 1.55 6.84
CA THR A 57 7.60 1.66 8.05
C THR A 57 6.79 1.30 9.31
N ARG A 58 5.55 1.81 9.44
CA ARG A 58 4.65 1.45 10.56
C ARG A 58 4.18 -0.01 10.50
N PHE A 59 3.84 -0.53 9.30
CA PHE A 59 3.45 -1.94 9.13
C PHE A 59 4.59 -2.89 9.54
N LYS A 60 5.83 -2.61 9.14
CA LYS A 60 6.99 -3.45 9.47
C LYS A 60 7.35 -3.37 10.97
N ASP A 61 7.23 -2.18 11.57
CA ASP A 61 7.43 -1.97 13.01
C ASP A 61 6.30 -2.55 13.90
N GLY A 62 5.12 -2.84 13.32
CA GLY A 62 3.93 -3.32 14.03
C GLY A 62 3.04 -2.21 14.60
N GLY A 63 3.30 -0.93 14.24
CA GLY A 63 2.49 0.24 14.58
C GLY A 63 1.26 0.46 13.68
N LEU A 64 1.02 -0.44 12.72
CA LEU A 64 -0.12 -0.42 11.79
C LEU A 64 -0.62 -1.85 11.51
N ASP A 65 -1.93 -2.05 11.45
CA ASP A 65 -2.55 -3.34 11.08
C ASP A 65 -2.43 -3.64 9.58
N ARG A 66 -2.43 -4.92 9.19
CA ARG A 66 -2.36 -5.35 7.78
C ARG A 66 -3.53 -4.81 6.94
N ALA A 67 -4.73 -4.83 7.51
CA ALA A 67 -5.94 -4.26 6.91
C ALA A 67 -5.82 -2.74 6.67
N ALA A 68 -5.27 -2.01 7.65
CA ALA A 68 -5.02 -0.58 7.52
C ALA A 68 -3.92 -0.28 6.49
N ALA A 69 -2.85 -1.08 6.44
CA ALA A 69 -1.80 -0.94 5.43
C ALA A 69 -2.36 -1.12 4.01
N GLN A 70 -3.14 -2.17 3.75
CA GLN A 70 -3.78 -2.39 2.44
C GLN A 70 -4.73 -1.25 2.04
N ALA A 71 -5.49 -0.70 2.99
CA ALA A 71 -6.35 0.47 2.77
C ALA A 71 -5.54 1.72 2.39
N LEU A 72 -4.58 2.10 3.23
CA LEU A 72 -3.80 3.34 3.10
C LEU A 72 -2.83 3.31 1.90
N LEU A 73 -2.30 2.14 1.51
CA LEU A 73 -1.47 1.99 0.31
C LEU A 73 -2.25 2.16 -1.01
N ALA A 74 -3.51 1.72 -1.01
CA ALA A 74 -4.46 2.02 -2.08
C ALA A 74 -5.04 3.46 -2.00
N GLY A 75 -4.81 4.17 -0.90
CA GLY A 75 -5.33 5.53 -0.65
C GLY A 75 -6.78 5.59 -0.17
N ARG A 76 -7.35 4.49 0.32
CA ARG A 76 -8.71 4.42 0.90
C ARG A 76 -8.67 4.52 2.44
N THR A 77 -9.76 4.94 3.06
CA THR A 77 -9.92 4.90 4.52
C THR A 77 -10.23 3.46 5.01
N PRO A 78 -9.76 3.03 6.19
CA PRO A 78 -10.05 1.70 6.73
C PRO A 78 -11.54 1.44 6.99
N ALA A 79 -11.98 0.20 6.78
CA ALA A 79 -13.33 -0.25 7.12
C ALA A 79 -13.52 -0.43 8.65
N ALA A 80 -14.77 -0.34 9.13
CA ALA A 80 -15.14 -0.50 10.53
C ALA A 80 -16.53 -1.16 10.70
N ALA A 81 -16.74 -1.79 11.85
CA ALA A 81 -18.03 -2.33 12.29
C ALA A 81 -18.17 -2.25 13.84
N PRO A 82 -19.40 -2.07 14.39
CA PRO A 82 -19.65 -1.94 15.83
C PRO A 82 -19.75 -3.28 16.58
N ARG A 83 -19.31 -4.38 15.95
CA ARG A 83 -19.35 -5.76 16.49
C ARG A 83 -18.29 -5.99 17.60
N PRO A 84 -18.56 -6.89 18.57
CA PRO A 84 -17.60 -7.25 19.63
C PRO A 84 -16.37 -8.02 19.11
N GLY A 1 12.77 3.86 -21.24
CA GLY A 1 12.72 2.80 -20.21
C GLY A 1 13.69 1.66 -20.51
N PRO A 2 13.58 0.53 -19.79
CA PRO A 2 14.43 -0.65 -20.00
C PRO A 2 14.25 -1.30 -21.39
N GLY A 3 15.23 -2.09 -21.82
CA GLY A 3 15.20 -2.83 -23.10
C GLY A 3 14.04 -3.84 -23.18
N SER A 4 13.25 -3.77 -24.24
CA SER A 4 12.06 -4.64 -24.48
C SER A 4 11.03 -4.66 -23.34
N TYR A 5 10.91 -3.57 -22.57
CA TYR A 5 10.00 -3.46 -21.42
C TYR A 5 8.52 -3.50 -21.81
N THR A 6 7.71 -4.20 -21.00
CA THR A 6 6.26 -4.37 -21.22
C THR A 6 5.46 -4.48 -19.89
N GLY A 7 6.07 -4.10 -18.76
CA GLY A 7 5.43 -4.22 -17.44
C GLY A 7 4.24 -3.28 -17.23
N ALA A 8 3.19 -3.78 -16.58
CA ALA A 8 1.95 -3.06 -16.26
C ALA A 8 1.29 -3.60 -14.96
N GLY A 9 0.38 -2.83 -14.38
CA GLY A 9 -0.36 -3.22 -13.16
C GLY A 9 -1.40 -2.18 -12.73
N GLU A 10 -2.23 -2.57 -11.75
CA GLU A 10 -3.31 -1.77 -11.16
C GLU A 10 -3.46 -2.05 -9.65
N PRO A 11 -4.09 -1.16 -8.85
CA PRO A 11 -4.35 -1.40 -7.43
C PRO A 11 -5.19 -2.67 -7.19
N SER A 12 -4.73 -3.55 -6.30
CA SER A 12 -5.41 -4.80 -5.93
C SER A 12 -5.06 -5.20 -4.48
N GLN A 13 -6.07 -5.59 -3.70
CA GLN A 13 -5.88 -6.10 -2.34
C GLN A 13 -5.02 -7.37 -2.30
N ALA A 14 -5.03 -8.20 -3.35
CA ALA A 14 -4.26 -9.44 -3.42
C ALA A 14 -2.78 -9.19 -3.78
N ASP A 15 -2.51 -8.21 -4.64
CA ASP A 15 -1.15 -7.78 -4.96
C ASP A 15 -0.49 -7.04 -3.78
N LEU A 16 -1.30 -6.30 -3.03
CA LEU A 16 -0.89 -5.68 -1.77
C LEU A 16 -0.61 -6.75 -0.70
N ASP A 17 -1.50 -7.73 -0.50
CA ASP A 17 -1.29 -8.80 0.47
C ASP A 17 0.00 -9.60 0.22
N ALA A 18 0.32 -9.87 -1.05
CA ALA A 18 1.55 -10.55 -1.46
C ALA A 18 2.81 -9.72 -1.16
N LEU A 19 2.77 -8.42 -1.51
CA LEU A 19 3.83 -7.46 -1.26
C LEU A 19 4.10 -7.28 0.25
N LEU A 20 3.02 -7.11 1.03
CA LEU A 20 3.05 -6.89 2.47
C LEU A 20 3.55 -8.13 3.23
N SER A 21 3.10 -9.32 2.87
CA SER A 21 3.52 -10.59 3.49
C SER A 21 5.05 -10.77 3.41
N ALA A 22 5.67 -10.33 2.31
CA ALA A 22 7.11 -10.43 2.11
C ALA A 22 7.92 -9.41 2.94
N VAL A 23 7.40 -8.19 3.17
CA VAL A 23 8.10 -7.16 3.99
C VAL A 23 7.88 -7.35 5.49
N ARG A 24 6.72 -7.88 5.90
CA ARG A 24 6.45 -8.33 7.29
C ARG A 24 7.36 -9.48 7.73
N ASP A 25 7.80 -10.30 6.76
CA ASP A 25 8.77 -11.39 6.92
C ASP A 25 10.23 -10.99 6.54
N ASN A 26 10.48 -9.69 6.36
CA ASN A 26 11.77 -9.06 6.04
C ASN A 26 12.51 -9.60 4.80
N ARG A 27 11.77 -10.16 3.83
CA ARG A 27 12.26 -10.59 2.51
C ARG A 27 12.10 -9.55 1.39
N LEU A 28 11.29 -8.51 1.63
CA LEU A 28 11.14 -7.34 0.76
C LEU A 28 11.46 -6.07 1.59
N SER A 29 12.12 -5.07 1.00
CA SER A 29 12.54 -3.83 1.68
C SER A 29 11.47 -2.72 1.62
N ILE A 30 11.51 -1.78 2.57
CA ILE A 30 10.59 -0.64 2.68
C ILE A 30 10.51 0.15 1.36
N GLU A 31 11.67 0.56 0.82
CA GLU A 31 11.69 1.41 -0.39
C GLU A 31 11.45 0.61 -1.68
N GLN A 32 11.69 -0.70 -1.66
CA GLN A 32 11.33 -1.60 -2.76
C GLN A 32 9.82 -1.82 -2.81
N ALA A 33 9.15 -1.98 -1.67
CA ALA A 33 7.69 -2.08 -1.60
C ALA A 33 7.00 -0.79 -2.07
N VAL A 34 7.63 0.38 -1.92
CA VAL A 34 7.17 1.64 -2.50
C VAL A 34 7.44 1.70 -4.01
N THR A 35 8.65 1.33 -4.47
CA THR A 35 8.97 1.43 -5.92
C THR A 35 8.15 0.47 -6.81
N LEU A 36 7.72 -0.67 -6.26
CA LEU A 36 6.82 -1.61 -6.92
C LEU A 36 5.34 -1.18 -6.89
N LEU A 37 4.98 -0.21 -6.04
CA LEU A 37 3.66 0.44 -6.01
C LEU A 37 3.66 1.66 -6.97
N THR A 38 4.59 2.59 -6.76
CA THR A 38 4.83 3.79 -7.56
C THR A 38 6.35 4.00 -7.72
N PRO A 39 6.92 3.92 -8.95
CA PRO A 39 8.36 3.98 -9.18
C PRO A 39 9.06 5.23 -8.59
N ARG A 40 10.24 5.02 -8.00
CA ARG A 40 11.07 6.04 -7.34
C ARG A 40 12.33 6.42 -8.14
N ARG A 41 12.94 7.55 -7.77
CA ARG A 41 14.13 8.16 -8.39
C ARG A 41 15.24 8.39 -7.34
N GLY A 42 16.43 8.81 -7.79
CA GLY A 42 17.58 9.11 -6.92
C GLY A 42 17.31 10.26 -5.91
N GLY A 43 18.04 10.25 -4.78
CA GLY A 43 17.79 11.11 -3.62
C GLY A 43 16.63 10.63 -2.73
N GLY A 44 16.33 11.40 -1.67
CA GLY A 44 15.29 11.07 -0.69
C GLY A 44 13.85 11.28 -1.19
N SER A 45 12.90 10.60 -0.54
CA SER A 45 11.45 10.67 -0.81
C SER A 45 10.62 11.34 0.30
N GLY A 46 11.27 11.87 1.35
CA GLY A 46 10.63 12.58 2.46
C GLY A 46 9.90 11.68 3.49
N GLY A 47 9.10 12.31 4.34
CA GLY A 47 8.34 11.68 5.42
C GLY A 47 7.57 12.70 6.28
N GLY A 48 7.04 12.26 7.43
CA GLY A 48 6.24 13.09 8.34
C GLY A 48 4.75 13.20 7.95
N SER A 49 4.28 12.35 7.03
CA SER A 49 2.91 12.26 6.53
C SER A 49 2.63 10.84 6.02
N MET A 50 1.37 10.50 5.73
CA MET A 50 0.91 9.16 5.32
C MET A 50 1.21 8.84 3.84
N ASP A 51 2.47 9.02 3.46
CA ASP A 51 3.07 8.46 2.23
C ASP A 51 3.23 6.94 2.33
N ALA A 52 3.34 6.26 1.18
CA ALA A 52 3.51 4.80 1.10
C ALA A 52 4.70 4.31 1.95
N LYS A 53 5.82 5.04 1.97
CA LYS A 53 7.00 4.68 2.76
C LYS A 53 6.73 4.70 4.27
N GLU A 54 6.00 5.71 4.77
CA GLU A 54 5.67 5.78 6.20
C GLU A 54 4.62 4.73 6.59
N ILE A 55 3.67 4.43 5.72
CA ILE A 55 2.74 3.31 5.87
C ILE A 55 3.50 1.98 5.95
N LEU A 56 4.48 1.76 5.07
CA LEU A 56 5.39 0.60 5.12
C LEU A 56 6.22 0.58 6.41
N THR A 57 6.78 1.71 6.84
CA THR A 57 7.57 1.81 8.08
C THR A 57 6.74 1.40 9.30
N ARG A 58 5.52 1.93 9.44
CA ARG A 58 4.56 1.58 10.52
C ARG A 58 4.16 0.10 10.49
N PHE A 59 4.03 -0.48 9.30
CA PHE A 59 3.68 -1.90 9.10
C PHE A 59 4.83 -2.86 9.42
N LYS A 60 6.07 -2.52 9.02
CA LYS A 60 7.26 -3.37 9.33
C LYS A 60 7.67 -3.29 10.81
N ASP A 61 7.46 -2.12 11.44
CA ASP A 61 7.60 -1.94 12.89
C ASP A 61 6.53 -2.69 13.71
N GLY A 62 5.44 -3.12 13.07
CA GLY A 62 4.34 -3.87 13.68
C GLY A 62 3.29 -3.00 14.39
N GLY A 63 3.38 -1.68 14.29
CA GLY A 63 2.37 -0.73 14.80
C GLY A 63 1.09 -0.68 13.95
N LEU A 64 1.18 -1.04 12.66
CA LEU A 64 0.05 -1.14 11.73
C LEU A 64 -0.32 -2.60 11.46
N ASP A 65 -1.62 -2.88 11.32
CA ASP A 65 -2.14 -4.18 10.87
C ASP A 65 -2.19 -4.24 9.32
N ARG A 66 -2.21 -5.46 8.76
CA ARG A 66 -2.17 -5.64 7.29
C ARG A 66 -3.42 -5.11 6.59
N ALA A 67 -4.59 -5.18 7.24
CA ALA A 67 -5.84 -4.64 6.71
C ALA A 67 -5.79 -3.10 6.53
N ALA A 68 -5.28 -2.38 7.52
CA ALA A 68 -5.02 -0.94 7.43
C ALA A 68 -3.90 -0.61 6.42
N ALA A 69 -2.82 -1.43 6.38
CA ALA A 69 -1.75 -1.24 5.39
C ALA A 69 -2.28 -1.35 3.94
N GLN A 70 -3.12 -2.34 3.64
CA GLN A 70 -3.78 -2.45 2.32
C GLN A 70 -4.70 -1.25 2.04
N ALA A 71 -5.47 -0.77 3.04
CA ALA A 71 -6.40 0.34 2.88
C ALA A 71 -5.66 1.63 2.52
N LEU A 72 -4.61 1.93 3.28
CA LEU A 72 -3.83 3.16 3.19
C LEU A 72 -2.94 3.21 1.94
N LEU A 73 -2.36 2.07 1.56
CA LEU A 73 -1.62 1.93 0.28
C LEU A 73 -2.53 2.01 -0.96
N ALA A 74 -3.77 1.53 -0.85
CA ALA A 74 -4.82 1.73 -1.87
C ALA A 74 -5.45 3.14 -1.85
N GLY A 75 -5.05 4.02 -0.92
CA GLY A 75 -5.52 5.40 -0.79
C GLY A 75 -6.87 5.60 -0.07
N ARG A 76 -7.44 4.54 0.53
CA ARG A 76 -8.68 4.57 1.34
C ARG A 76 -8.40 4.94 2.81
N THR A 77 -9.46 5.20 3.57
CA THR A 77 -9.43 5.26 5.04
C THR A 77 -9.32 3.85 5.66
N PRO A 78 -8.78 3.71 6.89
CA PRO A 78 -8.73 2.43 7.63
C PRO A 78 -10.10 1.80 7.94
N ALA A 79 -10.09 0.72 8.73
CA ALA A 79 -11.26 -0.09 9.11
C ALA A 79 -11.98 -0.81 7.95
N ALA A 80 -11.32 -0.94 6.80
CA ALA A 80 -11.64 -1.94 5.79
C ALA A 80 -11.22 -3.35 6.26
N ALA A 81 -11.82 -4.41 5.70
CA ALA A 81 -11.49 -5.80 6.00
C ALA A 81 -11.51 -6.71 4.75
N PRO A 82 -10.53 -7.61 4.54
CA PRO A 82 -10.51 -8.56 3.43
C PRO A 82 -11.46 -9.74 3.73
N ARG A 83 -12.70 -9.68 3.22
CA ARG A 83 -13.78 -10.68 3.37
C ARG A 83 -14.01 -11.15 4.84
N PRO A 84 -14.57 -10.28 5.71
CA PRO A 84 -14.91 -10.63 7.10
C PRO A 84 -16.02 -11.71 7.19
N GLY A 1 -2.05 7.23 -34.79
CA GLY A 1 -0.99 7.45 -33.78
C GLY A 1 -0.70 6.18 -32.98
N PRO A 2 0.44 6.13 -32.26
CA PRO A 2 0.88 4.94 -31.52
C PRO A 2 0.08 4.66 -30.24
N GLY A 3 -0.56 5.67 -29.65
CA GLY A 3 -1.36 5.55 -28.42
C GLY A 3 -0.55 5.21 -27.16
N SER A 4 -1.18 4.50 -26.23
CA SER A 4 -0.58 4.00 -24.98
C SER A 4 -1.11 2.61 -24.62
N TYR A 5 -0.28 1.78 -23.98
CA TYR A 5 -0.65 0.42 -23.57
C TYR A 5 -1.61 0.39 -22.36
N THR A 6 -2.29 -0.73 -22.16
CA THR A 6 -3.26 -0.95 -21.05
C THR A 6 -2.57 -1.19 -19.70
N GLY A 7 -3.33 -1.10 -18.59
CA GLY A 7 -2.85 -1.31 -17.22
C GLY A 7 -1.96 -0.17 -16.68
N ALA A 8 -1.40 -0.28 -15.47
CA ALA A 8 -1.52 -1.40 -14.54
C ALA A 8 -2.79 -1.37 -13.64
N GLY A 9 -3.52 -0.24 -13.63
CA GLY A 9 -4.67 -0.01 -12.75
C GLY A 9 -4.26 0.30 -11.30
N GLU A 10 -5.23 0.25 -10.38
CA GLU A 10 -5.00 0.46 -8.94
C GLU A 10 -4.36 -0.77 -8.25
N PRO A 11 -3.67 -0.60 -7.10
CA PRO A 11 -3.19 -1.72 -6.29
C PRO A 11 -4.33 -2.61 -5.76
N SER A 12 -4.37 -3.87 -6.20
CA SER A 12 -5.31 -4.90 -5.72
C SER A 12 -4.94 -5.40 -4.33
N GLN A 13 -5.93 -5.65 -3.48
CA GLN A 13 -5.72 -6.19 -2.13
C GLN A 13 -4.93 -7.51 -2.12
N ALA A 14 -5.01 -8.29 -3.20
CA ALA A 14 -4.33 -9.58 -3.35
C ALA A 14 -2.81 -9.43 -3.67
N ASP A 15 -2.45 -8.44 -4.50
CA ASP A 15 -1.04 -8.09 -4.75
C ASP A 15 -0.40 -7.30 -3.61
N LEU A 16 -1.20 -6.51 -2.90
CA LEU A 16 -0.79 -5.85 -1.66
C LEU A 16 -0.49 -6.88 -0.57
N ASP A 17 -1.37 -7.86 -0.33
CA ASP A 17 -1.16 -8.90 0.68
C ASP A 17 0.15 -9.70 0.44
N ALA A 18 0.48 -9.99 -0.82
CA ALA A 18 1.73 -10.66 -1.20
C ALA A 18 2.96 -9.77 -0.97
N LEU A 19 2.90 -8.50 -1.39
CA LEU A 19 3.95 -7.49 -1.22
C LEU A 19 4.23 -7.20 0.26
N LEU A 20 3.17 -7.10 1.08
CA LEU A 20 3.21 -6.90 2.53
C LEU A 20 3.75 -8.15 3.27
N SER A 21 3.30 -9.35 2.90
CA SER A 21 3.81 -10.61 3.47
C SER A 21 5.32 -10.78 3.24
N ALA A 22 5.84 -10.32 2.10
CA ALA A 22 7.27 -10.41 1.77
C ALA A 22 8.12 -9.41 2.58
N VAL A 23 7.62 -8.21 2.90
CA VAL A 23 8.36 -7.25 3.76
C VAL A 23 8.24 -7.57 5.25
N ARG A 24 7.10 -8.16 5.68
CA ARG A 24 6.90 -8.65 7.05
C ARG A 24 7.81 -9.84 7.40
N ASP A 25 8.22 -10.62 6.40
CA ASP A 25 9.22 -11.71 6.54
C ASP A 25 10.66 -11.27 6.15
N ASN A 26 10.89 -9.97 5.99
CA ASN A 26 12.18 -9.34 5.65
C ASN A 26 12.81 -9.80 4.32
N ARG A 27 11.99 -10.24 3.35
CA ARG A 27 12.40 -10.60 1.98
C ARG A 27 12.33 -9.42 1.00
N LEU A 28 11.52 -8.41 1.31
CA LEU A 28 11.27 -7.21 0.51
C LEU A 28 11.60 -5.96 1.35
N SER A 29 12.21 -4.93 0.76
CA SER A 29 12.60 -3.69 1.44
C SER A 29 11.51 -2.60 1.43
N ILE A 30 11.56 -1.64 2.37
CA ILE A 30 10.62 -0.50 2.45
C ILE A 30 10.61 0.30 1.13
N GLU A 31 11.77 0.69 0.61
CA GLU A 31 11.89 1.46 -0.64
C GLU A 31 11.40 0.67 -1.87
N GLN A 32 11.64 -0.64 -1.89
CA GLN A 32 11.18 -1.55 -2.94
C GLN A 32 9.65 -1.68 -2.92
N ALA A 33 9.05 -1.85 -1.74
CA ALA A 33 7.59 -1.94 -1.58
C ALA A 33 6.88 -0.62 -1.99
N VAL A 34 7.56 0.53 -1.93
CA VAL A 34 7.07 1.82 -2.44
C VAL A 34 7.20 1.90 -3.98
N THR A 35 8.33 1.47 -4.55
CA THR A 35 8.53 1.55 -6.02
C THR A 35 7.66 0.54 -6.79
N LEU A 36 7.34 -0.60 -6.18
CA LEU A 36 6.43 -1.61 -6.74
C LEU A 36 4.94 -1.24 -6.57
N LEU A 37 4.60 -0.32 -5.66
CA LEU A 37 3.24 0.22 -5.52
C LEU A 37 2.89 1.21 -6.65
N THR A 38 3.86 2.02 -7.08
CA THR A 38 3.64 3.24 -7.89
C THR A 38 2.99 2.91 -9.26
N PRO A 39 1.77 3.43 -9.55
CA PRO A 39 1.07 3.20 -10.82
C PRO A 39 1.56 4.14 -11.95
N ARG A 40 1.11 3.89 -13.18
CA ARG A 40 1.48 4.67 -14.39
C ARG A 40 0.88 6.09 -14.43
N ARG A 41 -0.21 6.33 -13.71
CA ARG A 41 -0.95 7.62 -13.65
C ARG A 41 -0.80 8.30 -12.29
N GLY A 42 -0.58 9.62 -12.27
CA GLY A 42 -0.28 10.39 -11.06
C GLY A 42 -1.45 10.61 -10.11
N GLY A 43 -2.69 10.58 -10.62
CA GLY A 43 -3.92 10.75 -9.83
C GLY A 43 -4.08 12.14 -9.19
N GLY A 44 -4.85 12.21 -8.09
CA GLY A 44 -5.11 13.45 -7.34
C GLY A 44 -5.99 13.24 -6.11
N SER A 45 -6.30 14.32 -5.38
CA SER A 45 -7.18 14.34 -4.19
C SER A 45 -6.81 13.31 -3.10
N GLY A 46 -5.51 13.16 -2.81
CA GLY A 46 -4.97 12.24 -1.80
C GLY A 46 -5.38 12.56 -0.35
N GLY A 47 -5.20 11.59 0.55
CA GLY A 47 -5.60 11.63 1.97
C GLY A 47 -4.73 12.49 2.89
N GLY A 48 -4.24 13.64 2.43
CA GLY A 48 -3.36 14.53 3.20
C GLY A 48 -1.95 13.94 3.40
N SER A 49 -1.51 13.84 4.65
CA SER A 49 -0.18 13.35 5.06
C SER A 49 -0.08 11.82 5.08
N MET A 50 -0.55 11.16 4.02
CA MET A 50 -0.39 9.73 3.75
C MET A 50 0.73 9.54 2.71
N ASP A 51 1.74 8.74 3.06
CA ASP A 51 2.89 8.38 2.22
C ASP A 51 3.24 6.90 2.36
N ALA A 52 3.43 6.19 1.24
CA ALA A 52 3.63 4.74 1.22
C ALA A 52 4.86 4.29 2.04
N LYS A 53 5.92 5.10 2.08
CA LYS A 53 7.16 4.83 2.85
C LYS A 53 6.86 4.77 4.34
N GLU A 54 6.18 5.78 4.86
CA GLU A 54 5.71 5.87 6.25
C GLU A 54 4.74 4.72 6.59
N ILE A 55 3.80 4.40 5.69
CA ILE A 55 2.83 3.30 5.86
C ILE A 55 3.56 1.94 5.97
N LEU A 56 4.52 1.66 5.09
CA LEU A 56 5.35 0.45 5.15
C LEU A 56 6.20 0.41 6.43
N THR A 57 6.75 1.54 6.87
CA THR A 57 7.57 1.63 8.09
C THR A 57 6.75 1.29 9.33
N ARG A 58 5.53 1.84 9.47
CA ARG A 58 4.63 1.52 10.59
C ARG A 58 4.14 0.06 10.54
N PHE A 59 3.85 -0.48 9.35
CA PHE A 59 3.48 -1.88 9.18
C PHE A 59 4.62 -2.82 9.57
N LYS A 60 5.85 -2.58 9.11
CA LYS A 60 7.00 -3.43 9.41
C LYS A 60 7.42 -3.39 10.89
N ASP A 61 7.27 -2.23 11.54
CA ASP A 61 7.47 -2.07 12.99
C ASP A 61 6.29 -2.57 13.86
N GLY A 62 5.20 -3.05 13.26
CA GLY A 62 4.02 -3.57 13.96
C GLY A 62 3.08 -2.53 14.57
N GLY A 63 3.28 -1.24 14.27
CA GLY A 63 2.42 -0.12 14.68
C GLY A 63 1.16 0.04 13.82
N LEU A 64 1.07 -0.69 12.71
CA LEU A 64 -0.05 -0.69 11.76
C LEU A 64 -0.46 -2.14 11.43
N ASP A 65 -1.77 -2.43 11.36
CA ASP A 65 -2.31 -3.73 10.93
C ASP A 65 -2.27 -3.91 9.41
N ARG A 66 -2.21 -5.14 8.90
CA ARG A 66 -2.11 -5.42 7.46
C ARG A 66 -3.34 -4.93 6.69
N ALA A 67 -4.53 -5.04 7.28
CA ALA A 67 -5.77 -4.51 6.73
C ALA A 67 -5.74 -2.98 6.54
N ALA A 68 -5.19 -2.25 7.52
CA ALA A 68 -5.01 -0.80 7.44
C ALA A 68 -3.90 -0.43 6.44
N ALA A 69 -2.80 -1.20 6.37
CA ALA A 69 -1.76 -1.01 5.37
C ALA A 69 -2.31 -1.16 3.95
N GLN A 70 -3.10 -2.22 3.66
CA GLN A 70 -3.74 -2.43 2.35
C GLN A 70 -4.66 -1.25 1.99
N ALA A 71 -5.48 -0.76 2.95
CA ALA A 71 -6.37 0.38 2.73
C ALA A 71 -5.61 1.67 2.35
N LEU A 72 -4.63 2.05 3.18
CA LEU A 72 -3.85 3.27 3.06
C LEU A 72 -2.92 3.25 1.82
N LEU A 73 -2.38 2.09 1.44
CA LEU A 73 -1.59 1.91 0.21
C LEU A 73 -2.46 1.97 -1.05
N ALA A 74 -3.71 1.48 -0.98
CA ALA A 74 -4.72 1.67 -2.04
C ALA A 74 -5.35 3.08 -2.06
N GLY A 75 -4.95 3.99 -1.16
CA GLY A 75 -5.38 5.39 -1.12
C GLY A 75 -6.80 5.62 -0.54
N ARG A 76 -7.30 4.68 0.27
CA ARG A 76 -8.65 4.69 0.87
C ARG A 76 -8.60 4.53 2.39
N THR A 77 -9.66 4.94 3.09
CA THR A 77 -9.81 4.71 4.55
C THR A 77 -10.18 3.24 4.86
N PRO A 78 -9.73 2.68 6.00
CA PRO A 78 -10.04 1.31 6.40
C PRO A 78 -11.52 1.18 6.85
N ALA A 79 -12.12 0.01 6.61
CA ALA A 79 -13.53 -0.25 6.90
C ALA A 79 -13.82 -0.49 8.39
N ALA A 80 -15.02 -0.12 8.85
CA ALA A 80 -15.52 -0.39 10.21
C ALA A 80 -16.05 -1.82 10.38
N ALA A 81 -16.08 -2.32 11.62
CA ALA A 81 -16.72 -3.58 11.98
C ALA A 81 -18.26 -3.41 12.15
N PRO A 82 -19.09 -4.30 11.56
CA PRO A 82 -20.56 -4.23 11.65
C PRO A 82 -21.14 -4.84 12.95
N ARG A 83 -20.31 -5.03 13.97
CA ARG A 83 -20.62 -5.68 15.26
C ARG A 83 -19.99 -4.90 16.44
N PRO A 84 -20.66 -4.77 17.61
CA PRO A 84 -20.09 -4.15 18.82
C PRO A 84 -18.77 -4.79 19.31
N GLY A 1 -10.64 -14.29 -20.24
CA GLY A 1 -9.68 -15.26 -19.69
C GLY A 1 -9.67 -15.24 -18.16
N PRO A 2 -8.60 -15.74 -17.52
CA PRO A 2 -8.45 -15.78 -16.05
C PRO A 2 -8.26 -14.37 -15.45
N GLY A 3 -8.67 -14.21 -14.18
CA GLY A 3 -8.48 -12.97 -13.41
C GLY A 3 -7.03 -12.72 -12.99
N SER A 4 -6.75 -11.48 -12.56
CA SER A 4 -5.45 -11.02 -12.03
C SER A 4 -4.25 -11.32 -12.95
N TYR A 5 -4.42 -11.17 -14.27
CA TYR A 5 -3.40 -11.48 -15.28
C TYR A 5 -2.17 -10.56 -15.19
N THR A 6 -0.98 -11.09 -15.51
CA THR A 6 0.29 -10.37 -15.36
C THR A 6 0.39 -9.11 -16.25
N GLY A 7 0.79 -7.98 -15.66
CA GLY A 7 0.97 -6.69 -16.35
C GLY A 7 -0.32 -6.00 -16.83
N ALA A 8 -1.50 -6.59 -16.64
CA ALA A 8 -2.79 -6.08 -17.15
C ALA A 8 -3.98 -6.19 -16.18
N GLY A 9 -3.88 -6.99 -15.12
CA GLY A 9 -4.94 -7.16 -14.13
C GLY A 9 -5.19 -5.93 -13.25
N GLU A 10 -6.40 -5.83 -12.70
CA GLU A 10 -6.81 -4.75 -11.79
C GLU A 10 -6.11 -4.84 -10.41
N PRO A 11 -5.92 -3.72 -9.68
CA PRO A 11 -5.39 -3.73 -8.32
C PRO A 11 -6.30 -4.52 -7.36
N SER A 12 -5.69 -5.22 -6.40
CA SER A 12 -6.37 -6.20 -5.54
C SER A 12 -5.74 -6.28 -4.15
N GLN A 13 -6.57 -6.60 -3.14
CA GLN A 13 -6.13 -6.98 -1.81
C GLN A 13 -5.17 -8.18 -1.80
N ALA A 14 -5.27 -9.08 -2.79
CA ALA A 14 -4.36 -10.23 -2.93
C ALA A 14 -2.99 -9.84 -3.50
N ASP A 15 -2.96 -8.84 -4.39
CA ASP A 15 -1.73 -8.29 -4.96
C ASP A 15 -0.94 -7.44 -3.95
N LEU A 16 -1.67 -6.74 -3.07
CA LEU A 16 -1.10 -6.05 -1.91
C LEU A 16 -0.59 -7.05 -0.87
N ASP A 17 -1.40 -8.06 -0.50
CA ASP A 17 -1.03 -9.08 0.50
C ASP A 17 0.28 -9.80 0.15
N ALA A 18 0.51 -10.10 -1.13
CA ALA A 18 1.73 -10.74 -1.61
C ALA A 18 2.98 -9.84 -1.57
N LEU A 19 2.80 -8.53 -1.72
CA LEU A 19 3.87 -7.55 -1.55
C LEU A 19 4.21 -7.40 -0.06
N LEU A 20 3.18 -7.22 0.76
CA LEU A 20 3.29 -6.95 2.19
C LEU A 20 3.85 -8.15 2.97
N SER A 21 3.45 -9.38 2.62
CA SER A 21 3.95 -10.62 3.25
C SER A 21 5.47 -10.81 3.04
N ALA A 22 6.01 -10.31 1.93
CA ALA A 22 7.44 -10.38 1.62
C ALA A 22 8.24 -9.35 2.44
N VAL A 23 7.72 -8.13 2.63
CA VAL A 23 8.47 -7.09 3.39
C VAL A 23 8.38 -7.32 4.91
N ARG A 24 7.26 -7.85 5.40
CA ARG A 24 7.06 -8.17 6.82
C ARG A 24 7.92 -9.35 7.31
N ASP A 25 8.41 -10.19 6.39
CA ASP A 25 9.27 -11.35 6.65
C ASP A 25 10.74 -11.12 6.17
N ASN A 26 11.13 -9.87 5.97
CA ASN A 26 12.47 -9.43 5.55
C ASN A 26 12.95 -9.97 4.18
N ARG A 27 12.01 -10.38 3.29
CA ARG A 27 12.30 -10.79 1.90
C ARG A 27 12.34 -9.60 0.93
N LEU A 28 11.65 -8.51 1.27
CA LEU A 28 11.52 -7.27 0.47
C LEU A 28 11.81 -6.05 1.38
N SER A 29 12.33 -4.95 0.83
CA SER A 29 12.66 -3.71 1.58
C SER A 29 11.52 -2.69 1.58
N ILE A 30 11.50 -1.79 2.57
CA ILE A 30 10.58 -0.63 2.64
C ILE A 30 10.64 0.19 1.34
N GLU A 31 11.84 0.63 0.94
CA GLU A 31 12.02 1.46 -0.25
C GLU A 31 11.75 0.72 -1.57
N GLN A 32 11.96 -0.61 -1.60
CA GLN A 32 11.65 -1.45 -2.76
C GLN A 32 10.14 -1.66 -2.90
N ALA A 33 9.41 -1.90 -1.80
CA ALA A 33 7.95 -2.02 -1.82
C ALA A 33 7.26 -0.70 -2.23
N VAL A 34 7.90 0.45 -2.00
CA VAL A 34 7.45 1.77 -2.48
C VAL A 34 7.79 1.96 -3.96
N THR A 35 8.98 1.58 -4.43
CA THR A 35 9.38 1.79 -5.83
C THR A 35 8.64 0.87 -6.81
N LEU A 36 8.23 -0.32 -6.37
CA LEU A 36 7.39 -1.25 -7.15
C LEU A 36 5.89 -0.86 -7.14
N LEU A 37 5.45 -0.08 -6.15
CA LEU A 37 4.09 0.44 -6.01
C LEU A 37 3.86 1.72 -6.84
N THR A 38 4.76 2.70 -6.71
CA THR A 38 4.49 4.10 -7.09
C THR A 38 4.51 4.30 -8.62
N PRO A 39 3.45 4.87 -9.24
CA PRO A 39 3.43 5.17 -10.67
C PRO A 39 4.26 6.43 -11.00
N ARG A 40 4.83 6.48 -12.21
CA ARG A 40 5.68 7.60 -12.67
C ARG A 40 4.90 8.86 -13.05
N ARG A 41 3.61 8.72 -13.37
CA ARG A 41 2.72 9.81 -13.86
C ARG A 41 1.89 10.49 -12.76
N GLY A 42 1.75 9.87 -11.59
CA GLY A 42 0.87 10.34 -10.50
C GLY A 42 -0.63 10.32 -10.87
N GLY A 43 -1.46 10.97 -10.05
CA GLY A 43 -2.90 11.13 -10.27
C GLY A 43 -3.71 11.54 -9.04
N GLY A 44 -4.98 11.90 -9.26
CA GLY A 44 -5.96 12.22 -8.21
C GLY A 44 -5.57 13.39 -7.31
N SER A 45 -5.99 13.32 -6.04
CA SER A 45 -5.75 14.35 -5.00
C SER A 45 -4.34 14.26 -4.36
N GLY A 46 -3.52 13.29 -4.76
CA GLY A 46 -2.14 13.07 -4.28
C GLY A 46 -2.01 12.42 -2.90
N GLY A 47 -3.13 12.18 -2.20
CA GLY A 47 -3.19 11.49 -0.90
C GLY A 47 -2.69 12.28 0.33
N GLY A 48 -2.31 13.55 0.16
CA GLY A 48 -1.74 14.38 1.24
C GLY A 48 -0.47 13.77 1.85
N SER A 49 -0.47 13.57 3.17
CA SER A 49 0.65 12.98 3.94
C SER A 49 0.61 11.45 4.08
N MET A 50 -0.27 10.77 3.33
CA MET A 50 -0.44 9.32 3.33
C MET A 50 0.52 8.62 2.34
N ASP A 51 1.81 8.85 2.57
CA ASP A 51 2.93 8.31 1.78
C ASP A 51 3.21 6.82 2.06
N ALA A 52 3.49 6.05 1.01
CA ALA A 52 3.70 4.60 1.09
C ALA A 52 4.89 4.21 1.97
N LYS A 53 5.96 5.04 2.01
CA LYS A 53 7.14 4.80 2.85
C LYS A 53 6.77 4.75 4.34
N GLU A 54 6.07 5.78 4.80
CA GLU A 54 5.56 5.88 6.19
C GLU A 54 4.62 4.71 6.53
N ILE A 55 3.74 4.33 5.61
CA ILE A 55 2.80 3.21 5.77
C ILE A 55 3.56 1.88 5.94
N LEU A 56 4.52 1.57 5.06
CA LEU A 56 5.36 0.37 5.17
C LEU A 56 6.22 0.38 6.44
N THR A 57 6.75 1.54 6.85
CA THR A 57 7.56 1.68 8.08
C THR A 57 6.73 1.34 9.32
N ARG A 58 5.50 1.85 9.42
CA ARG A 58 4.59 1.54 10.55
C ARG A 58 4.11 0.09 10.52
N PHE A 59 3.78 -0.45 9.35
CA PHE A 59 3.39 -1.86 9.18
C PHE A 59 4.51 -2.82 9.60
N LYS A 60 5.74 -2.57 9.16
CA LYS A 60 6.88 -3.45 9.46
C LYS A 60 7.30 -3.38 10.94
N ASP A 61 7.20 -2.20 11.55
CA ASP A 61 7.43 -1.98 12.99
C ASP A 61 6.31 -2.55 13.89
N GLY A 62 5.15 -2.92 13.32
CA GLY A 62 3.99 -3.43 14.05
C GLY A 62 3.10 -2.35 14.70
N GLY A 63 3.32 -1.07 14.36
CA GLY A 63 2.46 0.05 14.74
C GLY A 63 1.19 0.17 13.88
N LEU A 64 1.09 -0.60 12.79
CA LEU A 64 -0.03 -0.65 11.84
C LEU A 64 -0.34 -2.11 11.46
N ASP A 65 -1.63 -2.47 11.37
CA ASP A 65 -2.08 -3.79 10.91
C ASP A 65 -2.03 -3.92 9.37
N ARG A 66 -1.95 -5.16 8.84
CA ARG A 66 -1.87 -5.39 7.39
C ARG A 66 -3.12 -4.92 6.65
N ALA A 67 -4.30 -5.07 7.26
CA ALA A 67 -5.57 -4.56 6.74
C ALA A 67 -5.60 -3.02 6.65
N ALA A 68 -5.04 -2.33 7.66
CA ALA A 68 -4.90 -0.88 7.66
C ALA A 68 -3.84 -0.40 6.65
N ALA A 69 -2.73 -1.15 6.50
CA ALA A 69 -1.73 -0.87 5.48
C ALA A 69 -2.32 -0.96 4.06
N GLN A 70 -3.12 -1.99 3.77
CA GLN A 70 -3.84 -2.10 2.49
C GLN A 70 -4.81 -0.93 2.26
N ALA A 71 -5.57 -0.53 3.29
CA ALA A 71 -6.49 0.61 3.20
C ALA A 71 -5.76 1.91 2.81
N LEU A 72 -4.71 2.26 3.56
CA LEU A 72 -3.92 3.49 3.36
C LEU A 72 -3.17 3.48 2.01
N LEU A 73 -2.64 2.34 1.57
CA LEU A 73 -2.01 2.20 0.24
C LEU A 73 -3.01 2.30 -0.92
N ALA A 74 -4.24 1.80 -0.72
CA ALA A 74 -5.34 1.85 -1.69
C ALA A 74 -6.08 3.20 -1.74
N GLY A 75 -5.67 4.20 -0.95
CA GLY A 75 -6.29 5.52 -0.89
C GLY A 75 -7.64 5.54 -0.14
N ARG A 76 -7.75 4.73 0.91
CA ARG A 76 -8.92 4.59 1.81
C ARG A 76 -8.45 4.62 3.28
N THR A 77 -9.38 4.42 4.23
CA THR A 77 -9.08 4.25 5.67
C THR A 77 -9.82 3.03 6.25
N PRO A 78 -9.27 2.35 7.26
CA PRO A 78 -9.90 1.18 7.89
C PRO A 78 -11.16 1.58 8.68
N ALA A 79 -12.10 0.62 8.81
CA ALA A 79 -13.37 0.78 9.53
C ALA A 79 -13.47 -0.12 10.77
N ALA A 80 -14.34 0.26 11.72
CA ALA A 80 -14.60 -0.49 12.96
C ALA A 80 -15.64 -1.63 12.80
N ALA A 81 -16.04 -1.94 11.57
CA ALA A 81 -17.07 -2.93 11.27
C ALA A 81 -16.64 -4.37 11.67
N PRO A 82 -17.52 -5.18 12.31
CA PRO A 82 -17.23 -6.54 12.76
C PRO A 82 -17.42 -7.61 11.65
N ARG A 83 -17.41 -7.21 10.38
CA ARG A 83 -17.70 -8.04 9.19
C ARG A 83 -16.61 -7.91 8.11
N PRO A 84 -16.45 -8.89 7.21
CA PRO A 84 -15.50 -8.84 6.08
C PRO A 84 -15.69 -7.62 5.15
N GLY A 1 -4.87 1.11 -31.34
CA GLY A 1 -4.30 2.48 -31.39
C GLY A 1 -3.47 2.81 -30.15
N PRO A 2 -2.67 3.90 -30.20
CA PRO A 2 -1.77 4.31 -29.11
C PRO A 2 -2.47 5.00 -27.92
N GLY A 3 -3.72 5.44 -28.08
CA GLY A 3 -4.50 6.14 -27.04
C GLY A 3 -4.93 5.24 -25.85
N SER A 4 -5.16 5.87 -24.70
CA SER A 4 -5.59 5.23 -23.44
C SER A 4 -7.13 5.29 -23.22
N TYR A 5 -7.61 4.63 -22.18
CA TYR A 5 -9.02 4.58 -21.77
C TYR A 5 -9.19 5.01 -20.30
N THR A 6 -10.45 5.21 -19.86
CA THR A 6 -10.83 5.65 -18.51
C THR A 6 -11.94 4.77 -17.90
N GLY A 7 -12.25 4.99 -16.63
CA GLY A 7 -13.24 4.21 -15.86
C GLY A 7 -12.70 2.90 -15.27
N ALA A 8 -11.38 2.74 -15.18
CA ALA A 8 -10.72 1.56 -14.62
C ALA A 8 -10.90 1.41 -13.09
N GLY A 9 -10.73 0.19 -12.57
CA GLY A 9 -10.89 -0.15 -11.16
C GLY A 9 -9.72 0.28 -10.24
N GLU A 10 -9.93 0.18 -8.93
CA GLU A 10 -8.95 0.48 -7.88
C GLU A 10 -7.92 -0.66 -7.67
N PRO A 11 -6.78 -0.40 -6.99
CA PRO A 11 -5.74 -1.41 -6.74
C PRO A 11 -6.24 -2.65 -5.97
N SER A 12 -5.74 -3.83 -6.38
CA SER A 12 -6.17 -5.13 -5.83
C SER A 12 -5.59 -5.38 -4.42
N GLN A 13 -6.47 -5.72 -3.47
CA GLN A 13 -6.10 -6.05 -2.09
C GLN A 13 -5.21 -7.31 -1.99
N ALA A 14 -5.34 -8.24 -2.93
CA ALA A 14 -4.52 -9.47 -2.98
C ALA A 14 -3.10 -9.21 -3.51
N ASP A 15 -2.93 -8.23 -4.40
CA ASP A 15 -1.62 -7.79 -4.90
C ASP A 15 -0.84 -7.03 -3.83
N LEU A 16 -1.56 -6.27 -3.01
CA LEU A 16 -1.03 -5.65 -1.79
C LEU A 16 -0.65 -6.72 -0.76
N ASP A 17 -1.52 -7.70 -0.50
CA ASP A 17 -1.24 -8.76 0.47
C ASP A 17 0.01 -9.59 0.14
N ALA A 18 0.24 -9.85 -1.16
CA ALA A 18 1.43 -10.55 -1.65
C ALA A 18 2.72 -9.73 -1.45
N LEU A 19 2.66 -8.42 -1.69
CA LEU A 19 3.77 -7.49 -1.46
C LEU A 19 4.09 -7.38 0.04
N LEU A 20 3.06 -7.19 0.86
CA LEU A 20 3.15 -6.92 2.29
C LEU A 20 3.71 -8.13 3.06
N SER A 21 3.31 -9.37 2.72
CA SER A 21 3.89 -10.57 3.33
C SER A 21 5.39 -10.73 3.07
N ALA A 22 5.89 -10.27 1.92
CA ALA A 22 7.31 -10.31 1.60
C ALA A 22 8.13 -9.31 2.43
N VAL A 23 7.60 -8.11 2.71
CA VAL A 23 8.30 -7.10 3.51
C VAL A 23 8.18 -7.37 5.02
N ARG A 24 7.04 -7.91 5.47
CA ARG A 24 6.81 -8.25 6.89
C ARG A 24 7.64 -9.45 7.37
N ASP A 25 7.98 -10.36 6.45
CA ASP A 25 8.91 -11.49 6.67
C ASP A 25 10.38 -11.14 6.31
N ASN A 26 10.68 -9.85 6.09
CA ASN A 26 12.02 -9.30 5.81
C ASN A 26 12.69 -9.84 4.52
N ARG A 27 11.89 -10.31 3.55
CA ARG A 27 12.35 -10.67 2.19
C ARG A 27 12.44 -9.45 1.25
N LEU A 28 11.65 -8.41 1.53
CA LEU A 28 11.50 -7.18 0.72
C LEU A 28 11.76 -5.96 1.62
N SER A 29 12.30 -4.85 1.09
CA SER A 29 12.58 -3.63 1.88
C SER A 29 11.42 -2.62 1.87
N ILE A 30 11.45 -1.64 2.77
CA ILE A 30 10.56 -0.47 2.77
C ILE A 30 10.67 0.27 1.42
N GLU A 31 11.89 0.52 0.94
CA GLU A 31 12.12 1.35 -0.26
C GLU A 31 11.77 0.58 -1.55
N GLN A 32 11.98 -0.75 -1.56
CA GLN A 32 11.58 -1.61 -2.66
C GLN A 32 10.07 -1.81 -2.71
N ALA A 33 9.38 -1.98 -1.58
CA ALA A 33 7.92 -2.07 -1.54
C ALA A 33 7.23 -0.75 -1.94
N VAL A 34 7.91 0.39 -1.78
CA VAL A 34 7.48 1.70 -2.31
C VAL A 34 7.74 1.78 -3.82
N THR A 35 8.91 1.37 -4.31
CA THR A 35 9.26 1.51 -5.74
C THR A 35 8.47 0.60 -6.67
N LEU A 36 8.03 -0.57 -6.18
CA LEU A 36 7.17 -1.50 -6.92
C LEU A 36 5.67 -1.09 -6.90
N LEU A 37 5.31 -0.09 -6.11
CA LEU A 37 3.93 0.35 -5.86
C LEU A 37 3.63 1.76 -6.41
N THR A 38 4.60 2.68 -6.34
CA THR A 38 4.44 4.10 -6.72
C THR A 38 4.46 4.28 -8.26
N PRO A 39 3.47 4.99 -8.86
CA PRO A 39 3.41 5.19 -10.31
C PRO A 39 4.50 6.14 -10.83
N ARG A 40 4.92 5.94 -12.08
CA ARG A 40 6.00 6.72 -12.74
C ARG A 40 5.50 7.95 -13.51
N ARG A 41 4.19 8.15 -13.61
CA ARG A 41 3.51 9.35 -14.16
C ARG A 41 2.55 9.96 -13.13
N GLY A 42 2.36 11.28 -13.19
CA GLY A 42 1.57 12.05 -12.22
C GLY A 42 2.20 12.13 -10.82
N GLY A 43 1.46 12.72 -9.86
CA GLY A 43 1.86 12.84 -8.46
C GLY A 43 1.69 11.53 -7.68
N GLY A 44 2.74 10.72 -7.58
CA GLY A 44 2.73 9.41 -6.90
C GLY A 44 2.74 9.49 -5.37
N SER A 45 3.14 10.62 -4.79
CA SER A 45 3.20 10.88 -3.34
C SER A 45 3.04 12.37 -3.00
N GLY A 46 2.63 12.66 -1.76
CA GLY A 46 2.59 14.00 -1.15
C GLY A 46 3.80 14.25 -0.25
N GLY A 47 3.55 14.78 0.95
CA GLY A 47 4.55 14.98 2.00
C GLY A 47 3.93 15.27 3.37
N GLY A 48 4.64 14.93 4.46
CA GLY A 48 4.20 15.16 5.85
C GLY A 48 2.97 14.35 6.28
N SER A 49 2.68 13.24 5.61
CA SER A 49 1.46 12.41 5.76
C SER A 49 1.75 10.91 5.52
N MET A 50 0.71 10.08 5.50
CA MET A 50 0.76 8.64 5.23
C MET A 50 0.94 8.37 3.72
N ASP A 51 2.12 8.68 3.21
CA ASP A 51 2.66 8.14 1.96
C ASP A 51 3.14 6.69 2.10
N ALA A 52 3.39 5.99 1.00
CA ALA A 52 3.73 4.56 1.00
C ALA A 52 4.92 4.21 1.92
N LYS A 53 5.96 5.06 1.97
CA LYS A 53 7.12 4.89 2.86
C LYS A 53 6.69 4.87 4.33
N GLU A 54 5.95 5.88 4.76
CA GLU A 54 5.40 6.01 6.12
C GLU A 54 4.50 4.82 6.48
N ILE A 55 3.65 4.37 5.55
CA ILE A 55 2.77 3.21 5.73
C ILE A 55 3.58 1.91 5.93
N LEU A 56 4.55 1.62 5.06
CA LEU A 56 5.39 0.43 5.17
C LEU A 56 6.27 0.44 6.42
N THR A 57 6.78 1.61 6.83
CA THR A 57 7.60 1.76 8.04
C THR A 57 6.80 1.38 9.29
N ARG A 58 5.57 1.90 9.44
CA ARG A 58 4.68 1.55 10.56
C ARG A 58 4.21 0.09 10.51
N PHE A 59 3.89 -0.43 9.33
CA PHE A 59 3.49 -1.83 9.14
C PHE A 59 4.58 -2.82 9.52
N LYS A 60 5.84 -2.58 9.06
CA LYS A 60 6.96 -3.48 9.36
C LYS A 60 7.39 -3.44 10.83
N ASP A 61 7.28 -2.27 11.47
CA ASP A 61 7.52 -2.08 12.91
C ASP A 61 6.39 -2.64 13.80
N GLY A 62 5.23 -3.01 13.22
CA GLY A 62 4.05 -3.52 13.95
C GLY A 62 3.16 -2.43 14.57
N GLY A 63 3.40 -1.15 14.25
CA GLY A 63 2.55 -0.01 14.61
C GLY A 63 1.31 0.15 13.71
N LEU A 64 1.21 -0.62 12.62
CA LEU A 64 0.07 -0.68 11.70
C LEU A 64 -0.26 -2.15 11.37
N ASP A 65 -1.56 -2.48 11.27
CA ASP A 65 -2.04 -3.83 10.94
C ASP A 65 -2.17 -4.06 9.42
N ARG A 66 -2.25 -5.33 8.99
CA ARG A 66 -2.38 -5.73 7.57
C ARG A 66 -3.57 -5.04 6.88
N ALA A 67 -4.74 -5.06 7.52
CA ALA A 67 -5.98 -4.50 6.98
C ALA A 67 -5.88 -2.97 6.77
N ALA A 68 -5.23 -2.26 7.71
CA ALA A 68 -4.94 -0.84 7.59
C ALA A 68 -3.87 -0.57 6.51
N ALA A 69 -2.77 -1.33 6.48
CA ALA A 69 -1.70 -1.16 5.49
C ALA A 69 -2.23 -1.30 4.04
N GLN A 70 -3.10 -2.28 3.79
CA GLN A 70 -3.78 -2.43 2.49
C GLN A 70 -4.70 -1.25 2.18
N ALA A 71 -5.47 -0.75 3.15
CA ALA A 71 -6.43 0.33 2.94
C ALA A 71 -5.71 1.66 2.63
N LEU A 72 -4.72 2.04 3.44
CA LEU A 72 -3.93 3.26 3.23
C LEU A 72 -3.16 3.25 1.90
N LEU A 73 -2.61 2.10 1.49
CA LEU A 73 -1.95 1.96 0.18
C LEU A 73 -2.94 2.01 -1.01
N ALA A 74 -4.17 1.51 -0.84
CA ALA A 74 -5.26 1.63 -1.82
C ALA A 74 -5.97 3.01 -1.83
N GLY A 75 -5.60 3.95 -0.94
CA GLY A 75 -6.19 5.29 -0.83
C GLY A 75 -7.51 5.35 -0.04
N ARG A 76 -7.84 4.32 0.74
CA ARG A 76 -9.01 4.22 1.63
C ARG A 76 -8.64 4.44 3.10
N THR A 77 -9.60 4.82 3.93
CA THR A 77 -9.45 4.85 5.39
C THR A 77 -9.42 3.44 5.99
N PRO A 78 -8.68 3.21 7.10
CA PRO A 78 -8.60 1.89 7.75
C PRO A 78 -9.92 1.46 8.38
N ALA A 79 -10.20 0.16 8.39
CA ALA A 79 -11.42 -0.43 8.94
C ALA A 79 -11.39 -0.53 10.48
N ALA A 80 -12.56 -0.39 11.11
CA ALA A 80 -12.78 -0.63 12.55
C ALA A 80 -14.18 -1.22 12.79
N ALA A 81 -14.29 -2.18 13.71
CA ALA A 81 -15.50 -2.94 14.05
C ALA A 81 -16.36 -3.36 12.83
N PRO A 82 -15.81 -4.10 11.83
CA PRO A 82 -16.46 -4.35 10.53
C PRO A 82 -17.53 -5.46 10.53
N ARG A 83 -17.88 -5.97 11.71
CA ARG A 83 -18.86 -7.03 11.97
C ARG A 83 -19.55 -6.89 13.34
N PRO A 84 -20.76 -7.46 13.54
CA PRO A 84 -21.39 -7.59 14.86
C PRO A 84 -20.64 -8.57 15.79
N GLY A 1 10.63 -2.02 -19.63
CA GLY A 1 9.70 -0.99 -19.08
C GLY A 1 9.96 -0.70 -17.60
N PRO A 2 9.33 0.33 -17.03
CA PRO A 2 9.52 0.75 -15.63
C PRO A 2 9.09 -0.30 -14.60
N GLY A 3 9.81 -0.39 -13.47
CA GLY A 3 9.43 -1.24 -12.34
C GLY A 3 8.23 -0.73 -11.53
N SER A 4 7.86 0.55 -11.71
CA SER A 4 6.69 1.20 -11.12
C SER A 4 5.36 0.68 -11.70
N TYR A 5 4.28 0.82 -10.93
CA TYR A 5 2.96 0.24 -11.18
C TYR A 5 2.18 0.93 -12.32
N THR A 6 1.25 0.23 -12.95
CA THR A 6 0.41 0.79 -14.04
C THR A 6 -0.64 1.78 -13.49
N GLY A 7 -0.58 3.03 -13.95
CA GLY A 7 -1.37 4.14 -13.41
C GLY A 7 -2.87 4.15 -13.75
N ALA A 8 -3.35 3.19 -14.56
CA ALA A 8 -4.71 3.12 -15.06
C ALA A 8 -5.76 2.65 -14.02
N GLY A 9 -5.33 2.20 -12.84
CA GLY A 9 -6.23 1.76 -11.75
C GLY A 9 -5.50 1.50 -10.43
N GLU A 10 -6.25 1.09 -9.40
CA GLU A 10 -5.73 0.73 -8.07
C GLU A 10 -5.28 -0.75 -8.01
N PRO A 11 -4.25 -1.08 -7.20
CA PRO A 11 -3.90 -2.47 -6.91
C PRO A 11 -4.97 -3.17 -6.06
N SER A 12 -5.16 -4.47 -6.26
CA SER A 12 -6.08 -5.29 -5.46
C SER A 12 -5.56 -5.55 -4.04
N GLN A 13 -6.46 -5.88 -3.11
CA GLN A 13 -6.10 -6.38 -1.79
C GLN A 13 -5.23 -7.66 -1.88
N ALA A 14 -5.32 -8.42 -2.97
CA ALA A 14 -4.52 -9.64 -3.19
C ALA A 14 -3.10 -9.31 -3.65
N ASP A 15 -2.93 -8.33 -4.54
CA ASP A 15 -1.61 -7.82 -4.96
C ASP A 15 -0.88 -7.06 -3.85
N LEU A 16 -1.63 -6.40 -2.98
CA LEU A 16 -1.11 -5.76 -1.76
C LEU A 16 -0.69 -6.82 -0.73
N ASP A 17 -1.53 -7.82 -0.45
CA ASP A 17 -1.19 -8.91 0.49
C ASP A 17 0.06 -9.69 0.05
N ALA A 18 0.23 -9.92 -1.26
CA ALA A 18 1.40 -10.59 -1.83
C ALA A 18 2.70 -9.77 -1.62
N LEU A 19 2.63 -8.45 -1.80
CA LEU A 19 3.76 -7.54 -1.54
C LEU A 19 4.08 -7.46 -0.03
N LEU A 20 3.04 -7.22 0.79
CA LEU A 20 3.15 -6.95 2.22
C LEU A 20 3.68 -8.18 2.98
N SER A 21 3.31 -9.40 2.58
CA SER A 21 3.80 -10.64 3.21
C SER A 21 5.32 -10.81 3.07
N ALA A 22 5.92 -10.33 1.97
CA ALA A 22 7.37 -10.39 1.75
C ALA A 22 8.14 -9.37 2.62
N VAL A 23 7.56 -8.20 2.89
CA VAL A 23 8.21 -7.18 3.75
C VAL A 23 7.99 -7.49 5.24
N ARG A 24 6.83 -8.07 5.60
CA ARG A 24 6.55 -8.58 6.95
C ARG A 24 7.47 -9.74 7.35
N ASP A 25 7.85 -10.59 6.40
CA ASP A 25 8.81 -11.70 6.59
C ASP A 25 10.28 -11.27 6.41
N ASN A 26 10.54 -9.95 6.37
CA ASN A 26 11.85 -9.31 6.22
C ASN A 26 12.66 -9.74 4.97
N ARG A 27 11.96 -10.14 3.91
CA ARG A 27 12.52 -10.52 2.59
C ARG A 27 12.49 -9.39 1.56
N LEU A 28 11.67 -8.36 1.79
CA LEU A 28 11.52 -7.17 0.96
C LEU A 28 11.73 -5.90 1.83
N SER A 29 12.37 -4.86 1.28
CA SER A 29 12.68 -3.59 1.97
C SER A 29 11.60 -2.53 1.78
N ILE A 30 11.52 -1.54 2.69
CA ILE A 30 10.55 -0.43 2.67
C ILE A 30 10.62 0.30 1.31
N GLU A 31 11.81 0.74 0.91
CA GLU A 31 12.00 1.51 -0.33
C GLU A 31 11.76 0.68 -1.59
N GLN A 32 12.04 -0.63 -1.54
CA GLN A 32 11.79 -1.57 -2.63
C GLN A 32 10.28 -1.88 -2.78
N ALA A 33 9.52 -1.95 -1.68
CA ALA A 33 8.08 -2.09 -1.74
C ALA A 33 7.40 -0.82 -2.26
N VAL A 34 7.94 0.36 -1.95
CA VAL A 34 7.42 1.66 -2.44
C VAL A 34 7.70 1.81 -3.93
N THR A 35 8.90 1.45 -4.41
CA THR A 35 9.27 1.67 -5.83
C THR A 35 8.51 0.76 -6.80
N LEU A 36 8.04 -0.41 -6.33
CA LEU A 36 7.17 -1.31 -7.10
C LEU A 36 5.69 -0.94 -7.01
N LEU A 37 5.25 -0.32 -5.91
CA LEU A 37 3.84 0.06 -5.66
C LEU A 37 3.47 1.44 -6.24
N THR A 38 4.39 2.40 -6.23
CA THR A 38 4.17 3.76 -6.76
C THR A 38 3.88 3.70 -8.28
N PRO A 39 2.93 4.50 -8.83
CA PRO A 39 2.57 4.43 -10.24
C PRO A 39 3.60 5.10 -11.16
N ARG A 40 3.60 4.68 -12.43
CA ARG A 40 4.40 5.27 -13.53
C ARG A 40 4.09 6.76 -13.70
N ARG A 41 5.14 7.56 -13.97
CA ARG A 41 5.16 9.04 -13.97
C ARG A 41 4.77 9.68 -12.61
N GLY A 42 4.75 8.91 -11.52
CA GLY A 42 4.45 9.35 -10.16
C GLY A 42 2.96 9.58 -9.87
N GLY A 43 2.63 9.70 -8.58
CA GLY A 43 1.28 10.05 -8.10
C GLY A 43 0.96 11.55 -8.21
N GLY A 44 -0.24 11.93 -7.74
CA GLY A 44 -0.70 13.33 -7.67
C GLY A 44 0.06 14.18 -6.63
N SER A 45 0.04 15.50 -6.80
CA SER A 45 0.69 16.47 -5.90
C SER A 45 -0.08 16.66 -4.57
N GLY A 46 0.64 17.07 -3.52
CA GLY A 46 0.10 17.30 -2.18
C GLY A 46 1.19 17.53 -1.11
N GLY A 47 0.78 17.46 0.16
CA GLY A 47 1.66 17.58 1.33
C GLY A 47 0.97 17.15 2.63
N GLY A 48 1.73 16.57 3.56
CA GLY A 48 1.21 16.01 4.83
C GLY A 48 0.44 14.68 4.70
N SER A 49 0.43 14.09 3.50
CA SER A 49 -0.31 12.86 3.16
C SER A 49 0.27 11.60 3.79
N MET A 50 -0.52 10.53 3.87
CA MET A 50 -0.07 9.18 4.24
C MET A 50 0.69 8.55 3.06
N ASP A 51 2.01 8.74 3.02
CA ASP A 51 2.88 8.22 1.96
C ASP A 51 3.15 6.71 2.15
N ALA A 52 3.34 6.00 1.04
CA ALA A 52 3.62 4.55 1.04
C ALA A 52 4.83 4.18 1.92
N LYS A 53 5.90 5.00 1.94
CA LYS A 53 7.08 4.79 2.79
C LYS A 53 6.69 4.75 4.27
N GLU A 54 6.02 5.80 4.74
CA GLU A 54 5.55 5.91 6.13
C GLU A 54 4.61 4.76 6.51
N ILE A 55 3.71 4.36 5.60
CA ILE A 55 2.78 3.24 5.79
C ILE A 55 3.54 1.90 5.95
N LEU A 56 4.50 1.61 5.06
CA LEU A 56 5.34 0.41 5.15
C LEU A 56 6.22 0.41 6.41
N THR A 57 6.80 1.55 6.80
CA THR A 57 7.60 1.66 8.03
C THR A 57 6.77 1.33 9.28
N ARG A 58 5.54 1.86 9.40
CA ARG A 58 4.63 1.54 10.52
C ARG A 58 4.18 0.08 10.50
N PHE A 59 3.88 -0.47 9.32
CA PHE A 59 3.52 -1.88 9.14
C PHE A 59 4.66 -2.83 9.54
N LYS A 60 5.90 -2.54 9.11
CA LYS A 60 7.06 -3.40 9.41
C LYS A 60 7.49 -3.30 10.88
N ASP A 61 7.35 -2.13 11.50
CA ASP A 61 7.55 -1.92 12.95
C ASP A 61 6.44 -2.57 13.81
N GLY A 62 5.30 -2.94 13.22
CA GLY A 62 4.14 -3.54 13.90
C GLY A 62 3.20 -2.52 14.56
N GLY A 63 3.37 -1.23 14.29
CA GLY A 63 2.47 -0.16 14.72
C GLY A 63 1.20 0.00 13.86
N LEU A 64 1.10 -0.74 12.75
CA LEU A 64 -0.01 -0.77 11.80
C LEU A 64 -0.38 -2.23 11.44
N ASP A 65 -1.68 -2.53 11.33
CA ASP A 65 -2.19 -3.84 10.89
C ASP A 65 -2.14 -4.00 9.36
N ARG A 66 -2.09 -5.24 8.86
CA ARG A 66 -2.00 -5.49 7.40
C ARG A 66 -3.25 -5.02 6.65
N ALA A 67 -4.43 -5.13 7.28
CA ALA A 67 -5.68 -4.60 6.74
C ALA A 67 -5.67 -3.06 6.64
N ALA A 68 -5.09 -2.37 7.63
CA ALA A 68 -4.92 -0.92 7.60
C ALA A 68 -3.84 -0.49 6.57
N ALA A 69 -2.75 -1.25 6.43
CA ALA A 69 -1.74 -1.01 5.41
C ALA A 69 -2.34 -1.13 3.99
N GLN A 70 -3.13 -2.18 3.71
CA GLN A 70 -3.85 -2.33 2.44
C GLN A 70 -4.80 -1.14 2.16
N ALA A 71 -5.57 -0.70 3.16
CA ALA A 71 -6.51 0.41 3.05
C ALA A 71 -5.79 1.73 2.70
N LEU A 72 -4.76 2.09 3.46
CA LEU A 72 -3.99 3.33 3.30
C LEU A 72 -3.17 3.36 2.00
N LEU A 73 -2.67 2.22 1.53
CA LEU A 73 -1.99 2.10 0.23
C LEU A 73 -2.97 2.18 -0.95
N ALA A 74 -4.20 1.66 -0.79
CA ALA A 74 -5.28 1.80 -1.78
C ALA A 74 -5.87 3.22 -1.83
N GLY A 75 -5.81 3.97 -0.72
CA GLY A 75 -5.99 5.43 -0.66
C GLY A 75 -7.04 5.97 0.33
N ARG A 76 -7.58 5.15 1.25
CA ARG A 76 -8.57 5.58 2.26
C ARG A 76 -8.47 4.81 3.60
N THR A 77 -9.02 5.35 4.68
CA THR A 77 -9.01 4.72 6.01
C THR A 77 -9.82 3.41 6.06
N PRO A 78 -9.41 2.42 6.90
CA PRO A 78 -10.08 1.13 7.01
C PRO A 78 -11.45 1.23 7.69
N ALA A 79 -12.35 0.30 7.35
CA ALA A 79 -13.66 0.11 7.96
C ALA A 79 -14.07 -1.39 7.95
N ALA A 80 -14.89 -1.81 8.92
CA ALA A 80 -15.34 -3.20 9.05
C ALA A 80 -16.46 -3.55 8.05
N ALA A 81 -16.30 -4.67 7.33
CA ALA A 81 -17.30 -5.21 6.38
C ALA A 81 -17.25 -6.76 6.34
N PRO A 82 -17.67 -7.45 7.42
CA PRO A 82 -17.64 -8.93 7.52
C PRO A 82 -18.80 -9.59 6.75
N ARG A 83 -18.93 -9.27 5.45
CA ARG A 83 -20.02 -9.72 4.57
C ARG A 83 -19.89 -11.20 4.17
N PRO A 84 -21.01 -11.92 3.94
CA PRO A 84 -21.01 -13.33 3.53
C PRO A 84 -20.45 -13.53 2.11
N GLY A 1 -7.07 9.09 -29.41
CA GLY A 1 -6.82 7.77 -30.02
C GLY A 1 -5.56 7.13 -29.45
N PRO A 2 -4.52 6.85 -30.27
CA PRO A 2 -3.27 6.23 -29.82
C PRO A 2 -2.42 7.18 -28.94
N GLY A 3 -1.46 6.61 -28.21
CA GLY A 3 -0.50 7.35 -27.39
C GLY A 3 0.74 6.52 -27.01
N SER A 4 1.84 7.20 -26.65
CA SER A 4 3.15 6.56 -26.45
C SER A 4 3.30 5.79 -25.12
N TYR A 5 2.50 6.13 -24.10
CA TYR A 5 2.51 5.51 -22.77
C TYR A 5 1.13 5.61 -22.09
N THR A 6 0.82 4.67 -21.19
CA THR A 6 -0.42 4.61 -20.39
C THR A 6 -0.16 4.34 -18.90
N GLY A 7 0.71 3.37 -18.58
CA GLY A 7 1.08 2.99 -17.21
C GLY A 7 0.02 2.18 -16.45
N ALA A 8 0.36 1.77 -15.22
CA ALA A 8 -0.49 0.92 -14.38
C ALA A 8 -1.63 1.66 -13.68
N GLY A 9 -2.67 0.92 -13.26
CA GLY A 9 -3.76 1.40 -12.40
C GLY A 9 -3.46 1.29 -10.90
N GLU A 10 -4.51 1.32 -10.06
CA GLU A 10 -4.41 1.06 -8.62
C GLU A 10 -4.06 -0.42 -8.30
N PRO A 11 -3.34 -0.71 -7.20
CA PRO A 11 -3.01 -2.08 -6.80
C PRO A 11 -4.23 -2.82 -6.24
N SER A 12 -4.35 -4.11 -6.54
CA SER A 12 -5.35 -5.00 -5.94
C SER A 12 -4.96 -5.44 -4.52
N GLN A 13 -5.94 -5.74 -3.67
CA GLN A 13 -5.71 -6.41 -2.38
C GLN A 13 -4.96 -7.75 -2.55
N ALA A 14 -5.11 -8.41 -3.72
CA ALA A 14 -4.41 -9.65 -4.05
C ALA A 14 -2.92 -9.43 -4.38
N ASP A 15 -2.54 -8.23 -4.84
CA ASP A 15 -1.15 -7.82 -5.05
C ASP A 15 -0.51 -7.30 -3.76
N LEU A 16 -1.27 -6.52 -3.00
CA LEU A 16 -0.87 -5.94 -1.73
C LEU A 16 -0.55 -7.02 -0.70
N ASP A 17 -1.43 -8.00 -0.50
CA ASP A 17 -1.24 -9.06 0.50
C ASP A 17 0.03 -9.90 0.25
N ALA A 18 0.36 -10.14 -1.02
CA ALA A 18 1.58 -10.83 -1.43
C ALA A 18 2.85 -9.99 -1.20
N LEU A 19 2.80 -8.71 -1.57
CA LEU A 19 3.89 -7.74 -1.42
C LEU A 19 4.19 -7.44 0.06
N LEU A 20 3.14 -7.32 0.89
CA LEU A 20 3.22 -7.08 2.34
C LEU A 20 3.79 -8.29 3.09
N SER A 21 3.43 -9.53 2.73
CA SER A 21 4.02 -10.73 3.33
C SER A 21 5.53 -10.83 3.08
N ALA A 22 6.02 -10.36 1.93
CA ALA A 22 7.44 -10.39 1.61
C ALA A 22 8.25 -9.41 2.47
N VAL A 23 7.68 -8.25 2.83
CA VAL A 23 8.34 -7.28 3.73
C VAL A 23 8.15 -7.62 5.21
N ARG A 24 7.01 -8.23 5.58
CA ARG A 24 6.78 -8.76 6.93
C ARG A 24 7.74 -9.89 7.31
N ASP A 25 8.16 -10.69 6.33
CA ASP A 25 9.16 -11.75 6.45
C ASP A 25 10.61 -11.28 6.19
N ASN A 26 10.85 -9.97 6.08
CA ASN A 26 12.16 -9.33 5.89
C ASN A 26 12.87 -9.72 4.57
N ARG A 27 12.12 -10.12 3.53
CA ARG A 27 12.63 -10.48 2.19
C ARG A 27 12.56 -9.32 1.19
N LEU A 28 11.67 -8.35 1.43
CA LEU A 28 11.43 -7.16 0.61
C LEU A 28 11.68 -5.90 1.47
N SER A 29 12.36 -4.88 0.94
CA SER A 29 12.66 -3.62 1.65
C SER A 29 11.55 -2.57 1.52
N ILE A 30 11.50 -1.59 2.45
CA ILE A 30 10.53 -0.47 2.44
C ILE A 30 10.57 0.25 1.09
N GLU A 31 11.75 0.67 0.63
CA GLU A 31 11.89 1.45 -0.62
C GLU A 31 11.62 0.60 -1.88
N GLN A 32 11.98 -0.68 -1.84
CA GLN A 32 11.70 -1.66 -2.89
C GLN A 32 10.20 -1.97 -3.02
N ALA A 33 9.43 -1.86 -1.93
CA ALA A 33 7.97 -1.94 -1.97
C ALA A 33 7.36 -0.62 -2.48
N VAL A 34 7.83 0.54 -2.03
CA VAL A 34 7.30 1.87 -2.38
C VAL A 34 7.46 2.14 -3.88
N THR A 35 8.58 1.71 -4.49
CA THR A 35 8.81 1.92 -5.92
C THR A 35 7.83 1.14 -6.82
N LEU A 36 7.23 0.04 -6.30
CA LEU A 36 6.17 -0.72 -6.95
C LEU A 36 4.75 -0.21 -6.59
N LEU A 37 4.56 0.24 -5.35
CA LEU A 37 3.27 0.71 -4.81
C LEU A 37 2.85 2.10 -5.32
N THR A 38 3.82 2.96 -5.65
CA THR A 38 3.61 4.42 -5.82
C THR A 38 2.42 4.77 -6.75
N PRO A 39 1.44 5.58 -6.28
CA PRO A 39 0.20 5.85 -7.03
C PRO A 39 0.36 6.85 -8.18
N ARG A 40 -0.62 6.88 -9.09
CA ARG A 40 -0.68 7.81 -10.25
C ARG A 40 -1.03 9.26 -9.86
N ARG A 41 -1.63 9.46 -8.67
CA ARG A 41 -1.87 10.76 -8.02
C ARG A 41 -1.03 10.86 -6.73
N GLY A 42 -0.10 11.81 -6.69
CA GLY A 42 0.81 12.02 -5.56
C GLY A 42 0.18 12.70 -4.34
N GLY A 43 0.97 12.81 -3.27
CA GLY A 43 0.58 13.43 -1.99
C GLY A 43 -0.27 12.53 -1.07
N GLY A 44 -0.65 13.07 0.10
CA GLY A 44 -1.42 12.39 1.14
C GLY A 44 -1.68 13.27 2.36
N SER A 45 -2.36 12.70 3.37
CA SER A 45 -2.78 13.42 4.60
C SER A 45 -1.59 13.90 5.43
N GLY A 46 -1.50 15.23 5.66
CA GLY A 46 -0.42 15.86 6.42
C GLY A 46 -0.61 15.88 7.94
N GLY A 47 -1.84 15.70 8.43
CA GLY A 47 -2.18 15.72 9.87
C GLY A 47 -1.63 14.53 10.68
N GLY A 48 -1.38 13.40 10.02
CA GLY A 48 -0.76 12.20 10.60
C GLY A 48 0.39 11.62 9.75
N SER A 49 0.81 12.32 8.69
CA SER A 49 1.80 11.87 7.69
C SER A 49 1.44 10.52 7.04
N MET A 50 0.75 10.55 5.90
CA MET A 50 0.48 9.38 5.05
C MET A 50 1.25 9.43 3.73
N ASP A 51 2.13 8.46 3.54
CA ASP A 51 2.85 8.11 2.31
C ASP A 51 3.18 6.60 2.36
N ALA A 52 3.34 5.95 1.21
CA ALA A 52 3.64 4.51 1.15
C ALA A 52 4.88 4.12 1.98
N LYS A 53 5.91 4.98 2.02
CA LYS A 53 7.12 4.77 2.84
C LYS A 53 6.77 4.70 4.33
N GLU A 54 6.09 5.71 4.84
CA GLU A 54 5.66 5.78 6.24
C GLU A 54 4.68 4.65 6.60
N ILE A 55 3.76 4.30 5.70
CA ILE A 55 2.81 3.19 5.85
C ILE A 55 3.55 1.85 5.99
N LEU A 56 4.53 1.57 5.12
CA LEU A 56 5.37 0.38 5.23
C LEU A 56 6.25 0.39 6.47
N THR A 57 6.79 1.55 6.87
CA THR A 57 7.63 1.67 8.07
C THR A 57 6.85 1.36 9.34
N ARG A 58 5.62 1.87 9.48
CA ARG A 58 4.72 1.57 10.60
C ARG A 58 4.24 0.10 10.59
N PHE A 59 3.90 -0.45 9.41
CA PHE A 59 3.53 -1.85 9.24
C PHE A 59 4.65 -2.80 9.62
N LYS A 60 5.90 -2.51 9.20
CA LYS A 60 7.07 -3.36 9.47
C LYS A 60 7.48 -3.31 10.95
N ASP A 61 7.34 -2.16 11.59
CA ASP A 61 7.50 -1.96 13.04
C ASP A 61 6.38 -2.60 13.88
N GLY A 62 5.24 -2.95 13.27
CA GLY A 62 4.07 -3.52 13.95
C GLY A 62 3.12 -2.48 14.57
N GLY A 63 3.35 -1.20 14.29
CA GLY A 63 2.49 -0.08 14.70
C GLY A 63 1.25 0.13 13.82
N LEU A 64 1.14 -0.61 12.71
CA LEU A 64 0.01 -0.60 11.76
C LEU A 64 -0.42 -2.04 11.43
N ASP A 65 -1.73 -2.28 11.35
CA ASP A 65 -2.28 -3.58 10.93
C ASP A 65 -2.25 -3.77 9.40
N ARG A 66 -2.34 -5.02 8.94
CA ARG A 66 -2.38 -5.37 7.51
C ARG A 66 -3.60 -4.77 6.81
N ALA A 67 -4.76 -4.77 7.47
CA ALA A 67 -5.99 -4.20 6.92
C ALA A 67 -5.87 -2.67 6.71
N ALA A 68 -5.27 -1.96 7.68
CA ALA A 68 -5.02 -0.52 7.58
C ALA A 68 -3.96 -0.20 6.53
N ALA A 69 -2.88 -1.00 6.43
CA ALA A 69 -1.85 -0.84 5.40
C ALA A 69 -2.44 -1.01 3.99
N GLN A 70 -3.22 -2.05 3.75
CA GLN A 70 -3.88 -2.31 2.46
C GLN A 70 -4.85 -1.18 2.06
N ALA A 71 -5.66 -0.69 3.01
CA ALA A 71 -6.61 0.41 2.80
C ALA A 71 -5.89 1.70 2.35
N LEU A 72 -4.89 2.13 3.12
CA LEU A 72 -4.17 3.39 2.91
C LEU A 72 -3.26 3.33 1.66
N LEU A 73 -2.69 2.16 1.31
CA LEU A 73 -1.95 1.95 0.06
C LEU A 73 -2.87 1.93 -1.18
N ALA A 74 -4.10 1.41 -1.05
CA ALA A 74 -5.15 1.48 -2.07
C ALA A 74 -5.84 2.87 -2.18
N GLY A 75 -5.48 3.82 -1.30
CA GLY A 75 -5.94 5.22 -1.33
C GLY A 75 -7.38 5.46 -0.83
N ARG A 76 -7.96 4.52 -0.07
CA ARG A 76 -9.32 4.60 0.49
C ARG A 76 -9.34 4.26 1.99
N THR A 77 -10.17 4.92 2.78
CA THR A 77 -10.19 4.76 4.25
C THR A 77 -10.82 3.42 4.70
N PRO A 78 -10.32 2.80 5.78
CA PRO A 78 -10.91 1.58 6.37
C PRO A 78 -12.23 1.89 7.11
N ALA A 79 -13.02 0.84 7.37
CA ALA A 79 -14.31 0.92 8.07
C ALA A 79 -14.55 -0.28 9.02
N ALA A 80 -15.43 -0.10 10.01
CA ALA A 80 -15.81 -1.13 10.98
C ALA A 80 -16.87 -2.14 10.45
N ALA A 81 -17.28 -1.98 9.19
CA ALA A 81 -18.17 -2.86 8.44
C ALA A 81 -17.66 -3.05 6.99
N PRO A 82 -16.57 -3.80 6.76
CA PRO A 82 -15.87 -3.90 5.47
C PRO A 82 -16.51 -4.86 4.46
N ARG A 83 -17.78 -5.24 4.67
CA ARG A 83 -18.56 -6.18 3.84
C ARG A 83 -19.99 -5.64 3.64
N PRO A 84 -20.42 -5.28 2.41
CA PRO A 84 -21.78 -4.81 2.13
C PRO A 84 -22.82 -5.95 2.18
N GLY A 1 -9.81 15.91 -5.95
CA GLY A 1 -9.11 16.09 -4.65
C GLY A 1 -7.93 15.13 -4.49
N PRO A 2 -7.31 15.10 -3.29
CA PRO A 2 -6.13 14.26 -3.00
C PRO A 2 -6.38 12.75 -3.16
N GLY A 3 -5.31 12.00 -3.41
CA GLY A 3 -5.32 10.53 -3.50
C GLY A 3 -5.95 9.96 -4.78
N SER A 4 -6.12 10.78 -5.82
CA SER A 4 -6.82 10.44 -7.07
C SER A 4 -5.98 9.68 -8.11
N TYR A 5 -4.66 9.49 -7.87
CA TYR A 5 -3.72 8.90 -8.84
C TYR A 5 -4.05 7.44 -9.20
N THR A 6 -3.97 7.13 -10.49
CA THR A 6 -4.03 5.78 -11.08
C THR A 6 -3.00 5.63 -12.21
N GLY A 7 -2.63 4.39 -12.54
CA GLY A 7 -1.64 4.10 -13.59
C GLY A 7 -1.42 2.59 -13.79
N ALA A 8 -1.40 2.14 -15.05
CA ALA A 8 -1.41 0.72 -15.43
C ALA A 8 -2.53 -0.09 -14.74
N GLY A 9 -3.71 0.53 -14.58
CA GLY A 9 -4.82 0.06 -13.73
C GLY A 9 -4.79 0.66 -12.32
N GLU A 10 -5.15 -0.14 -11.32
CA GLU A 10 -5.26 0.24 -9.90
C GLU A 10 -4.63 -0.82 -8.97
N PRO A 11 -4.23 -0.49 -7.73
CA PRO A 11 -3.83 -1.47 -6.72
C PRO A 11 -4.96 -2.47 -6.38
N SER A 12 -4.59 -3.69 -6.01
CA SER A 12 -5.51 -4.75 -5.58
C SER A 12 -5.08 -5.35 -4.24
N GLN A 13 -6.05 -5.83 -3.46
CA GLN A 13 -5.77 -6.58 -2.22
C GLN A 13 -4.94 -7.84 -2.48
N ALA A 14 -5.01 -8.41 -3.69
CA ALA A 14 -4.22 -9.58 -4.09
C ALA A 14 -2.73 -9.25 -4.30
N ASP A 15 -2.44 -8.12 -4.94
CA ASP A 15 -1.07 -7.63 -5.16
C ASP A 15 -0.43 -7.10 -3.86
N LEU A 16 -1.24 -6.39 -3.06
CA LEU A 16 -0.83 -5.83 -1.77
C LEU A 16 -0.49 -6.92 -0.76
N ASP A 17 -1.36 -7.92 -0.57
CA ASP A 17 -1.14 -9.00 0.40
C ASP A 17 0.14 -9.81 0.12
N ALA A 18 0.45 -10.04 -1.16
CA ALA A 18 1.67 -10.72 -1.60
C ALA A 18 2.94 -9.90 -1.30
N LEU A 19 2.89 -8.58 -1.55
CA LEU A 19 3.98 -7.65 -1.28
C LEU A 19 4.22 -7.52 0.24
N LEU A 20 3.16 -7.31 1.00
CA LEU A 20 3.19 -7.06 2.44
C LEU A 20 3.73 -8.27 3.22
N SER A 21 3.35 -9.50 2.86
CA SER A 21 3.92 -10.71 3.47
C SER A 21 5.43 -10.83 3.25
N ALA A 22 5.95 -10.37 2.11
CA ALA A 22 7.38 -10.42 1.81
C ALA A 22 8.19 -9.40 2.64
N VAL A 23 7.62 -8.23 2.98
CA VAL A 23 8.31 -7.22 3.83
C VAL A 23 8.14 -7.51 5.33
N ARG A 24 7.00 -8.06 5.75
CA ARG A 24 6.77 -8.54 7.13
C ARG A 24 7.67 -9.73 7.50
N ASP A 25 8.04 -10.54 6.51
CA ASP A 25 9.02 -11.65 6.59
C ASP A 25 10.47 -11.21 6.29
N ASN A 26 10.73 -9.90 6.15
CA ASN A 26 12.05 -9.29 5.91
C ASN A 26 12.77 -9.76 4.63
N ARG A 27 12.02 -10.19 3.61
CA ARG A 27 12.51 -10.57 2.27
C ARG A 27 12.46 -9.41 1.26
N LEU A 28 11.61 -8.42 1.53
CA LEU A 28 11.38 -7.24 0.68
C LEU A 28 11.66 -5.97 1.52
N SER A 29 12.32 -4.96 0.95
CA SER A 29 12.69 -3.71 1.67
C SER A 29 11.57 -2.66 1.63
N ILE A 30 11.56 -1.73 2.59
CA ILE A 30 10.60 -0.62 2.70
C ILE A 30 10.51 0.18 1.39
N GLU A 31 11.64 0.65 0.88
CA GLU A 31 11.71 1.48 -0.33
C GLU A 31 11.50 0.69 -1.62
N GLN A 32 11.77 -0.61 -1.63
CA GLN A 32 11.40 -1.53 -2.72
C GLN A 32 9.88 -1.71 -2.77
N ALA A 33 9.22 -1.88 -1.63
CA ALA A 33 7.76 -1.98 -1.55
C ALA A 33 7.05 -0.68 -1.95
N VAL A 34 7.71 0.49 -1.83
CA VAL A 34 7.20 1.76 -2.36
C VAL A 34 7.36 1.81 -3.88
N THR A 35 8.51 1.44 -4.44
CA THR A 35 8.71 1.51 -5.91
C THR A 35 7.86 0.50 -6.68
N LEU A 36 7.54 -0.65 -6.06
CA LEU A 36 6.63 -1.66 -6.61
C LEU A 36 5.13 -1.31 -6.39
N LEU A 37 4.82 -0.45 -5.41
CA LEU A 37 3.49 0.12 -5.19
C LEU A 37 3.23 1.24 -6.20
N THR A 38 4.02 2.32 -6.17
CA THR A 38 4.10 3.40 -7.17
C THR A 38 5.39 4.22 -6.90
N PRO A 39 6.28 4.45 -7.89
CA PRO A 39 7.43 5.34 -7.72
C PRO A 39 6.96 6.80 -7.57
N ARG A 40 7.40 7.48 -6.49
CA ARG A 40 6.88 8.79 -6.04
C ARG A 40 7.98 9.82 -5.81
N ARG A 41 7.75 11.05 -6.26
CA ARG A 41 8.66 12.22 -6.13
C ARG A 41 8.45 13.01 -4.85
N GLY A 42 7.20 13.12 -4.39
CA GLY A 42 6.79 13.77 -3.13
C GLY A 42 6.80 12.84 -1.90
N GLY A 43 7.15 11.56 -2.06
CA GLY A 43 7.21 10.55 -1.00
C GLY A 43 8.57 10.42 -0.31
N GLY A 44 8.70 9.38 0.52
CA GLY A 44 9.94 9.07 1.26
C GLY A 44 10.22 10.00 2.44
N SER A 45 11.46 9.96 2.94
CA SER A 45 11.92 10.80 4.05
C SER A 45 11.80 12.30 3.74
N GLY A 46 11.15 13.06 4.63
CA GLY A 46 10.82 14.48 4.43
C GLY A 46 9.68 14.74 3.43
N GLY A 47 9.01 13.70 2.93
CA GLY A 47 7.86 13.76 2.03
C GLY A 47 6.53 14.11 2.72
N GLY A 48 5.42 13.96 1.98
CA GLY A 48 4.06 14.22 2.47
C GLY A 48 3.56 13.24 3.54
N SER A 49 2.45 13.59 4.19
CA SER A 49 1.77 12.74 5.19
C SER A 49 1.00 11.58 4.56
N MET A 50 0.89 10.45 5.30
CA MET A 50 0.34 9.17 4.83
C MET A 50 0.93 8.70 3.48
N ASP A 51 2.24 8.86 3.32
CA ASP A 51 3.00 8.34 2.19
C ASP A 51 3.23 6.82 2.29
N ALA A 52 3.40 6.15 1.15
CA ALA A 52 3.65 4.70 1.11
C ALA A 52 4.89 4.29 1.94
N LYS A 53 5.96 5.10 2.00
CA LYS A 53 7.15 4.82 2.82
C LYS A 53 6.81 4.78 4.31
N GLU A 54 6.12 5.80 4.79
CA GLU A 54 5.64 5.91 6.17
C GLU A 54 4.68 4.77 6.53
N ILE A 55 3.76 4.41 5.63
CA ILE A 55 2.82 3.28 5.80
C ILE A 55 3.58 1.95 5.93
N LEU A 56 4.53 1.68 5.02
CA LEU A 56 5.37 0.48 5.11
C LEU A 56 6.23 0.47 6.38
N THR A 57 6.77 1.61 6.80
CA THR A 57 7.59 1.72 8.03
C THR A 57 6.78 1.35 9.26
N ARG A 58 5.54 1.86 9.40
CA ARG A 58 4.63 1.51 10.51
C ARG A 58 4.16 0.05 10.45
N PHE A 59 3.90 -0.49 9.26
CA PHE A 59 3.51 -1.89 9.05
C PHE A 59 4.65 -2.86 9.40
N LYS A 60 5.90 -2.56 9.04
CA LYS A 60 7.04 -3.42 9.35
C LYS A 60 7.44 -3.35 10.83
N ASP A 61 7.27 -2.18 11.47
CA ASP A 61 7.45 -1.98 12.91
C ASP A 61 6.34 -2.65 13.77
N GLY A 62 5.25 -3.09 13.14
CA GLY A 62 4.08 -3.69 13.80
C GLY A 62 3.12 -2.68 14.46
N GLY A 63 3.33 -1.38 14.25
CA GLY A 63 2.44 -0.30 14.69
C GLY A 63 1.18 -0.12 13.81
N LEU A 64 1.16 -0.74 12.63
CA LEU A 64 0.03 -0.75 11.69
C LEU A 64 -0.40 -2.20 11.39
N ASP A 65 -1.71 -2.45 11.38
CA ASP A 65 -2.30 -3.73 10.99
C ASP A 65 -2.34 -3.92 9.47
N ARG A 66 -2.39 -5.17 9.00
CA ARG A 66 -2.43 -5.50 7.56
C ARG A 66 -3.64 -4.89 6.85
N ALA A 67 -4.80 -4.88 7.50
CA ALA A 67 -6.02 -4.27 6.95
C ALA A 67 -5.86 -2.75 6.72
N ALA A 68 -5.22 -2.05 7.67
CA ALA A 68 -4.91 -0.63 7.57
C ALA A 68 -3.80 -0.35 6.54
N ALA A 69 -2.76 -1.19 6.48
CA ALA A 69 -1.70 -1.08 5.47
C ALA A 69 -2.26 -1.21 4.04
N GLN A 70 -3.11 -2.20 3.78
CA GLN A 70 -3.79 -2.36 2.49
C GLN A 70 -4.71 -1.17 2.17
N ALA A 71 -5.51 -0.71 3.14
CA ALA A 71 -6.43 0.41 2.97
C ALA A 71 -5.69 1.71 2.58
N LEU A 72 -4.67 2.09 3.37
CA LEU A 72 -3.95 3.35 3.23
C LEU A 72 -3.07 3.38 1.95
N LEU A 73 -2.54 2.23 1.51
CA LEU A 73 -1.85 2.12 0.21
C LEU A 73 -2.82 2.17 -1.00
N ALA A 74 -4.03 1.63 -0.85
CA ALA A 74 -5.09 1.65 -1.86
C ALA A 74 -5.90 2.97 -1.92
N GLY A 75 -5.62 3.95 -1.05
CA GLY A 75 -6.35 5.23 -0.98
C GLY A 75 -7.73 5.15 -0.32
N ARG A 76 -7.95 4.15 0.55
CA ARG A 76 -9.18 3.87 1.32
C ARG A 76 -8.91 3.96 2.83
N THR A 77 -9.95 3.77 3.65
CA THR A 77 -9.85 3.66 5.12
C THR A 77 -10.26 2.26 5.62
N PRO A 78 -9.65 1.74 6.72
CA PRO A 78 -9.94 0.40 7.23
C PRO A 78 -11.32 0.31 7.91
N ALA A 79 -11.94 -0.86 7.84
CA ALA A 79 -13.24 -1.13 8.48
C ALA A 79 -13.18 -0.95 10.00
N ALA A 80 -14.22 -0.33 10.58
CA ALA A 80 -14.32 0.08 11.99
C ALA A 80 -13.21 1.03 12.51
N ALA A 81 -12.38 1.60 11.63
CA ALA A 81 -11.34 2.60 11.88
C ALA A 81 -10.50 2.38 13.17
N PRO A 82 -9.69 1.30 13.25
CA PRO A 82 -8.81 0.99 14.39
C PRO A 82 -7.57 1.91 14.43
N ARG A 83 -7.79 3.18 14.81
CA ARG A 83 -6.79 4.26 14.92
C ARG A 83 -5.85 4.42 13.69
N PRO A 84 -6.37 4.51 12.45
CA PRO A 84 -5.55 4.80 11.25
C PRO A 84 -4.85 6.17 11.31
N GLY A 1 -18.32 -7.93 -29.90
CA GLY A 1 -17.10 -8.69 -29.53
C GLY A 1 -17.21 -9.36 -28.17
N PRO A 2 -16.14 -10.01 -27.68
CA PRO A 2 -16.11 -10.69 -26.39
C PRO A 2 -16.15 -9.71 -25.20
N GLY A 3 -16.51 -10.22 -24.01
CA GLY A 3 -16.58 -9.45 -22.76
C GLY A 3 -15.20 -9.01 -22.24
N SER A 4 -15.14 -7.83 -21.62
CA SER A 4 -13.92 -7.25 -21.02
C SER A 4 -13.51 -7.93 -19.71
N TYR A 5 -12.23 -7.78 -19.33
CA TYR A 5 -11.65 -8.32 -18.09
C TYR A 5 -11.07 -7.21 -17.19
N THR A 6 -10.98 -7.47 -15.89
CA THR A 6 -10.70 -6.46 -14.84
C THR A 6 -9.22 -6.33 -14.46
N GLY A 7 -8.38 -7.32 -14.80
CA GLY A 7 -6.94 -7.34 -14.49
C GLY A 7 -6.11 -6.22 -15.10
N ALA A 8 -6.61 -5.56 -16.16
CA ALA A 8 -6.00 -4.37 -16.76
C ALA A 8 -6.30 -3.05 -16.00
N GLY A 9 -7.21 -3.08 -15.04
CA GLY A 9 -7.62 -1.93 -14.21
C GLY A 9 -6.79 -1.76 -12.92
N GLU A 10 -7.46 -1.35 -11.85
CA GLU A 10 -6.87 -1.10 -10.52
C GLU A 10 -6.35 -2.39 -9.84
N PRO A 11 -5.29 -2.31 -9.00
CA PRO A 11 -4.74 -3.46 -8.28
C PRO A 11 -5.69 -3.96 -7.16
N SER A 12 -5.54 -5.24 -6.79
CA SER A 12 -6.32 -5.93 -5.75
C SER A 12 -5.61 -5.93 -4.40
N GLN A 13 -6.40 -6.09 -3.32
CA GLN A 13 -5.88 -6.48 -2.00
C GLN A 13 -5.05 -7.77 -2.03
N ALA A 14 -5.29 -8.67 -2.99
CA ALA A 14 -4.50 -9.89 -3.19
C ALA A 14 -3.09 -9.62 -3.75
N ASP A 15 -2.92 -8.56 -4.55
CA ASP A 15 -1.62 -8.10 -5.05
C ASP A 15 -0.80 -7.39 -3.96
N LEU A 16 -1.51 -6.66 -3.10
CA LEU A 16 -0.94 -6.01 -1.91
C LEU A 16 -0.49 -7.05 -0.87
N ASP A 17 -1.35 -8.03 -0.54
CA ASP A 17 -1.07 -9.08 0.44
C ASP A 17 0.20 -9.90 0.11
N ALA A 18 0.40 -10.19 -1.18
CA ALA A 18 1.59 -10.90 -1.67
C ALA A 18 2.88 -10.09 -1.51
N LEU A 19 2.81 -8.77 -1.74
CA LEU A 19 3.92 -7.82 -1.60
C LEU A 19 4.26 -7.56 -0.12
N LEU A 20 3.23 -7.37 0.71
CA LEU A 20 3.34 -7.10 2.15
C LEU A 20 3.93 -8.28 2.94
N SER A 21 3.59 -9.53 2.60
CA SER A 21 4.22 -10.71 3.20
C SER A 21 5.71 -10.81 2.92
N ALA A 22 6.19 -10.31 1.77
CA ALA A 22 7.63 -10.29 1.47
C ALA A 22 8.38 -9.26 2.33
N VAL A 23 7.80 -8.09 2.59
CA VAL A 23 8.47 -7.06 3.44
C VAL A 23 8.33 -7.36 4.94
N ARG A 24 7.19 -7.91 5.37
CA ARG A 24 6.95 -8.29 6.78
C ARG A 24 7.77 -9.50 7.24
N ASP A 25 8.19 -10.36 6.30
CA ASP A 25 9.12 -11.48 6.52
C ASP A 25 10.60 -11.12 6.17
N ASN A 26 10.89 -9.82 6.01
CA ASN A 26 12.22 -9.25 5.75
C ASN A 26 12.91 -9.78 4.45
N ARG A 27 12.11 -10.21 3.46
CA ARG A 27 12.58 -10.55 2.10
C ARG A 27 12.70 -9.32 1.20
N LEU A 28 11.90 -8.27 1.47
CA LEU A 28 11.75 -7.07 0.64
C LEU A 28 11.97 -5.81 1.51
N SER A 29 12.61 -4.77 0.98
CA SER A 29 12.82 -3.49 1.69
C SER A 29 11.60 -2.57 1.64
N ILE A 30 11.49 -1.67 2.61
CA ILE A 30 10.53 -0.55 2.62
C ILE A 30 10.60 0.23 1.29
N GLU A 31 11.80 0.56 0.81
CA GLU A 31 11.96 1.40 -0.39
C GLU A 31 11.72 0.61 -1.69
N GLN A 32 12.11 -0.67 -1.72
CA GLN A 32 11.86 -1.58 -2.84
C GLN A 32 10.38 -1.97 -2.95
N ALA A 33 9.62 -1.97 -1.85
CA ALA A 33 8.17 -2.16 -1.88
C ALA A 33 7.44 -0.93 -2.42
N VAL A 34 7.86 0.29 -2.06
CA VAL A 34 7.23 1.56 -2.49
C VAL A 34 7.42 1.77 -3.99
N THR A 35 8.60 1.47 -4.53
CA THR A 35 8.88 1.71 -5.96
C THR A 35 8.10 0.78 -6.90
N LEU A 36 7.66 -0.39 -6.41
CA LEU A 36 6.79 -1.32 -7.14
C LEU A 36 5.30 -1.03 -6.92
N LEU A 37 4.93 -0.60 -5.71
CA LEU A 37 3.54 -0.39 -5.28
C LEU A 37 2.93 0.93 -5.81
N THR A 38 3.71 2.01 -5.89
CA THR A 38 3.19 3.34 -6.25
C THR A 38 2.62 3.37 -7.68
N PRO A 39 1.42 3.92 -7.92
CA PRO A 39 0.83 4.03 -9.25
C PRO A 39 1.73 4.75 -10.28
N ARG A 40 1.66 4.33 -11.54
CA ARG A 40 2.51 4.83 -12.65
C ARG A 40 2.14 6.26 -13.10
N ARG A 41 0.93 6.72 -12.77
CA ARG A 41 0.42 8.09 -13.01
C ARG A 41 -0.42 8.58 -11.83
N GLY A 42 -0.37 9.89 -11.56
CA GLY A 42 -1.14 10.57 -10.52
C GLY A 42 -2.53 11.06 -10.96
N GLY A 43 -3.16 11.89 -10.13
CA GLY A 43 -4.43 12.57 -10.39
C GLY A 43 -5.71 11.74 -10.19
N GLY A 44 -5.59 10.44 -9.92
CA GLY A 44 -6.71 9.55 -9.61
C GLY A 44 -7.17 9.62 -8.15
N SER A 45 -8.24 8.89 -7.82
CA SER A 45 -8.86 8.84 -6.48
C SER A 45 -8.04 8.05 -5.44
N GLY A 46 -6.96 7.38 -5.86
CA GLY A 46 -6.05 6.59 -5.00
C GLY A 46 -5.04 7.40 -4.16
N GLY A 47 -5.11 8.73 -4.20
CA GLY A 47 -4.33 9.63 -3.32
C GLY A 47 -4.74 9.58 -1.84
N GLY A 48 -3.92 10.14 -0.96
CA GLY A 48 -4.13 10.17 0.49
C GLY A 48 -3.10 11.01 1.26
N SER A 49 -3.33 11.20 2.56
CA SER A 49 -2.52 12.04 3.48
C SER A 49 -1.43 11.32 4.26
N MET A 50 -1.08 10.11 3.81
CA MET A 50 0.04 9.31 4.30
C MET A 50 0.76 8.65 3.12
N ASP A 51 2.07 8.88 3.04
CA ASP A 51 2.96 8.28 2.02
C ASP A 51 3.15 6.77 2.20
N ALA A 52 3.34 6.03 1.11
CA ALA A 52 3.54 4.58 1.14
C ALA A 52 4.75 4.16 1.98
N LYS A 53 5.85 4.94 1.95
CA LYS A 53 7.06 4.73 2.77
C LYS A 53 6.72 4.72 4.26
N GLU A 54 6.03 5.74 4.73
CA GLU A 54 5.59 5.88 6.12
C GLU A 54 4.67 4.74 6.54
N ILE A 55 3.72 4.35 5.67
CA ILE A 55 2.78 3.24 5.91
C ILE A 55 3.53 1.89 6.05
N LEU A 56 4.46 1.59 5.13
CA LEU A 56 5.30 0.38 5.22
C LEU A 56 6.19 0.40 6.47
N THR A 57 6.73 1.56 6.86
CA THR A 57 7.57 1.72 8.06
C THR A 57 6.78 1.36 9.33
N ARG A 58 5.54 1.85 9.47
CA ARG A 58 4.65 1.53 10.59
C ARG A 58 4.18 0.07 10.59
N PHE A 59 3.83 -0.47 9.41
CA PHE A 59 3.41 -1.86 9.23
C PHE A 59 4.53 -2.84 9.60
N LYS A 60 5.77 -2.60 9.14
CA LYS A 60 6.91 -3.49 9.42
C LYS A 60 7.36 -3.42 10.88
N ASP A 61 7.26 -2.25 11.51
CA ASP A 61 7.55 -2.06 12.93
C ASP A 61 6.47 -2.67 13.88
N GLY A 62 5.31 -3.04 13.34
CA GLY A 62 4.16 -3.58 14.10
C GLY A 62 3.27 -2.50 14.73
N GLY A 63 3.44 -1.23 14.38
CA GLY A 63 2.60 -0.10 14.78
C GLY A 63 1.30 0.04 13.95
N LEU A 64 1.17 -0.74 12.87
CA LEU A 64 0.03 -0.74 11.94
C LEU A 64 -0.35 -2.19 11.56
N ASP A 65 -1.65 -2.46 11.44
CA ASP A 65 -2.19 -3.75 10.97
C ASP A 65 -2.23 -3.82 9.44
N ARG A 66 -2.18 -5.04 8.88
CA ARG A 66 -2.19 -5.26 7.41
C ARG A 66 -3.45 -4.69 6.74
N ALA A 67 -4.61 -4.84 7.38
CA ALA A 67 -5.88 -4.32 6.89
C ALA A 67 -5.87 -2.78 6.76
N ALA A 68 -5.26 -2.08 7.72
CA ALA A 68 -5.08 -0.62 7.69
C ALA A 68 -4.01 -0.22 6.66
N ALA A 69 -2.89 -0.95 6.57
CA ALA A 69 -1.86 -0.71 5.58
C ALA A 69 -2.41 -0.78 4.15
N GLN A 70 -3.12 -1.85 3.80
CA GLN A 70 -3.75 -2.03 2.48
C GLN A 70 -4.73 -0.91 2.13
N ALA A 71 -5.56 -0.48 3.08
CA ALA A 71 -6.55 0.58 2.89
C ALA A 71 -5.91 1.95 2.58
N LEU A 72 -4.75 2.23 3.19
CA LEU A 72 -4.03 3.50 3.09
C LEU A 72 -3.06 3.52 1.89
N LEU A 73 -2.49 2.37 1.54
CA LEU A 73 -1.69 2.15 0.32
C LEU A 73 -2.56 2.26 -0.95
N ALA A 74 -3.81 1.79 -0.89
CA ALA A 74 -4.79 1.99 -1.95
C ALA A 74 -5.44 3.39 -1.94
N GLY A 75 -5.32 4.15 -0.85
CA GLY A 75 -5.89 5.50 -0.68
C GLY A 75 -7.39 5.55 -0.37
N ARG A 76 -7.99 4.44 0.08
CA ARG A 76 -9.43 4.30 0.35
C ARG A 76 -9.82 4.51 1.81
N THR A 77 -8.84 4.40 2.72
CA THR A 77 -8.91 4.50 4.20
C THR A 77 -9.74 3.39 4.89
N PRO A 78 -9.33 2.92 6.10
CA PRO A 78 -9.99 1.80 6.78
C PRO A 78 -11.36 2.17 7.36
N ALA A 79 -12.22 1.17 7.56
CA ALA A 79 -13.60 1.31 8.05
C ALA A 79 -14.00 0.17 9.02
N ALA A 80 -15.02 0.42 9.84
CA ALA A 80 -15.56 -0.52 10.84
C ALA A 80 -17.08 -0.37 11.02
N ALA A 81 -17.69 -1.36 11.69
CA ALA A 81 -19.08 -1.33 12.16
C ALA A 81 -19.20 -1.96 13.57
N PRO A 82 -20.13 -1.50 14.43
CA PRO A 82 -20.31 -2.00 15.81
C PRO A 82 -21.14 -3.31 15.90
N ARG A 83 -21.32 -4.00 14.77
CA ARG A 83 -22.14 -5.22 14.62
C ARG A 83 -21.46 -6.47 15.22
N PRO A 84 -22.23 -7.45 15.75
CA PRO A 84 -21.69 -8.69 16.31
C PRO A 84 -21.10 -9.63 15.24
N GLY A 1 -26.03 -11.63 -21.63
CA GLY A 1 -26.32 -11.35 -20.21
C GLY A 1 -25.67 -10.05 -19.72
N PRO A 2 -25.60 -9.81 -18.40
CA PRO A 2 -25.10 -8.56 -17.83
C PRO A 2 -23.60 -8.28 -18.02
N GLY A 3 -22.78 -9.33 -18.26
CA GLY A 3 -21.33 -9.23 -18.41
C GLY A 3 -20.60 -8.95 -17.09
N SER A 4 -19.47 -8.24 -17.16
CA SER A 4 -18.65 -7.84 -15.99
C SER A 4 -18.07 -6.43 -16.18
N TYR A 5 -17.83 -5.73 -15.08
CA TYR A 5 -17.31 -4.35 -15.03
C TYR A 5 -16.42 -4.12 -13.79
N THR A 6 -15.39 -3.29 -13.93
CA THR A 6 -14.44 -2.91 -12.87
C THR A 6 -14.09 -1.41 -12.92
N GLY A 7 -13.79 -0.81 -11.76
CA GLY A 7 -13.40 0.59 -11.64
C GLY A 7 -11.96 0.90 -12.06
N ALA A 8 -11.04 -0.06 -11.86
CA ALA A 8 -9.60 -0.01 -12.18
C ALA A 8 -8.83 1.21 -11.60
N GLY A 9 -7.56 1.36 -12.00
CA GLY A 9 -6.70 2.50 -11.63
C GLY A 9 -6.01 2.42 -10.26
N GLU A 10 -6.20 1.33 -9.51
CA GLU A 10 -5.62 1.08 -8.19
C GLU A 10 -5.20 -0.40 -8.02
N PRO A 11 -4.20 -0.72 -7.18
CA PRO A 11 -3.81 -2.10 -6.89
C PRO A 11 -4.90 -2.83 -6.08
N SER A 12 -5.07 -4.14 -6.31
CA SER A 12 -6.02 -4.98 -5.57
C SER A 12 -5.52 -5.31 -4.16
N GLN A 13 -6.43 -5.76 -3.29
CA GLN A 13 -6.05 -6.35 -1.99
C GLN A 13 -5.14 -7.57 -2.17
N ALA A 14 -5.17 -8.25 -3.32
CA ALA A 14 -4.31 -9.40 -3.62
C ALA A 14 -2.90 -8.97 -4.07
N ASP A 15 -2.79 -7.90 -4.87
CA ASP A 15 -1.51 -7.26 -5.23
C ASP A 15 -0.78 -6.75 -3.98
N LEU A 16 -1.53 -6.14 -3.06
CA LEU A 16 -1.03 -5.59 -1.81
C LEU A 16 -0.65 -6.69 -0.82
N ASP A 17 -1.48 -7.70 -0.59
CA ASP A 17 -1.19 -8.79 0.36
C ASP A 17 0.08 -9.56 -0.01
N ALA A 18 0.32 -9.79 -1.31
CA ALA A 18 1.53 -10.44 -1.82
C ALA A 18 2.80 -9.61 -1.56
N LEU A 19 2.71 -8.29 -1.76
CA LEU A 19 3.79 -7.34 -1.49
C LEU A 19 4.10 -7.25 0.01
N LEU A 20 3.05 -7.09 0.82
CA LEU A 20 3.14 -6.88 2.27
C LEU A 20 3.66 -8.12 2.99
N SER A 21 3.24 -9.33 2.59
CA SER A 21 3.71 -10.59 3.20
C SER A 21 5.22 -10.80 3.02
N ALA A 22 5.80 -10.29 1.92
CA ALA A 22 7.24 -10.37 1.68
C ALA A 22 8.06 -9.39 2.55
N VAL A 23 7.53 -8.20 2.85
CA VAL A 23 8.22 -7.25 3.76
C VAL A 23 7.99 -7.59 5.23
N ARG A 24 6.83 -8.16 5.58
CA ARG A 24 6.52 -8.68 6.92
C ARG A 24 7.42 -9.86 7.32
N ASP A 25 7.81 -10.70 6.36
CA ASP A 25 8.75 -11.82 6.54
C ASP A 25 10.22 -11.43 6.27
N ASN A 26 10.52 -10.12 6.21
CA ASN A 26 11.86 -9.54 6.03
C ASN A 26 12.58 -9.92 4.71
N ARG A 27 11.83 -10.36 3.70
CA ARG A 27 12.35 -10.68 2.35
C ARG A 27 12.46 -9.44 1.44
N LEU A 28 11.61 -8.43 1.68
CA LEU A 28 11.46 -7.22 0.85
C LEU A 28 11.71 -5.97 1.73
N SER A 29 12.37 -4.94 1.20
CA SER A 29 12.69 -3.69 1.92
C SER A 29 11.60 -2.63 1.80
N ILE A 30 11.55 -1.66 2.71
CA ILE A 30 10.60 -0.52 2.70
C ILE A 30 10.63 0.20 1.35
N GLU A 31 11.82 0.63 0.90
CA GLU A 31 11.98 1.42 -0.32
C GLU A 31 11.70 0.59 -1.59
N GLN A 32 11.96 -0.71 -1.55
CA GLN A 32 11.66 -1.64 -2.63
C GLN A 32 10.15 -1.92 -2.71
N ALA A 33 9.45 -2.03 -1.58
CA ALA A 33 8.00 -2.17 -1.58
C ALA A 33 7.29 -0.92 -2.11
N VAL A 34 7.85 0.28 -1.88
CA VAL A 34 7.35 1.54 -2.44
C VAL A 34 7.61 1.62 -3.95
N THR A 35 8.79 1.19 -4.42
CA THR A 35 9.11 1.24 -5.86
C THR A 35 8.32 0.23 -6.71
N LEU A 36 7.88 -0.89 -6.10
CA LEU A 36 7.04 -1.91 -6.74
C LEU A 36 5.53 -1.61 -6.63
N LEU A 37 5.11 -0.67 -5.78
CA LEU A 37 3.70 -0.29 -5.59
C LEU A 37 3.13 0.54 -6.75
N THR A 38 3.97 1.40 -7.38
CA THR A 38 3.57 2.51 -8.25
C THR A 38 2.50 2.14 -9.30
N PRO A 39 1.28 2.72 -9.23
CA PRO A 39 0.20 2.42 -10.19
C PRO A 39 0.53 2.80 -11.64
N ARG A 40 -0.06 2.07 -12.59
CA ARG A 40 0.14 2.24 -14.06
C ARG A 40 -0.82 3.25 -14.72
N ARG A 41 -1.69 3.87 -13.91
CA ARG A 41 -2.73 4.84 -14.30
C ARG A 41 -2.59 6.16 -13.51
N GLY A 42 -2.94 7.28 -14.14
CA GLY A 42 -2.87 8.62 -13.52
C GLY A 42 -3.80 8.86 -12.32
N GLY A 43 -4.80 7.97 -12.10
CA GLY A 43 -5.69 7.98 -10.94
C GLY A 43 -5.10 7.44 -9.62
N GLY A 44 -3.82 7.00 -9.62
CA GLY A 44 -3.14 6.50 -8.42
C GLY A 44 -3.05 7.51 -7.27
N SER A 45 -3.01 7.02 -6.03
CA SER A 45 -3.05 7.83 -4.80
C SER A 45 -1.72 8.57 -4.54
N GLY A 46 -1.82 9.76 -3.94
CA GLY A 46 -0.68 10.59 -3.54
C GLY A 46 -1.08 11.95 -2.94
N GLY A 47 -0.19 12.58 -2.18
CA GLY A 47 -0.41 13.87 -1.52
C GLY A 47 0.61 14.18 -0.42
N GLY A 48 0.31 15.20 0.39
CA GLY A 48 1.12 15.62 1.55
C GLY A 48 1.01 14.71 2.79
N SER A 49 0.14 13.69 2.75
CA SER A 49 -0.08 12.68 3.79
C SER A 49 -0.39 11.31 3.15
N MET A 50 -0.43 10.24 3.97
CA MET A 50 -0.62 8.84 3.56
C MET A 50 0.41 8.36 2.49
N ASP A 51 1.68 8.74 2.68
CA ASP A 51 2.79 8.28 1.83
C ASP A 51 3.11 6.80 2.10
N ALA A 52 3.44 6.07 1.04
CA ALA A 52 3.65 4.62 1.07
C ALA A 52 4.86 4.23 1.95
N LYS A 53 5.93 5.03 1.95
CA LYS A 53 7.12 4.82 2.79
C LYS A 53 6.76 4.78 4.27
N GLU A 54 6.03 5.80 4.74
CA GLU A 54 5.55 5.94 6.12
C GLU A 54 4.61 4.77 6.49
N ILE A 55 3.71 4.37 5.59
CA ILE A 55 2.79 3.23 5.79
C ILE A 55 3.56 1.91 5.95
N LEU A 56 4.51 1.62 5.06
CA LEU A 56 5.36 0.42 5.16
C LEU A 56 6.23 0.45 6.42
N THR A 57 6.73 1.62 6.84
CA THR A 57 7.55 1.78 8.05
C THR A 57 6.75 1.41 9.31
N ARG A 58 5.51 1.90 9.43
CA ARG A 58 4.59 1.56 10.53
C ARG A 58 4.16 0.09 10.51
N PHE A 59 3.88 -0.46 9.33
CA PHE A 59 3.53 -1.87 9.15
C PHE A 59 4.67 -2.80 9.54
N LYS A 60 5.91 -2.51 9.11
CA LYS A 60 7.08 -3.36 9.41
C LYS A 60 7.51 -3.28 10.88
N ASP A 61 7.38 -2.10 11.49
CA ASP A 61 7.58 -1.90 12.94
C ASP A 61 6.48 -2.56 13.81
N GLY A 62 5.34 -2.96 13.21
CA GLY A 62 4.20 -3.56 13.91
C GLY A 62 3.25 -2.56 14.58
N GLY A 63 3.40 -1.26 14.28
CA GLY A 63 2.48 -0.19 14.70
C GLY A 63 1.21 -0.07 13.82
N LEU A 64 1.12 -0.87 12.75
CA LEU A 64 -0.01 -0.90 11.81
C LEU A 64 -0.35 -2.37 11.45
N ASP A 65 -1.64 -2.70 11.33
CA ASP A 65 -2.11 -4.02 10.87
C ASP A 65 -2.07 -4.14 9.33
N ARG A 66 -2.02 -5.37 8.79
CA ARG A 66 -1.94 -5.60 7.33
C ARG A 66 -3.19 -5.14 6.58
N ALA A 67 -4.37 -5.28 7.21
CA ALA A 67 -5.63 -4.75 6.69
C ALA A 67 -5.63 -3.20 6.60
N ALA A 68 -5.05 -2.53 7.59
CA ALA A 68 -4.88 -1.08 7.59
C ALA A 68 -3.83 -0.63 6.58
N ALA A 69 -2.72 -1.37 6.45
CA ALA A 69 -1.71 -1.09 5.42
C ALA A 69 -2.31 -1.19 4.00
N GLN A 70 -3.12 -2.23 3.72
CA GLN A 70 -3.84 -2.36 2.44
C GLN A 70 -4.77 -1.16 2.18
N ALA A 71 -5.57 -0.75 3.18
CA ALA A 71 -6.48 0.40 3.08
C ALA A 71 -5.73 1.70 2.73
N LEU A 72 -4.70 2.03 3.53
CA LEU A 72 -3.93 3.27 3.41
C LEU A 72 -3.10 3.33 2.12
N LEU A 73 -2.52 2.21 1.67
CA LEU A 73 -1.80 2.13 0.39
C LEU A 73 -2.73 2.29 -0.83
N ALA A 74 -3.96 1.80 -0.75
CA ALA A 74 -5.01 2.01 -1.76
C ALA A 74 -5.64 3.42 -1.71
N GLY A 75 -5.23 4.29 -0.78
CA GLY A 75 -5.79 5.65 -0.59
C GLY A 75 -7.16 5.68 0.10
N ARG A 76 -7.55 4.59 0.75
CA ARG A 76 -8.82 4.39 1.48
C ARG A 76 -8.59 4.43 3.00
N THR A 77 -9.65 4.28 3.78
CA THR A 77 -9.61 4.06 5.25
C THR A 77 -10.20 2.70 5.65
N PRO A 78 -9.81 2.11 6.79
CA PRO A 78 -10.32 0.82 7.26
C PRO A 78 -11.85 0.79 7.46
N ALA A 79 -12.48 -0.33 7.11
CA ALA A 79 -13.92 -0.54 7.20
C ALA A 79 -14.37 -1.18 8.54
N ALA A 80 -15.64 -0.96 8.91
CA ALA A 80 -16.30 -1.54 10.07
C ALA A 80 -17.80 -1.74 9.83
N ALA A 81 -18.41 -2.71 10.53
CA ALA A 81 -19.84 -2.96 10.50
C ALA A 81 -20.60 -2.07 11.51
N PRO A 82 -21.69 -1.37 11.12
CA PRO A 82 -22.46 -0.48 12.00
C PRO A 82 -23.52 -1.20 12.87
N ARG A 83 -23.48 -2.53 12.89
CA ARG A 83 -24.43 -3.44 13.58
C ARG A 83 -23.71 -4.70 14.10
N PRO A 84 -24.08 -5.26 15.27
CA PRO A 84 -23.50 -6.51 15.81
C PRO A 84 -23.64 -7.72 14.86
N GLY A 1 -9.29 -11.49 -25.90
CA GLY A 1 -9.46 -10.24 -26.68
C GLY A 1 -8.21 -9.91 -27.50
N PRO A 2 -7.80 -8.63 -27.58
CA PRO A 2 -6.59 -8.20 -28.29
C PRO A 2 -5.28 -8.79 -27.73
N GLY A 3 -4.19 -8.69 -28.51
CA GLY A 3 -2.85 -9.15 -28.12
C GLY A 3 -2.13 -8.29 -27.06
N SER A 4 -2.74 -7.18 -26.62
CA SER A 4 -2.23 -6.25 -25.60
C SER A 4 -3.31 -5.83 -24.59
N TYR A 5 -2.89 -5.35 -23.41
CA TYR A 5 -3.76 -4.95 -22.30
C TYR A 5 -3.19 -3.74 -21.52
N THR A 6 -4.05 -3.03 -20.79
CA THR A 6 -3.72 -1.78 -20.06
C THR A 6 -2.97 -2.03 -18.74
N GLY A 7 -1.98 -1.18 -18.45
CA GLY A 7 -1.25 -1.16 -17.15
C GLY A 7 -1.81 -0.14 -16.15
N ALA A 8 -1.04 0.11 -15.08
CA ALA A 8 -1.34 1.07 -14.00
C ALA A 8 -2.72 0.89 -13.32
N GLY A 9 -3.30 1.97 -12.78
CA GLY A 9 -4.58 1.98 -12.06
C GLY A 9 -4.43 1.90 -10.54
N GLU A 10 -5.51 1.48 -9.86
CA GLU A 10 -5.58 1.36 -8.39
C GLU A 10 -5.05 -0.02 -7.90
N PRO A 11 -4.42 -0.10 -6.70
CA PRO A 11 -3.94 -1.36 -6.14
C PRO A 11 -5.05 -2.40 -5.85
N SER A 12 -4.70 -3.68 -5.96
CA SER A 12 -5.52 -4.83 -5.54
C SER A 12 -5.08 -5.34 -4.16
N GLN A 13 -6.04 -5.66 -3.29
CA GLN A 13 -5.76 -6.25 -1.98
C GLN A 13 -4.99 -7.58 -2.07
N ALA A 14 -5.15 -8.33 -3.18
CA ALA A 14 -4.44 -9.59 -3.41
C ALA A 14 -2.96 -9.38 -3.82
N ASP A 15 -2.67 -8.31 -4.56
CA ASP A 15 -1.31 -7.90 -4.93
C ASP A 15 -0.55 -7.25 -3.76
N LEU A 16 -1.29 -6.50 -2.95
CA LEU A 16 -0.80 -5.90 -1.70
C LEU A 16 -0.46 -6.99 -0.67
N ASP A 17 -1.35 -7.95 -0.41
CA ASP A 17 -1.15 -9.03 0.56
C ASP A 17 0.13 -9.85 0.29
N ALA A 18 0.43 -10.11 -0.99
CA ALA A 18 1.64 -10.81 -1.41
C ALA A 18 2.92 -10.00 -1.11
N LEU A 19 2.93 -8.71 -1.42
CA LEU A 19 4.06 -7.79 -1.20
C LEU A 19 4.26 -7.44 0.29
N LEU A 20 3.18 -7.40 1.07
CA LEU A 20 3.18 -7.18 2.52
C LEU A 20 3.69 -8.42 3.29
N SER A 21 3.35 -9.64 2.86
CA SER A 21 3.98 -10.86 3.40
C SER A 21 5.47 -10.95 3.06
N ALA A 22 5.88 -10.48 1.88
CA ALA A 22 7.29 -10.45 1.48
C ALA A 22 8.12 -9.43 2.29
N VAL A 23 7.60 -8.23 2.59
CA VAL A 23 8.37 -7.20 3.32
C VAL A 23 8.50 -7.50 4.82
N ARG A 24 7.49 -8.16 5.43
CA ARG A 24 7.49 -8.53 6.87
C ARG A 24 8.54 -9.59 7.24
N ASP A 25 8.88 -10.49 6.31
CA ASP A 25 9.99 -11.46 6.44
C ASP A 25 11.29 -10.98 5.75
N ASN A 26 11.32 -9.71 5.33
CA ASN A 26 12.39 -9.02 4.61
C ASN A 26 12.87 -9.75 3.33
N ARG A 27 11.95 -10.39 2.62
CA ARG A 27 12.11 -10.81 1.22
C ARG A 27 11.92 -9.60 0.28
N LEU A 28 11.14 -8.61 0.72
CA LEU A 28 11.07 -7.26 0.17
C LEU A 28 11.62 -6.25 1.21
N SER A 29 11.96 -5.03 0.79
CA SER A 29 12.42 -3.93 1.66
C SER A 29 11.51 -2.71 1.54
N ILE A 30 11.52 -1.81 2.55
CA ILE A 30 10.61 -0.65 2.64
C ILE A 30 10.68 0.21 1.38
N GLU A 31 11.88 0.54 0.90
CA GLU A 31 12.06 1.40 -0.28
C GLU A 31 11.76 0.67 -1.60
N GLN A 32 11.97 -0.66 -1.65
CA GLN A 32 11.62 -1.49 -2.81
C GLN A 32 10.10 -1.69 -2.90
N ALA A 33 9.39 -1.73 -1.77
CA ALA A 33 7.94 -1.82 -1.74
C ALA A 33 7.28 -0.53 -2.28
N VAL A 34 7.84 0.64 -1.97
CA VAL A 34 7.31 1.94 -2.42
C VAL A 34 7.51 2.12 -3.91
N THR A 35 8.66 1.68 -4.47
CA THR A 35 8.92 1.84 -5.91
C THR A 35 8.07 0.91 -6.79
N LEU A 36 7.65 -0.26 -6.27
CA LEU A 36 6.70 -1.17 -6.93
C LEU A 36 5.24 -0.76 -6.74
N LEU A 37 4.90 -0.15 -5.58
CA LEU A 37 3.57 0.36 -5.25
C LEU A 37 3.24 1.65 -6.05
N THR A 38 4.22 2.53 -6.23
CA THR A 38 4.12 3.91 -6.73
C THR A 38 3.23 4.80 -5.84
N PRO A 39 3.79 5.66 -4.97
CA PRO A 39 3.04 6.35 -3.93
C PRO A 39 1.94 7.29 -4.47
N ARG A 40 0.79 7.30 -3.78
CA ARG A 40 -0.43 8.05 -4.14
C ARG A 40 -0.79 9.08 -3.07
N ARG A 41 -1.42 10.18 -3.48
CA ARG A 41 -1.87 11.28 -2.59
C ARG A 41 -3.09 10.90 -1.74
N GLY A 42 -3.09 11.33 -0.48
CA GLY A 42 -4.26 11.27 0.42
C GLY A 42 -5.26 12.42 0.23
N GLY A 43 -4.86 13.49 -0.47
CA GLY A 43 -5.68 14.66 -0.77
C GLY A 43 -4.98 15.71 -1.64
N GLY A 44 -5.75 16.71 -2.09
CA GLY A 44 -5.31 17.79 -2.99
C GLY A 44 -4.50 18.93 -2.34
N SER A 45 -4.11 18.79 -1.06
CA SER A 45 -3.29 19.74 -0.30
C SER A 45 -2.32 19.03 0.66
N GLY A 46 -1.25 19.72 1.06
CA GLY A 46 -0.20 19.20 1.94
C GLY A 46 0.67 18.10 1.31
N GLY A 47 1.43 17.39 2.15
CA GLY A 47 2.30 16.27 1.76
C GLY A 47 3.14 15.74 2.93
N GLY A 48 3.91 14.67 2.68
CA GLY A 48 4.88 14.10 3.63
C GLY A 48 4.29 13.29 4.81
N SER A 49 2.98 13.06 4.81
CA SER A 49 2.25 12.29 5.85
C SER A 49 1.30 11.27 5.21
N MET A 50 1.25 10.06 5.78
CA MET A 50 0.54 8.89 5.22
C MET A 50 0.95 8.58 3.77
N ASP A 51 2.23 8.76 3.47
CA ASP A 51 2.88 8.27 2.26
C ASP A 51 3.14 6.75 2.36
N ALA A 52 3.30 6.06 1.23
CA ALA A 52 3.62 4.63 1.21
C ALA A 52 4.88 4.29 2.03
N LYS A 53 5.88 5.17 2.08
CA LYS A 53 7.07 5.03 2.94
C LYS A 53 6.70 4.93 4.42
N GLU A 54 5.89 5.86 4.93
CA GLU A 54 5.43 5.84 6.33
C GLU A 54 4.55 4.61 6.60
N ILE A 55 3.66 4.27 5.67
CA ILE A 55 2.75 3.13 5.78
C ILE A 55 3.51 1.80 5.88
N LEU A 56 4.51 1.56 5.02
CA LEU A 56 5.37 0.37 5.12
C LEU A 56 6.21 0.38 6.39
N THR A 57 6.76 1.54 6.80
CA THR A 57 7.59 1.67 8.00
C THR A 57 6.80 1.29 9.25
N ARG A 58 5.57 1.81 9.40
CA ARG A 58 4.67 1.49 10.52
C ARG A 58 4.16 0.05 10.46
N PHE A 59 3.84 -0.49 9.27
CA PHE A 59 3.43 -1.88 9.09
C PHE A 59 4.53 -2.86 9.52
N LYS A 60 5.79 -2.61 9.14
CA LYS A 60 6.91 -3.49 9.51
C LYS A 60 7.31 -3.37 10.99
N ASP A 61 7.18 -2.16 11.56
CA ASP A 61 7.44 -1.88 12.99
C ASP A 61 6.34 -2.42 13.94
N GLY A 62 5.12 -2.62 13.43
CA GLY A 62 3.94 -3.01 14.23
C GLY A 62 3.10 -1.83 14.76
N GLY A 63 3.37 -0.61 14.30
CA GLY A 63 2.53 0.57 14.52
C GLY A 63 1.28 0.61 13.63
N LEU A 64 1.16 -0.30 12.65
CA LEU A 64 0.04 -0.42 11.71
C LEU A 64 -0.32 -1.90 11.45
N ASP A 65 -1.61 -2.21 11.38
CA ASP A 65 -2.13 -3.55 11.02
C ASP A 65 -2.20 -3.76 9.50
N ARG A 66 -2.21 -5.01 9.04
CA ARG A 66 -2.26 -5.36 7.61
C ARG A 66 -3.49 -4.79 6.89
N ALA A 67 -4.66 -4.83 7.54
CA ALA A 67 -5.91 -4.29 7.01
C ALA A 67 -5.83 -2.76 6.77
N ALA A 68 -5.22 -2.03 7.71
CA ALA A 68 -4.97 -0.59 7.56
C ALA A 68 -3.87 -0.30 6.52
N ALA A 69 -2.80 -1.10 6.47
CA ALA A 69 -1.74 -0.97 5.47
C ALA A 69 -2.28 -1.12 4.03
N GLN A 70 -3.10 -2.15 3.78
CA GLN A 70 -3.74 -2.35 2.47
C GLN A 70 -4.66 -1.17 2.11
N ALA A 71 -5.49 -0.71 3.05
CA ALA A 71 -6.42 0.40 2.83
C ALA A 71 -5.70 1.71 2.46
N LEU A 72 -4.69 2.08 3.25
CA LEU A 72 -3.94 3.33 3.11
C LEU A 72 -3.03 3.34 1.86
N LEU A 73 -2.43 2.19 1.50
CA LEU A 73 -1.74 2.03 0.21
C LEU A 73 -2.67 2.10 -1.00
N ALA A 74 -3.91 1.58 -0.87
CA ALA A 74 -4.97 1.68 -1.88
C ALA A 74 -5.68 3.05 -1.91
N GLY A 75 -5.33 3.99 -1.02
CA GLY A 75 -5.87 5.36 -0.98
C GLY A 75 -7.27 5.50 -0.37
N ARG A 76 -7.73 4.52 0.43
CA ARG A 76 -9.03 4.51 1.14
C ARG A 76 -8.85 4.59 2.66
N THR A 77 -9.95 4.84 3.39
CA THR A 77 -10.00 4.77 4.86
C THR A 77 -9.83 3.32 5.38
N PRO A 78 -9.27 3.12 6.59
CA PRO A 78 -9.06 1.80 7.17
C PRO A 78 -10.36 1.14 7.66
N ALA A 79 -10.26 -0.14 8.06
CA ALA A 79 -11.36 -1.04 8.48
C ALA A 79 -12.41 -1.35 7.38
N ALA A 80 -13.43 -2.13 7.72
CA ALA A 80 -14.43 -2.68 6.80
C ALA A 80 -15.36 -1.61 6.16
N ALA A 81 -15.93 -1.94 5.01
CA ALA A 81 -16.80 -1.08 4.18
C ALA A 81 -16.26 0.36 3.98
N PRO A 82 -15.07 0.55 3.38
CA PRO A 82 -14.43 1.86 3.19
C PRO A 82 -15.00 2.63 1.99
N ARG A 83 -16.30 2.96 2.06
CA ARG A 83 -17.09 3.63 1.01
C ARG A 83 -18.19 4.55 1.60
N PRO A 84 -18.75 5.51 0.84
CA PRO A 84 -19.85 6.38 1.27
C PRO A 84 -21.12 5.63 1.72
#